data_2G4O
#
_entry.id   2G4O
#
_cell.length_a   78.570
_cell.length_b   98.580
_cell.length_c   184.030
_cell.angle_alpha   90.00
_cell.angle_beta   90.00
_cell.angle_gamma   90.00
#
_symmetry.space_group_name_H-M   'P 21 21 21'
#
loop_
_entity.id
_entity.type
_entity.pdbx_description
1 polymer '3-isopropylmalate dehydrogenase'
2 non-polymer 'SULFATE ION'
3 non-polymer 'CHLORIDE ION'
4 water water
#
_entity_poly.entity_id   1
_entity_poly.type   'polypeptide(L)'
_entity_poly.pdbx_seq_one_letter_code
;MSKLAIIAGDGIGPEVTAEAVKVLDAVVPGVQKTSYDLGARRFHATGEVLPDSVVAELRNHDAILLGAIGDPSVPSGVLE
RGLLLRLRFELDHHINLRPARLYPGVASPLSGNPGIDFVVVREGTEGPYTGNGGAIRVGTPNEVATEVSVNTAFGVRRVV
ADAFERARRRRKHLTLVHKTNVLTFAGGLWLRTVDEVGECYPDVEVAYQHVDAATIHMITDPGRFDVIVTDNLFGDIITD
LAAAVCGGIGLAASGNIDATRANPSMFEPVHGSAPDIAGQGIADPTAAIMSVALLLSHLGEHDAAARVDRAVEAHLATRG
SERLATSDVGERIAAAL
;
_entity_poly.pdbx_strand_id   A,B,C,D
#
# COMPACT_ATOMS: atom_id res chain seq x y z
N MET A 1 16.46 24.96 25.73
CA MET A 1 17.07 25.50 24.47
C MET A 1 17.95 26.71 24.80
N SER A 2 17.74 27.86 24.15
CA SER A 2 18.54 29.09 24.36
C SER A 2 19.42 29.47 23.13
N LYS A 3 20.34 28.59 22.73
CA LYS A 3 21.26 28.83 21.62
C LYS A 3 21.28 27.63 20.63
N LEU A 4 20.95 27.90 19.37
CA LEU A 4 20.94 26.85 18.35
C LEU A 4 21.88 27.32 17.26
N ALA A 5 22.81 26.44 16.93
CA ALA A 5 23.61 26.57 15.74
C ALA A 5 22.85 25.92 14.58
N ILE A 6 22.83 26.61 13.45
CA ILE A 6 22.17 26.12 12.28
C ILE A 6 23.17 26.01 11.13
N ILE A 7 23.19 24.82 10.53
CA ILE A 7 24.01 24.51 9.40
C ILE A 7 23.05 24.08 8.29
N ALA A 8 22.50 25.09 7.60
CA ALA A 8 21.47 24.89 6.61
C ALA A 8 22.05 24.02 5.49
N GLY A 9 23.25 24.34 5.04
CA GLY A 9 23.97 23.42 4.16
C GLY A 9 23.63 23.63 2.70
N ASP A 10 23.65 22.55 1.93
CA ASP A 10 23.60 22.59 0.46
C ASP A 10 22.21 22.25 -0.12
N GLY A 11 21.98 22.67 -1.37
CA GLY A 11 20.83 22.25 -2.21
C GLY A 11 19.51 22.55 -1.53
N ILE A 12 18.77 21.51 -1.08
CA ILE A 12 17.44 21.77 -0.49
C ILE A 12 17.57 22.16 1.03
N GLY A 13 18.79 22.02 1.58
CA GLY A 13 19.03 22.23 3.00
C GLY A 13 18.44 23.54 3.51
N PRO A 14 18.80 24.65 2.87
CA PRO A 14 18.25 25.96 3.28
C PRO A 14 16.72 26.03 3.38
N GLU A 15 16.02 25.68 2.30
CA GLU A 15 14.57 25.78 2.26
C GLU A 15 13.86 24.83 3.24
N VAL A 16 14.34 23.61 3.49
CA VAL A 16 13.72 22.80 4.56
C VAL A 16 14.11 23.29 5.94
N THR A 17 15.37 23.69 6.15
CA THR A 17 15.77 24.19 7.47
C THR A 17 14.99 25.46 7.85
N ALA A 18 14.72 26.30 6.86
CA ALA A 18 13.95 27.54 7.13
C ALA A 18 12.57 27.18 7.70
N GLU A 19 11.94 26.17 7.10
CA GLU A 19 10.65 25.71 7.63
C GLU A 19 10.79 25.04 8.98
N ALA A 20 11.88 24.25 9.19
CA ALA A 20 12.12 23.71 10.55
C ALA A 20 12.24 24.81 11.62
N VAL A 21 13.00 25.85 11.30
CA VAL A 21 13.28 26.95 12.23
C VAL A 21 12.00 27.68 12.59
N LYS A 22 11.16 27.86 11.59
CA LYS A 22 9.84 28.42 11.79
C LYS A 22 9.01 27.66 12.79
N VAL A 23 8.99 26.33 12.69
CA VAL A 23 8.22 25.54 13.61
C VAL A 23 8.84 25.63 15.03
N LEU A 24 10.17 25.59 15.10
CA LEU A 24 10.89 25.73 16.37
C LEU A 24 10.51 27.06 17.02
N ASP A 25 10.57 28.12 16.21
CA ASP A 25 10.30 29.47 16.66
C ASP A 25 8.89 29.58 17.23
N ALA A 26 7.96 28.79 16.69
CA ALA A 26 6.58 28.85 17.15
C ALA A 26 6.42 28.15 18.50
N VAL A 27 7.09 27.01 18.69
CA VAL A 27 6.93 26.26 19.96
C VAL A 27 7.94 26.70 21.05
N VAL A 28 9.01 27.40 20.68
CA VAL A 28 9.95 27.93 21.68
C VAL A 28 10.50 29.29 21.23
N PRO A 29 9.71 30.35 21.44
CA PRO A 29 10.22 31.65 20.99
C PRO A 29 11.52 32.11 21.68
N GLY A 30 12.24 33.03 20.99
CA GLY A 30 13.40 33.73 21.57
C GLY A 30 14.61 32.84 21.79
N VAL A 31 14.79 31.86 20.90
CA VAL A 31 16.02 31.06 20.85
C VAL A 31 17.01 31.79 19.95
N GLN A 32 18.24 31.90 20.42
CA GLN A 32 19.31 32.50 19.63
C GLN A 32 19.76 31.52 18.56
N LYS A 33 19.60 31.92 17.31
CA LYS A 33 19.97 31.10 16.17
C LYS A 33 21.24 31.67 15.55
N THR A 34 22.23 30.80 15.31
CA THR A 34 23.48 31.23 14.74
C THR A 34 23.79 30.34 13.54
N SER A 35 24.04 30.96 12.40
CA SER A 35 24.12 30.22 11.15
C SER A 35 25.56 30.11 10.67
N TYR A 36 25.93 28.88 10.33
CA TYR A 36 27.27 28.49 9.92
C TYR A 36 27.27 27.98 8.51
N ASP A 37 28.33 28.37 7.80
CA ASP A 37 28.47 28.12 6.39
C ASP A 37 29.36 26.94 6.21
N LEU A 38 28.77 25.76 6.03
CA LEU A 38 29.56 24.56 5.90
C LEU A 38 29.06 23.74 4.73
N GLY A 39 29.96 22.99 4.12
CA GLY A 39 29.67 22.16 2.95
C GLY A 39 30.18 22.78 1.66
N ALA A 40 29.60 22.36 0.52
CA ALA A 40 30.05 22.78 -0.84
C ALA A 40 30.41 24.26 -0.95
N ARG A 41 29.57 25.10 -0.36
CA ARG A 41 29.67 26.58 -0.46
C ARG A 41 30.91 27.12 0.22
N ARG A 42 31.14 26.57 1.41
CA ARG A 42 32.27 26.89 2.22
C ARG A 42 33.53 26.31 1.59
N PHE A 43 33.43 25.07 1.11
CA PHE A 43 34.49 24.39 0.41
C PHE A 43 35.00 25.12 -0.83
N HIS A 44 34.11 25.80 -1.54
CA HIS A 44 34.49 26.50 -2.75
C HIS A 44 35.04 27.85 -2.35
N ALA A 45 34.24 28.55 -1.53
CA ALA A 45 34.59 29.91 -1.11
C ALA A 45 35.94 30.02 -0.35
N THR A 46 36.31 28.97 0.41
CA THR A 46 37.51 29.04 1.27
C THR A 46 38.49 27.87 1.20
N GLY A 47 38.12 26.78 0.54
CA GLY A 47 38.89 25.53 0.58
C GLY A 47 38.70 24.70 1.86
N GLU A 48 37.84 25.17 2.76
CA GLU A 48 37.67 24.53 4.09
C GLU A 48 36.51 23.54 4.14
N VAL A 49 36.75 22.34 4.69
CA VAL A 49 35.70 21.33 4.90
C VAL A 49 35.19 21.39 6.35
N LEU A 50 36.05 21.16 7.34
CA LEU A 50 35.71 21.41 8.75
C LEU A 50 36.90 21.95 9.59
N PRO A 51 37.10 23.28 9.60
CA PRO A 51 38.12 23.86 10.47
C PRO A 51 37.86 23.59 11.94
N ASP A 52 38.94 23.45 12.71
CA ASP A 52 38.84 23.23 14.15
C ASP A 52 38.23 24.43 14.83
N SER A 53 38.52 25.62 14.32
CA SER A 53 37.91 26.83 14.85
C SER A 53 36.38 26.82 14.73
N VAL A 54 35.83 26.21 13.68
CA VAL A 54 34.38 26.17 13.53
C VAL A 54 33.77 25.19 14.56
N VAL A 55 34.44 24.05 14.71
CA VAL A 55 34.06 23.07 15.73
C VAL A 55 33.96 23.68 17.15
N ALA A 56 34.90 24.54 17.49
CA ALA A 56 34.92 25.28 18.77
C ALA A 56 33.75 26.28 18.89
N GLU A 57 33.43 26.94 17.79
CA GLU A 57 32.27 27.79 17.76
C GLU A 57 31.00 26.99 18.04
N LEU A 58 30.94 25.83 17.40
CA LEU A 58 29.79 24.96 17.52
C LEU A 58 29.56 24.55 18.96
N ARG A 59 30.64 24.35 19.71
CA ARG A 59 30.51 24.00 21.14
C ARG A 59 29.78 25.02 22.01
N ASN A 60 29.77 26.29 21.62
CA ASN A 60 29.06 27.32 22.41
C ASN A 60 27.53 27.28 22.35
N HIS A 61 26.96 26.37 21.56
CA HIS A 61 25.51 26.28 21.39
C HIS A 61 24.92 25.07 22.12
N ASP A 62 23.62 25.10 22.37
CA ASP A 62 22.95 24.03 23.09
C ASP A 62 22.77 22.78 22.23
N ALA A 63 22.55 22.99 20.94
CA ALA A 63 22.36 21.93 19.93
C ALA A 63 22.59 22.50 18.55
N ILE A 64 22.67 21.62 17.58
CA ILE A 64 22.85 21.95 16.19
C ILE A 64 21.70 21.32 15.38
N LEU A 65 21.14 22.13 14.51
CA LEU A 65 20.20 21.68 13.51
C LEU A 65 20.87 21.74 12.18
N LEU A 66 20.93 20.59 11.48
CA LEU A 66 21.53 20.56 10.15
C LEU A 66 20.52 20.22 9.04
N GLY A 67 20.67 20.86 7.87
CA GLY A 67 19.86 20.62 6.71
C GLY A 67 20.34 19.38 5.92
N ALA A 68 21.19 19.63 4.89
CA ALA A 68 21.82 18.60 4.05
C ALA A 68 23.17 19.08 3.57
N ILE A 69 24.05 18.11 3.28
CA ILE A 69 25.40 18.40 2.75
C ILE A 69 25.62 17.68 1.43
N GLY A 70 26.09 18.44 0.44
CA GLY A 70 26.65 17.84 -0.75
C GLY A 70 26.23 18.52 -2.01
N ASP A 71 27.10 18.43 -3.01
CA ASP A 71 26.87 18.96 -4.34
C ASP A 71 27.71 18.11 -5.32
N PRO A 72 27.18 17.85 -6.53
CA PRO A 72 27.98 17.14 -7.55
C PRO A 72 29.27 17.86 -7.95
N SER A 73 29.35 19.16 -7.67
CA SER A 73 30.57 19.96 -7.91
C SER A 73 31.73 19.61 -6.96
N VAL A 74 31.43 18.91 -5.86
CA VAL A 74 32.44 18.52 -4.87
C VAL A 74 32.58 16.97 -4.80
N PRO A 75 33.80 16.46 -5.01
CA PRO A 75 34.15 15.05 -5.13
C PRO A 75 33.63 14.05 -4.07
N SER A 76 33.46 12.81 -4.55
CA SER A 76 32.59 11.82 -3.94
C SER A 76 33.31 11.11 -2.81
N GLY A 77 32.89 11.40 -1.55
CA GLY A 77 33.57 10.99 -0.31
C GLY A 77 34.15 12.11 0.58
N VAL A 78 34.42 13.26 -0.01
CA VAL A 78 35.18 14.35 0.63
C VAL A 78 34.48 15.08 1.79
N LEU A 79 33.26 15.55 1.54
CA LEU A 79 32.49 16.26 2.56
C LEU A 79 31.94 15.28 3.60
N GLU A 80 31.66 14.09 3.10
CA GLU A 80 31.11 12.99 3.82
C GLU A 80 32.10 12.44 4.88
N ARG A 81 33.33 12.15 4.46
CA ARG A 81 34.43 11.84 5.38
C ARG A 81 34.88 13.08 6.15
N GLY A 82 35.16 14.17 5.47
CA GLY A 82 35.82 15.34 6.07
C GLY A 82 34.97 16.34 6.80
N LEU A 83 33.65 16.28 6.57
CA LEU A 83 32.73 17.12 7.34
C LEU A 83 31.71 16.34 8.17
N LEU A 84 30.98 15.41 7.57
CA LEU A 84 29.92 14.72 8.27
C LEU A 84 30.47 13.77 9.34
N LEU A 85 31.29 12.81 8.94
CA LEU A 85 31.93 11.88 9.86
C LEU A 85 32.85 12.62 10.82
N ARG A 86 33.64 13.55 10.32
CA ARG A 86 34.48 14.31 11.23
C ARG A 86 33.75 15.07 12.36
N LEU A 87 32.59 15.58 12.07
CA LEU A 87 31.85 16.29 13.10
C LEU A 87 31.40 15.29 14.22
N ARG A 88 30.96 14.15 13.77
CA ARG A 88 30.54 13.03 14.52
C ARG A 88 31.64 12.56 15.46
N PHE A 89 32.86 12.57 14.93
CA PHE A 89 34.03 12.24 15.76
C PHE A 89 34.42 13.34 16.71
N GLU A 90 34.50 14.55 16.20
CA GLU A 90 34.93 15.65 17.02
C GLU A 90 33.94 16.05 18.10
N LEU A 91 32.64 15.86 17.86
CA LEU A 91 31.60 16.18 18.88
C LEU A 91 31.17 14.93 19.69
N ASP A 92 31.84 13.81 19.46
CA ASP A 92 31.53 12.59 20.22
C ASP A 92 30.10 12.20 20.07
N HIS A 93 29.62 12.16 18.84
CA HIS A 93 28.25 11.74 18.55
C HIS A 93 28.14 10.27 18.52
N HIS A 94 28.29 9.65 19.69
CA HIS A 94 28.35 8.19 19.69
C HIS A 94 27.01 7.51 19.56
N ILE A 95 25.91 8.27 19.74
CA ILE A 95 24.59 7.70 19.59
C ILE A 95 23.99 8.27 18.33
N ASN A 96 23.76 7.41 17.34
CA ASN A 96 22.93 7.73 16.19
C ASN A 96 21.51 7.17 16.40
N LEU A 97 20.57 8.11 16.60
CA LEU A 97 19.18 7.79 16.94
C LEU A 97 18.33 7.99 15.66
N ARG A 98 17.68 6.90 15.27
CA ARG A 98 16.95 6.79 14.03
C ARG A 98 15.56 6.15 14.35
N PRO A 99 14.55 7.03 14.62
CA PRO A 99 13.15 6.53 14.72
C PRO A 99 12.57 6.00 13.42
N ALA A 100 11.78 4.94 13.56
CA ALA A 100 11.11 4.33 12.42
C ALA A 100 9.66 4.08 12.80
N ARG A 101 8.80 5.02 12.40
CA ARG A 101 7.36 4.92 12.69
C ARG A 101 6.59 5.05 11.43
N LEU A 102 5.63 4.16 11.21
CA LEU A 102 4.77 4.29 10.03
C LEU A 102 3.48 5.01 10.41
N TYR A 103 3.23 6.11 9.71
CA TYR A 103 2.24 7.12 10.08
C TYR A 103 1.03 7.06 9.19
N PRO A 104 -0.17 7.30 9.77
CA PRO A 104 -1.30 7.47 8.88
C PRO A 104 -0.95 8.54 7.84
N GLY A 105 -1.20 8.20 6.58
CA GLY A 105 -1.02 9.12 5.47
C GLY A 105 0.26 8.82 4.70
N VAL A 106 1.04 7.83 5.16
CA VAL A 106 2.33 7.43 4.53
C VAL A 106 2.19 6.01 4.05
N ALA A 107 2.51 5.81 2.78
CA ALA A 107 2.62 4.48 2.18
C ALA A 107 3.92 3.74 2.46
N SER A 108 3.78 2.51 2.96
CA SER A 108 4.85 1.56 3.07
C SER A 108 4.99 0.74 1.80
N PRO A 109 6.20 0.33 1.43
CA PRO A 109 6.38 -0.63 0.35
C PRO A 109 6.08 -2.05 0.76
N LEU A 110 5.76 -2.29 2.03
CA LEU A 110 5.33 -3.62 2.45
C LEU A 110 3.83 -3.84 2.22
N SER A 111 3.45 -5.11 2.05
CA SER A 111 2.05 -5.49 1.93
C SER A 111 1.25 -5.22 3.25
N GLY A 112 0.04 -4.68 3.12
CA GLY A 112 -0.93 -4.73 4.23
C GLY A 112 -0.84 -3.78 5.43
N ASN A 113 -0.31 -2.57 5.20
CA ASN A 113 -0.15 -1.51 6.22
C ASN A 113 0.14 -1.98 7.65
N PRO A 114 1.31 -2.61 7.86
CA PRO A 114 1.57 -3.15 9.19
C PRO A 114 1.82 -2.03 10.18
N GLY A 115 1.51 -2.26 11.44
CA GLY A 115 1.90 -1.27 12.47
C GLY A 115 3.42 -1.35 12.61
N ILE A 116 4.10 -0.21 12.49
CA ILE A 116 5.56 -0.10 12.65
C ILE A 116 5.84 1.12 13.57
N ASP A 117 6.56 0.83 14.65
CA ASP A 117 6.92 1.83 15.66
C ASP A 117 8.13 1.29 16.44
N PHE A 118 9.31 1.62 15.93
CA PHE A 118 10.56 1.27 16.58
C PHE A 118 11.60 2.36 16.45
N VAL A 119 12.71 2.14 17.15
CA VAL A 119 13.82 3.10 17.16
C VAL A 119 15.12 2.33 17.09
N VAL A 120 16.02 2.81 16.25
CA VAL A 120 17.33 2.25 16.10
C VAL A 120 18.33 3.17 16.80
N VAL A 121 19.14 2.56 17.69
CA VAL A 121 20.27 3.20 18.35
C VAL A 121 21.53 2.54 17.73
N ARG A 122 22.21 3.31 16.86
CA ARG A 122 23.43 2.89 16.16
C ARG A 122 24.62 3.54 16.84
N GLU A 123 25.63 2.75 17.15
CA GLU A 123 26.94 3.26 17.55
C GLU A 123 27.60 4.15 16.43
N GLY A 124 27.99 5.38 16.76
CA GLY A 124 28.40 6.35 15.77
C GLY A 124 29.88 6.66 15.60
N THR A 125 30.76 6.27 16.55
CA THR A 125 32.16 6.73 16.53
C THR A 125 33.28 5.66 16.44
N GLU A 126 32.94 4.36 16.26
CA GLU A 126 33.95 3.34 16.19
C GLU A 126 33.51 2.35 15.16
N GLY A 127 33.98 1.13 15.32
CA GLY A 127 33.78 0.08 14.32
C GLY A 127 34.46 0.34 13.01
N PRO A 128 33.91 -0.26 11.93
CA PRO A 128 34.44 -0.29 10.60
C PRO A 128 34.52 1.04 9.85
N TYR A 129 33.86 2.04 10.37
CA TYR A 129 33.60 3.21 9.62
C TYR A 129 34.56 4.34 10.03
N THR A 130 35.71 3.96 10.52
CA THR A 130 36.76 4.98 10.83
C THR A 130 37.91 5.17 9.87
N GLY A 131 38.04 4.36 8.82
CA GLY A 131 39.21 4.51 7.89
C GLY A 131 40.53 3.73 8.21
N ASN A 132 40.45 2.78 9.10
CA ASN A 132 41.59 2.02 9.62
C ASN A 132 41.84 0.85 8.65
N GLY A 133 43.01 0.80 8.09
CA GLY A 133 43.38 -0.23 7.17
C GLY A 133 44.41 0.29 6.26
N GLY A 134 44.50 -0.28 5.06
CA GLY A 134 45.42 0.12 4.10
C GLY A 134 45.46 -0.90 2.96
N ALA A 135 46.35 -0.69 2.06
CA ALA A 135 46.54 -1.52 0.86
C ALA A 135 47.97 -1.59 0.47
N ILE A 136 48.33 -2.67 -0.25
CA ILE A 136 49.60 -2.85 -0.81
C ILE A 136 49.45 -3.39 -2.20
N ARG A 137 50.43 -3.03 -3.03
CA ARG A 137 50.54 -3.51 -4.40
C ARG A 137 49.34 -3.08 -5.22
N VAL A 138 48.89 -1.87 -4.93
CA VAL A 138 47.69 -1.36 -5.54
C VAL A 138 47.82 -1.35 -7.05
N GLY A 139 46.75 -1.76 -7.71
CA GLY A 139 46.72 -1.70 -9.16
C GLY A 139 47.38 -2.85 -9.84
N THR A 140 47.69 -3.91 -9.09
CA THR A 140 48.29 -5.15 -9.63
C THR A 140 47.40 -6.36 -9.29
N PRO A 141 47.63 -7.49 -9.95
CA PRO A 141 46.97 -8.73 -9.49
C PRO A 141 47.36 -9.12 -8.03
N ASN A 142 48.37 -8.46 -7.51
CA ASN A 142 48.88 -8.76 -6.15
C ASN A 142 48.36 -7.84 -5.10
N GLU A 143 47.45 -6.95 -5.46
CA GLU A 143 46.92 -6.00 -4.47
C GLU A 143 46.25 -6.71 -3.29
N VAL A 144 46.46 -6.21 -2.08
CA VAL A 144 45.79 -6.66 -0.90
C VAL A 144 45.31 -5.40 -0.19
N ALA A 145 44.03 -5.38 0.20
CA ALA A 145 43.38 -4.29 0.96
C ALA A 145 42.77 -4.85 2.18
N THR A 146 43.07 -4.20 3.30
CA THR A 146 42.49 -4.54 4.58
C THR A 146 41.69 -3.39 5.16
N GLU A 147 40.57 -3.75 5.76
CA GLU A 147 39.74 -2.85 6.52
C GLU A 147 39.64 -3.42 7.93
N VAL A 148 39.88 -2.57 8.94
CA VAL A 148 39.89 -2.92 10.35
C VAL A 148 38.83 -2.18 11.14
N SER A 149 38.05 -2.95 11.85
CA SER A 149 37.01 -2.48 12.76
C SER A 149 37.49 -2.57 14.17
N VAL A 150 37.58 -1.42 14.81
CA VAL A 150 37.93 -1.34 16.17
C VAL A 150 36.68 -1.09 17.00
N ASN A 151 36.53 -1.94 18.00
CA ASN A 151 35.41 -1.90 18.93
C ASN A 151 35.91 -1.88 20.36
N THR A 152 35.27 -1.09 21.21
CA THR A 152 35.67 -0.92 22.60
C THR A 152 34.51 -1.02 23.58
N ALA A 153 34.77 -1.64 24.73
CA ALA A 153 33.87 -1.60 25.85
C ALA A 153 33.41 -0.19 26.20
N PHE A 154 34.30 0.77 26.16
CA PHE A 154 34.00 2.21 26.32
C PHE A 154 32.84 2.66 25.39
N GLY A 155 33.04 2.41 24.11
CA GLY A 155 32.12 2.80 23.09
C GLY A 155 30.84 2.03 23.15
N VAL A 156 30.97 0.71 23.19
CA VAL A 156 29.79 -0.12 23.25
C VAL A 156 28.89 0.09 24.47
N ARG A 157 29.46 0.12 25.67
CA ARG A 157 28.68 0.27 26.85
C ARG A 157 27.82 1.51 26.79
N ARG A 158 28.36 2.59 26.23
N ARG A 158 28.36 3.10 26.50
CA ARG A 158 27.71 3.92 26.13
CA ARG A 158 27.58 4.29 26.30
C ARG A 158 26.37 3.84 25.44
C ARG A 158 26.37 4.08 25.32
N VAL A 159 26.48 3.27 24.24
CA VAL A 159 25.39 3.16 23.30
C VAL A 159 24.36 2.15 23.82
N VAL A 160 24.84 1.04 24.39
CA VAL A 160 23.93 0.04 24.96
C VAL A 160 23.09 0.58 26.11
N ALA A 161 23.71 1.29 27.07
CA ALA A 161 23.00 1.92 28.14
C ALA A 161 21.95 2.82 27.66
N ASP A 162 22.27 3.69 26.70
CA ASP A 162 21.32 4.63 26.16
C ASP A 162 20.15 3.85 25.57
N ALA A 163 20.43 2.76 24.83
CA ALA A 163 19.33 2.01 24.24
C ALA A 163 18.43 1.35 25.30
N PHE A 164 19.03 0.80 26.36
CA PHE A 164 18.22 0.26 27.44
C PHE A 164 17.33 1.33 28.07
N GLU A 165 17.85 2.54 28.18
CA GLU A 165 17.08 3.65 28.78
C GLU A 165 15.89 3.97 27.86
N ARG A 166 16.17 4.03 26.58
CA ARG A 166 15.09 4.20 25.61
C ARG A 166 14.06 3.07 25.65
N ALA A 167 14.54 1.83 25.81
CA ALA A 167 13.64 0.69 25.89
C ALA A 167 12.74 0.78 27.15
N ARG A 168 13.33 1.09 28.30
CA ARG A 168 12.53 1.28 29.51
C ARG A 168 11.43 2.33 29.34
N ARG A 169 11.72 3.40 28.61
CA ARG A 169 10.75 4.48 28.41
C ARG A 169 9.71 4.19 27.31
N ARG A 170 9.91 3.10 26.55
CA ARG A 170 9.02 2.77 25.44
C ARG A 170 8.24 1.49 25.75
N ARG A 171 8.50 0.39 25.04
CA ARG A 171 7.76 -0.85 25.29
C ARG A 171 8.57 -1.90 25.97
N LYS A 172 9.71 -1.48 26.55
CA LYS A 172 10.57 -2.38 27.30
C LYS A 172 11.02 -3.64 26.53
N HIS A 173 11.31 -3.50 25.22
CA HIS A 173 11.90 -4.62 24.48
C HIS A 173 13.12 -4.13 23.69
N LEU A 174 14.27 -4.79 23.88
CA LEU A 174 15.52 -4.42 23.19
C LEU A 174 15.98 -5.60 22.38
N THR A 175 16.31 -5.33 21.12
CA THR A 175 16.91 -6.32 20.21
C THR A 175 18.32 -5.82 19.85
N LEU A 176 19.30 -6.63 20.24
CA LEU A 176 20.63 -6.43 19.73
C LEU A 176 20.73 -7.11 18.39
N VAL A 177 21.25 -6.40 17.40
CA VAL A 177 21.54 -6.95 16.09
C VAL A 177 23.03 -6.88 15.80
N HIS A 178 23.62 -8.02 15.43
CA HIS A 178 25.04 -8.07 15.15
C HIS A 178 25.26 -9.30 14.29
N LYS A 179 26.43 -9.89 14.31
CA LYS A 179 26.74 -11.09 13.53
C LYS A 179 27.81 -11.86 14.30
N THR A 180 27.36 -12.33 15.44
CA THR A 180 28.21 -12.84 16.48
C THR A 180 28.85 -14.19 16.14
N ASN A 181 28.27 -14.90 15.19
CA ASN A 181 28.82 -16.19 14.79
C ASN A 181 30.00 -16.06 13.87
N VAL A 182 30.17 -14.89 13.28
CA VAL A 182 31.21 -14.67 12.33
C VAL A 182 32.18 -13.53 12.69
N LEU A 183 31.69 -12.46 13.30
CA LEU A 183 32.54 -11.49 13.97
C LEU A 183 32.53 -11.80 15.46
N THR A 184 33.40 -12.74 15.80
CA THR A 184 33.33 -13.39 17.11
C THR A 184 33.88 -12.52 18.21
N PHE A 185 34.84 -11.65 17.84
CA PHE A 185 35.40 -10.69 18.80
C PHE A 185 34.52 -9.50 19.06
N ALA A 186 34.21 -8.73 18.02
CA ALA A 186 33.25 -7.59 18.12
C ALA A 186 31.94 -8.12 18.64
N GLY A 187 31.50 -9.24 18.09
CA GLY A 187 30.20 -9.81 18.48
C GLY A 187 30.10 -10.17 19.93
N GLY A 188 31.11 -10.86 20.45
CA GLY A 188 31.13 -11.19 21.86
C GLY A 188 31.21 -9.95 22.75
N LEU A 189 31.89 -8.88 22.33
CA LEU A 189 31.91 -7.68 23.12
C LEU A 189 30.50 -7.15 23.26
N TRP A 190 29.79 -7.18 22.15
CA TRP A 190 28.41 -6.65 22.06
C TRP A 190 27.44 -7.49 22.83
N LEU A 191 27.50 -8.81 22.61
CA LEU A 191 26.67 -9.70 23.43
C LEU A 191 26.84 -9.49 24.93
N ARG A 192 28.05 -9.55 25.43
CA ARG A 192 28.34 -9.47 26.87
C ARG A 192 27.99 -8.13 27.41
N THR A 193 28.12 -7.10 26.57
CA THR A 193 27.82 -5.79 27.06
C THR A 193 26.33 -5.62 27.28
N VAL A 194 25.54 -6.12 26.36
CA VAL A 194 24.09 -6.06 26.48
C VAL A 194 23.63 -6.89 27.70
N ASP A 195 24.23 -8.06 27.89
CA ASP A 195 23.91 -8.88 29.05
C ASP A 195 24.25 -8.21 30.40
N GLU A 196 25.38 -7.56 30.48
CA GLU A 196 25.83 -6.94 31.70
C GLU A 196 25.06 -5.68 32.06
N VAL A 197 24.79 -4.87 31.04
CA VAL A 197 23.99 -3.68 31.20
C VAL A 197 22.55 -4.10 31.47
N GLY A 198 22.11 -5.17 30.80
CA GLY A 198 20.79 -5.76 31.07
C GLY A 198 20.45 -6.12 32.52
N GLU A 199 21.44 -6.48 33.32
CA GLU A 199 21.30 -6.72 34.75
C GLU A 199 20.61 -5.55 35.44
N CYS A 200 20.89 -4.32 35.02
CA CYS A 200 20.16 -3.16 35.59
C CYS A 200 18.77 -2.92 35.02
N TYR A 201 18.33 -3.77 34.08
CA TYR A 201 17.03 -3.58 33.44
C TYR A 201 16.25 -4.89 33.37
N PRO A 202 15.95 -5.48 34.55
CA PRO A 202 15.17 -6.73 34.54
C PRO A 202 13.76 -6.55 33.91
N ASP A 203 13.33 -5.30 33.74
CA ASP A 203 12.03 -4.95 33.13
C ASP A 203 12.05 -4.98 31.59
N VAL A 204 13.22 -4.82 31.00
CA VAL A 204 13.40 -4.88 29.55
C VAL A 204 13.63 -6.33 29.10
N GLU A 205 12.75 -6.83 28.23
CA GLU A 205 13.01 -8.06 27.50
C GLU A 205 14.10 -7.76 26.47
N VAL A 206 15.06 -8.67 26.34
CA VAL A 206 16.21 -8.51 25.43
C VAL A 206 16.22 -9.71 24.50
N ALA A 207 16.28 -9.44 23.22
CA ALA A 207 16.47 -10.48 22.22
C ALA A 207 17.75 -10.26 21.39
N TYR A 208 18.12 -11.25 20.59
CA TYR A 208 19.30 -11.13 19.73
C TYR A 208 18.88 -11.56 18.34
N GLN A 209 19.28 -10.79 17.34
CA GLN A 209 19.18 -11.30 15.97
C GLN A 209 20.49 -11.04 15.20
N HIS A 210 20.88 -12.00 14.35
CA HIS A 210 21.84 -11.67 13.29
C HIS A 210 21.27 -10.64 12.33
N VAL A 211 22.16 -9.83 11.76
CA VAL A 211 21.78 -8.76 10.87
C VAL A 211 21.02 -9.24 9.61
N ASP A 212 21.42 -10.37 9.02
CA ASP A 212 20.66 -10.91 7.89
C ASP A 212 19.25 -11.33 8.29
N ALA A 213 19.09 -12.01 9.45
CA ALA A 213 17.74 -12.33 9.94
C ALA A 213 16.95 -11.09 10.35
N ALA A 214 17.60 -10.09 10.93
CA ALA A 214 16.87 -8.86 11.30
C ALA A 214 16.34 -8.14 10.05
N THR A 215 17.12 -8.20 8.99
CA THR A 215 16.79 -7.57 7.71
C THR A 215 15.50 -8.24 7.21
N ILE A 216 15.45 -9.57 7.27
CA ILE A 216 14.25 -10.30 6.91
C ILE A 216 13.05 -9.90 7.76
N HIS A 217 13.20 -9.91 9.08
CA HIS A 217 12.08 -9.47 9.94
C HIS A 217 11.59 -8.06 9.72
N MET A 218 12.50 -7.13 9.43
CA MET A 218 12.06 -5.74 9.14
C MET A 218 11.06 -5.67 7.93
N ILE A 219 11.09 -6.70 7.10
CA ILE A 219 10.28 -6.85 5.89
C ILE A 219 9.02 -7.70 6.14
N THR A 220 9.11 -8.70 7.00
CA THR A 220 8.03 -9.63 7.20
C THR A 220 7.30 -9.42 8.54
N ASP A 221 7.98 -8.81 9.52
CA ASP A 221 7.44 -8.73 10.86
C ASP A 221 7.94 -7.49 11.60
N PRO A 222 7.89 -6.32 10.93
CA PRO A 222 8.50 -5.14 11.56
C PRO A 222 7.86 -4.71 12.88
N GLY A 223 6.64 -5.18 13.14
CA GLY A 223 5.97 -4.92 14.42
C GLY A 223 6.64 -5.55 15.65
N ARG A 224 7.57 -6.49 15.46
CA ARG A 224 8.29 -7.15 16.60
C ARG A 224 9.38 -6.26 17.29
N PHE A 225 9.76 -5.18 16.62
CA PHE A 225 10.80 -4.30 17.13
C PHE A 225 10.31 -3.17 17.98
N ASP A 226 11.01 -2.90 19.10
CA ASP A 226 10.71 -1.71 19.94
C ASP A 226 11.95 -0.86 19.90
N VAL A 227 12.99 -1.24 20.68
CA VAL A 227 14.32 -0.63 20.46
C VAL A 227 15.29 -1.64 19.86
N ILE A 228 15.99 -1.22 18.80
CA ILE A 228 17.15 -1.97 18.25
C ILE A 228 18.45 -1.28 18.54
N VAL A 229 19.41 -1.99 19.12
CA VAL A 229 20.75 -1.44 19.28
C VAL A 229 21.72 -2.23 18.34
N THR A 230 22.62 -1.49 17.70
CA THR A 230 23.62 -2.10 16.82
C THR A 230 24.84 -1.23 16.66
N ASP A 231 25.80 -1.78 15.93
CA ASP A 231 27.04 -1.10 15.64
C ASP A 231 26.94 -0.13 14.44
N ASN A 232 28.08 0.48 14.12
CA ASN A 232 28.15 1.58 13.13
C ASN A 232 27.82 1.05 11.74
N LEU A 233 28.44 -0.06 11.33
CA LEU A 233 28.26 -0.58 10.00
C LEU A 233 26.87 -1.25 9.78
N PHE A 234 26.49 -2.17 10.69
CA PHE A 234 25.23 -2.82 10.54
C PHE A 234 24.12 -1.75 10.72
N GLY A 235 24.32 -0.83 11.63
CA GLY A 235 23.33 0.24 11.84
C GLY A 235 23.12 1.10 10.63
N ASP A 236 24.16 1.31 9.87
CA ASP A 236 24.08 2.12 8.67
C ASP A 236 23.05 1.55 7.73
N ILE A 237 23.10 0.24 7.56
CA ILE A 237 22.23 -0.49 6.65
C ILE A 237 20.81 -0.58 7.21
N ILE A 238 20.67 -1.01 8.46
CA ILE A 238 19.32 -1.22 8.98
C ILE A 238 18.51 0.07 9.27
N THR A 239 19.17 1.20 9.56
CA THR A 239 18.49 2.50 9.75
C THR A 239 17.89 2.96 8.42
N ASP A 240 18.59 2.74 7.30
CA ASP A 240 18.07 3.01 5.96
C ASP A 240 16.95 2.07 5.49
N LEU A 241 17.08 0.78 5.81
CA LEU A 241 16.01 -0.14 5.64
C LEU A 241 14.80 0.20 6.48
N ALA A 242 15.00 0.67 7.71
CA ALA A 242 13.88 1.04 8.53
C ALA A 242 13.13 2.14 7.83
N ALA A 243 13.88 3.11 7.34
CA ALA A 243 13.33 4.32 6.72
C ALA A 243 12.48 3.92 5.56
N ALA A 244 13.06 3.06 4.70
CA ALA A 244 12.35 2.50 3.55
C ALA A 244 11.00 1.81 3.90
N VAL A 245 11.00 0.97 4.94
CA VAL A 245 9.70 0.39 5.31
C VAL A 245 8.69 1.42 5.91
N CYS A 246 9.17 2.53 6.45
CA CYS A 246 8.31 3.52 7.05
C CYS A 246 7.99 4.68 6.04
N GLY A 247 8.23 4.42 4.75
CA GLY A 247 7.78 5.31 3.71
C GLY A 247 8.85 6.20 3.12
N GLY A 248 10.09 5.98 3.50
CA GLY A 248 11.28 6.48 2.76
C GLY A 248 12.20 7.38 3.57
N ILE A 249 13.46 7.50 3.15
CA ILE A 249 14.40 8.37 3.83
C ILE A 249 13.97 9.84 3.79
N GLY A 250 13.18 10.26 2.76
CA GLY A 250 12.50 11.58 2.76
C GLY A 250 11.53 11.89 3.91
N LEU A 251 11.13 10.88 4.68
CA LEU A 251 10.31 11.13 5.81
C LEU A 251 10.96 10.76 7.13
N ALA A 252 12.29 10.59 7.13
CA ALA A 252 13.02 10.15 8.31
C ALA A 252 13.92 11.25 8.89
N ALA A 253 14.03 11.26 10.22
CA ALA A 253 14.86 12.18 10.98
C ALA A 253 15.91 11.42 11.83
N SER A 254 16.98 12.12 12.14
CA SER A 254 18.16 11.54 12.74
C SER A 254 18.68 12.49 13.84
N GLY A 255 19.03 11.88 14.96
CA GLY A 255 19.83 12.49 15.99
C GLY A 255 21.26 11.92 16.05
N ASN A 256 22.21 12.82 16.23
CA ASN A 256 23.62 12.45 16.44
C ASN A 256 23.97 13.03 17.80
N ILE A 257 24.06 12.13 18.79
CA ILE A 257 23.90 12.49 20.20
C ILE A 257 25.15 12.08 21.02
N ASP A 258 25.71 13.07 21.70
CA ASP A 258 26.66 12.82 22.77
C ASP A 258 25.85 12.80 24.04
N ALA A 259 25.62 11.62 24.53
CA ALA A 259 24.80 11.50 25.77
C ALA A 259 25.39 12.08 27.09
N THR A 260 26.69 12.34 27.14
CA THR A 260 27.26 13.06 28.28
C THR A 260 26.94 14.56 28.26
N ARG A 261 26.37 15.05 27.17
CA ARG A 261 26.10 16.44 26.97
C ARG A 261 27.36 17.32 27.04
N ALA A 262 28.53 16.72 26.90
CA ALA A 262 29.74 17.50 27.00
C ALA A 262 29.83 18.39 25.73
N ASN A 263 29.29 17.85 24.64
CA ASN A 263 29.24 18.50 23.34
C ASN A 263 27.77 18.63 22.93
N PRO A 264 27.47 19.62 22.06
CA PRO A 264 26.10 19.70 21.50
C PRO A 264 25.83 18.61 20.50
N SER A 265 24.61 18.07 20.58
CA SER A 265 24.15 17.03 19.74
C SER A 265 23.55 17.73 18.52
N MET A 266 23.47 16.96 17.42
CA MET A 266 23.07 17.48 16.14
C MET A 266 21.88 16.71 15.62
N PHE A 267 20.93 17.43 15.05
CA PHE A 267 19.68 16.85 14.50
C PHE A 267 19.46 17.26 13.07
N GLU A 268 19.01 16.33 12.20
CA GLU A 268 18.84 16.60 10.76
C GLU A 268 17.87 15.67 10.14
N PRO A 269 17.32 16.04 8.98
CA PRO A 269 16.60 15.03 8.28
C PRO A 269 17.59 14.02 7.71
N VAL A 270 17.15 12.79 7.53
CA VAL A 270 18.02 11.78 6.91
C VAL A 270 18.29 12.08 5.44
N HIS A 271 17.36 12.68 4.69
CA HIS A 271 17.59 12.82 3.26
C HIS A 271 18.81 13.75 2.97
N GLY A 272 19.26 13.74 1.72
CA GLY A 272 20.41 14.48 1.30
C GLY A 272 19.98 15.81 0.69
N SER A 273 20.88 16.38 -0.06
CA SER A 273 20.70 17.73 -0.56
C SER A 273 19.89 17.89 -1.88
N ALA A 274 19.62 16.80 -2.60
CA ALA A 274 18.74 16.87 -3.82
C ALA A 274 18.92 18.13 -4.63
N PRO A 275 20.14 18.39 -5.10
CA PRO A 275 20.46 19.64 -5.77
C PRO A 275 19.63 19.92 -7.02
N ASP A 276 19.16 18.90 -7.73
CA ASP A 276 18.32 19.13 -8.93
C ASP A 276 17.00 19.90 -8.67
N ILE A 277 16.57 19.98 -7.41
CA ILE A 277 15.36 20.73 -7.05
C ILE A 277 15.63 21.85 -6.02
N ALA A 278 16.91 22.07 -5.70
CA ALA A 278 17.38 23.15 -4.84
C ALA A 278 16.75 24.47 -5.19
N GLY A 279 16.14 25.14 -4.21
CA GLY A 279 15.55 26.48 -4.41
C GLY A 279 14.21 26.58 -5.10
N GLN A 280 13.71 25.47 -5.63
CA GLN A 280 12.46 25.46 -6.38
C GLN A 280 11.21 25.43 -5.51
N GLY A 281 11.37 25.24 -4.18
CA GLY A 281 10.24 25.12 -3.26
C GLY A 281 9.41 23.84 -3.40
N ILE A 282 10.01 22.77 -3.89
CA ILE A 282 9.36 21.48 -4.04
C ILE A 282 9.64 20.58 -2.82
N ALA A 283 10.80 20.74 -2.20
CA ALA A 283 11.25 19.79 -1.20
C ALA A 283 10.32 19.81 -0.04
N ASP A 284 9.96 18.62 0.38
CA ASP A 284 9.19 18.43 1.62
C ASP A 284 10.00 18.65 2.91
N PRO A 285 9.64 19.63 3.76
CA PRO A 285 10.35 19.87 5.04
C PRO A 285 9.86 19.04 6.24
N THR A 286 8.96 18.08 6.00
CA THR A 286 8.43 17.27 7.09
C THR A 286 9.58 16.65 7.83
N ALA A 287 10.54 16.00 7.13
CA ALA A 287 11.68 15.36 7.85
C ALA A 287 12.49 16.29 8.70
N ALA A 288 12.80 17.45 8.15
CA ALA A 288 13.56 18.48 8.87
C ALA A 288 12.80 18.91 10.14
N ILE A 289 11.51 19.13 10.00
CA ILE A 289 10.68 19.51 11.18
C ILE A 289 10.64 18.33 12.20
N MET A 290 10.58 17.09 11.72
CA MET A 290 10.61 15.96 12.67
C MET A 290 11.94 15.90 13.41
N SER A 291 13.00 16.40 12.77
CA SER A 291 14.34 16.43 13.43
C SER A 291 14.34 17.48 14.54
N VAL A 292 13.63 18.59 14.33
CA VAL A 292 13.37 19.60 15.38
C VAL A 292 12.69 18.99 16.59
N ALA A 293 11.76 18.05 16.39
CA ALA A 293 11.12 17.36 17.51
C ALA A 293 12.12 16.52 18.30
N LEU A 294 12.96 15.75 17.60
CA LEU A 294 14.07 15.06 18.26
C LEU A 294 14.96 16.01 19.09
N LEU A 295 15.30 17.14 18.53
CA LEU A 295 16.22 18.05 19.12
C LEU A 295 15.58 18.58 20.41
N LEU A 296 14.31 18.95 20.30
CA LEU A 296 13.56 19.49 21.45
C LEU A 296 13.47 18.45 22.56
N SER A 297 13.16 17.21 22.19
CA SER A 297 13.09 16.13 23.15
C SER A 297 14.42 15.93 23.88
N HIS A 298 15.53 16.01 23.11
CA HIS A 298 16.85 15.87 23.66
C HIS A 298 17.17 16.97 24.67
N LEU A 299 16.68 18.19 24.43
CA LEU A 299 16.90 19.33 25.29
C LEU A 299 15.91 19.46 26.45
N GLY A 300 15.03 18.47 26.57
CA GLY A 300 14.09 18.43 27.68
C GLY A 300 12.87 19.29 27.44
N GLU A 301 12.62 19.64 26.18
CA GLU A 301 11.46 20.44 25.86
C GLU A 301 10.44 19.48 25.33
N HIS A 302 9.94 18.65 26.24
CA HIS A 302 9.15 17.46 25.91
C HIS A 302 7.75 17.79 25.47
N ASP A 303 7.09 18.72 26.18
CA ASP A 303 5.76 19.19 25.77
C ASP A 303 5.86 19.84 24.37
N ALA A 304 6.93 20.60 24.10
CA ALA A 304 7.04 21.29 22.83
C ALA A 304 7.34 20.30 21.72
N ALA A 305 8.15 19.29 22.01
CA ALA A 305 8.39 18.13 21.10
C ALA A 305 7.10 17.36 20.77
N ALA A 306 6.28 17.07 21.78
CA ALA A 306 4.97 16.39 21.51
C ALA A 306 4.09 17.21 20.53
N ARG A 307 4.03 18.50 20.79
CA ARG A 307 3.30 19.41 19.91
C ARG A 307 3.76 19.31 18.46
N VAL A 308 5.07 19.27 18.23
CA VAL A 308 5.61 19.15 16.85
C VAL A 308 5.23 17.80 16.30
N ASP A 309 5.36 16.76 17.10
CA ASP A 309 4.99 15.41 16.67
C ASP A 309 3.56 15.38 16.21
N ARG A 310 2.65 15.79 17.09
CA ARG A 310 1.27 15.83 16.75
C ARG A 310 0.99 16.63 15.48
N ALA A 311 1.61 17.80 15.33
CA ALA A 311 1.42 18.62 14.14
C ALA A 311 1.95 18.01 12.83
N VAL A 312 3.02 17.22 12.90
CA VAL A 312 3.52 16.46 11.75
C VAL A 312 2.51 15.39 11.42
N GLU A 313 2.02 14.72 12.46
CA GLU A 313 1.15 13.56 12.27
C GLU A 313 -0.14 14.05 11.60
N ALA A 314 -0.65 15.19 12.08
CA ALA A 314 -1.86 15.81 11.48
C ALA A 314 -1.68 16.11 10.01
N HIS A 315 -0.56 16.73 9.67
CA HIS A 315 -0.23 17.06 8.27
C HIS A 315 -0.21 15.80 7.38
N LEU A 316 0.45 14.77 7.83
CA LEU A 316 0.60 13.55 7.05
C LEU A 316 -0.76 12.89 6.81
N ALA A 317 -1.63 12.95 7.82
CA ALA A 317 -2.95 12.32 7.77
C ALA A 317 -3.94 13.00 6.78
N THR A 318 -3.75 14.31 6.49
CA THR A 318 -4.58 15.02 5.50
C THR A 318 -3.91 15.47 4.20
N ARG A 319 -2.60 15.36 4.10
CA ARG A 319 -1.94 15.72 2.85
C ARG A 319 -2.50 14.98 1.61
N GLY A 320 -2.76 13.68 1.71
CA GLY A 320 -3.16 12.94 0.53
C GLY A 320 -2.11 13.09 -0.53
N SER A 321 -2.53 13.17 -1.79
CA SER A 321 -1.62 13.23 -2.94
C SER A 321 -1.51 14.67 -3.47
N GLU A 322 -2.09 15.63 -2.75
CA GLU A 322 -1.95 17.07 -3.07
C GLU A 322 -0.49 17.52 -3.29
N ARG A 323 -0.27 18.29 -4.36
CA ARG A 323 1.02 18.95 -4.62
C ARG A 323 1.19 20.12 -3.64
N LEU A 324 2.11 20.00 -2.69
CA LEU A 324 2.26 21.07 -1.71
C LEU A 324 3.67 21.67 -1.76
N ALA A 325 3.77 23.01 -1.84
CA ALA A 325 5.11 23.63 -1.86
C ALA A 325 5.74 23.49 -0.50
N THR A 326 7.07 23.61 -0.47
CA THR A 326 7.83 23.57 0.76
C THR A 326 7.17 24.43 1.83
N SER A 327 6.73 25.64 1.48
CA SER A 327 6.24 26.59 2.48
C SER A 327 4.79 26.30 2.83
N ASP A 328 4.08 25.66 1.90
CA ASP A 328 2.70 25.21 2.19
C ASP A 328 2.77 24.10 3.25
N VAL A 329 3.73 23.17 3.10
CA VAL A 329 3.90 22.15 4.14
C VAL A 329 4.23 22.76 5.51
N GLY A 330 5.18 23.70 5.52
CA GLY A 330 5.56 24.34 6.77
C GLY A 330 4.38 25.07 7.39
N GLU A 331 3.54 25.74 6.57
CA GLU A 331 2.34 26.44 7.06
C GLU A 331 1.33 25.44 7.67
N ARG A 332 1.09 24.34 6.98
CA ARG A 332 0.13 23.34 7.52
C ARG A 332 0.55 22.82 8.86
N ILE A 333 1.85 22.57 9.00
CA ILE A 333 2.37 22.03 10.23
C ILE A 333 2.25 23.12 11.31
N ALA A 334 2.79 24.30 11.02
CA ALA A 334 2.61 25.46 11.92
C ALA A 334 1.14 25.63 12.41
N ALA A 335 0.19 25.72 11.50
CA ALA A 335 -1.22 25.87 11.88
C ALA A 335 -1.80 24.76 12.77
N ALA A 336 -1.10 23.63 12.93
CA ALA A 336 -1.61 22.52 13.74
C ALA A 336 -0.96 22.43 15.12
N LEU A 337 -0.10 23.39 15.44
CA LEU A 337 0.63 23.41 16.72
C LEU A 337 -0.30 23.69 17.92
N MET B 1 29.87 -40.22 -17.56
CA MET B 1 29.24 -39.02 -16.90
C MET B 1 29.40 -39.00 -15.35
N SER B 2 28.41 -38.50 -14.62
CA SER B 2 28.67 -37.81 -13.37
C SER B 2 28.74 -38.65 -12.07
N LYS B 3 29.70 -38.24 -11.24
CA LYS B 3 29.86 -38.71 -9.88
C LYS B 3 29.34 -37.61 -8.95
N LEU B 4 28.30 -37.94 -8.18
CA LEU B 4 27.76 -37.02 -7.20
C LEU B 4 28.09 -37.47 -5.78
N ALA B 5 28.65 -36.55 -5.00
CA ALA B 5 28.76 -36.76 -3.55
C ALA B 5 27.51 -36.20 -2.86
N ILE B 6 27.00 -36.98 -1.93
CA ILE B 6 25.77 -36.64 -1.28
C ILE B 6 26.03 -36.65 0.23
N ILE B 7 25.78 -35.49 0.82
CA ILE B 7 25.87 -35.26 2.25
C ILE B 7 24.47 -34.78 2.69
N ALA B 8 23.60 -35.74 3.01
CA ALA B 8 22.25 -35.43 3.47
C ALA B 8 22.33 -34.63 4.76
N GLY B 9 23.09 -35.15 5.69
CA GLY B 9 23.35 -34.42 6.92
C GLY B 9 22.29 -34.64 8.00
N ASP B 10 21.75 -33.54 8.51
CA ASP B 10 21.13 -33.49 9.82
C ASP B 10 19.68 -33.06 9.76
N GLY B 11 18.93 -33.45 10.81
CA GLY B 11 17.53 -33.10 10.97
C GLY B 11 16.74 -33.49 9.72
N ILE B 12 16.20 -32.49 9.06
CA ILE B 12 15.44 -32.69 7.84
C ILE B 12 16.28 -32.82 6.55
N GLY B 13 17.60 -32.76 6.67
CA GLY B 13 18.50 -32.99 5.55
C GLY B 13 18.12 -34.24 4.74
N PRO B 14 18.18 -35.43 5.38
CA PRO B 14 17.88 -36.72 4.74
C PRO B 14 16.62 -36.69 3.89
N GLU B 15 15.55 -36.15 4.48
CA GLU B 15 14.20 -36.19 3.90
C GLU B 15 14.03 -35.38 2.62
N VAL B 16 14.54 -34.15 2.58
CA VAL B 16 14.40 -33.34 1.36
C VAL B 16 15.46 -33.72 0.32
N THR B 17 16.62 -34.14 0.81
CA THR B 17 17.69 -34.67 -0.03
C THR B 17 17.23 -36.00 -0.70
N ALA B 18 16.46 -36.82 0.02
CA ALA B 18 15.90 -38.05 -0.58
C ALA B 18 15.06 -37.74 -1.83
N GLU B 19 14.27 -36.68 -1.74
CA GLU B 19 13.48 -36.23 -2.89
C GLU B 19 14.34 -35.72 -4.01
N ALA B 20 15.35 -34.92 -3.67
CA ALA B 20 16.17 -34.27 -4.69
C ALA B 20 16.95 -35.33 -5.48
N VAL B 21 17.43 -36.33 -4.76
CA VAL B 21 18.11 -37.48 -5.38
C VAL B 21 17.12 -38.17 -6.33
N LYS B 22 15.91 -38.45 -5.83
CA LYS B 22 14.83 -39.05 -6.64
C LYS B 22 14.60 -38.23 -7.92
N VAL B 23 14.51 -36.92 -7.78
CA VAL B 23 14.31 -36.06 -8.96
C VAL B 23 15.51 -36.22 -9.88
N LEU B 24 16.69 -36.37 -9.30
CA LEU B 24 17.90 -36.18 -10.08
C LEU B 24 18.05 -37.27 -11.15
N ASP B 25 18.07 -38.50 -10.70
CA ASP B 25 18.37 -39.59 -11.63
C ASP B 25 17.13 -39.94 -12.47
N ALA B 26 16.02 -39.25 -12.21
CA ALA B 26 14.87 -39.22 -13.11
C ALA B 26 14.95 -38.12 -14.21
N VAL B 27 16.13 -37.51 -14.41
CA VAL B 27 16.35 -36.60 -15.58
C VAL B 27 17.76 -36.69 -16.14
N VAL B 28 18.66 -37.32 -15.35
CA VAL B 28 20.00 -37.68 -15.82
C VAL B 28 20.28 -39.11 -15.34
N PRO B 29 20.49 -40.02 -16.31
CA PRO B 29 20.59 -41.46 -16.03
C PRO B 29 21.75 -41.94 -15.10
N GLY B 30 22.99 -41.87 -15.56
CA GLY B 30 24.08 -42.56 -14.83
C GLY B 30 24.80 -41.74 -13.76
N VAL B 31 24.07 -41.27 -12.75
CA VAL B 31 24.69 -40.52 -11.65
C VAL B 31 25.18 -41.47 -10.56
N GLN B 32 26.51 -41.58 -10.45
CA GLN B 32 27.15 -42.54 -9.53
C GLN B 32 27.25 -41.89 -8.16
N LYS B 33 26.33 -42.24 -7.25
CA LYS B 33 26.22 -41.54 -5.96
C LYS B 33 27.01 -42.17 -4.83
N THR B 34 27.62 -41.32 -4.01
CA THR B 34 28.31 -41.78 -2.83
C THR B 34 27.75 -41.08 -1.64
N SER B 35 27.43 -41.83 -0.60
CA SER B 35 26.84 -41.27 0.59
C SER B 35 27.93 -40.88 1.55
N TYR B 36 27.71 -39.73 2.19
CA TYR B 36 28.59 -39.23 3.22
C TYR B 36 27.75 -38.90 4.41
N ASP B 37 28.11 -39.60 5.48
CA ASP B 37 27.69 -39.32 6.83
C ASP B 37 28.61 -38.18 7.30
N LEU B 38 28.19 -36.95 7.08
CA LEU B 38 28.89 -35.86 7.72
C LEU B 38 27.88 -34.97 8.43
N GLY B 39 28.30 -34.45 9.58
CA GLY B 39 27.40 -33.70 10.47
C GLY B 39 27.29 -34.34 11.86
N ALA B 40 26.10 -34.16 12.45
CA ALA B 40 25.87 -34.53 13.87
C ALA B 40 26.06 -36.04 14.02
N ARG B 41 25.42 -36.81 13.15
CA ARG B 41 25.60 -38.28 13.16
C ARG B 41 27.08 -38.66 13.25
N ARG B 42 27.89 -38.18 12.28
CA ARG B 42 29.30 -38.54 12.21
C ARG B 42 30.03 -38.11 13.47
N PHE B 43 29.78 -36.86 13.87
CA PHE B 43 30.40 -36.28 15.07
C PHE B 43 30.16 -37.14 16.29
N HIS B 44 28.89 -37.41 16.54
CA HIS B 44 28.49 -38.23 17.70
C HIS B 44 29.04 -39.63 17.54
N ALA B 45 28.94 -40.19 16.35
CA ALA B 45 29.50 -41.52 16.02
C ALA B 45 31.00 -41.70 16.29
N THR B 46 31.80 -40.67 15.98
CA THR B 46 33.28 -40.81 15.86
C THR B 46 34.09 -39.68 16.51
N GLY B 47 33.50 -38.48 16.58
CA GLY B 47 34.25 -37.25 16.93
C GLY B 47 34.68 -36.45 15.70
N GLU B 48 34.58 -37.07 14.51
CA GLU B 48 35.09 -36.47 13.27
C GLU B 48 34.12 -35.42 12.76
N VAL B 49 34.67 -34.32 12.24
CA VAL B 49 33.87 -33.23 11.65
C VAL B 49 34.08 -33.19 10.12
N LEU B 50 35.33 -33.05 9.72
CA LEU B 50 35.68 -33.09 8.31
C LEU B 50 37.16 -33.39 8.21
N PRO B 51 37.51 -34.70 8.33
CA PRO B 51 38.90 -35.13 8.18
C PRO B 51 39.41 -34.79 6.78
N ASP B 52 40.72 -34.59 6.68
CA ASP B 52 41.33 -34.27 5.39
C ASP B 52 41.14 -35.43 4.41
N SER B 53 41.27 -36.67 4.88
CA SER B 53 40.99 -37.87 4.05
C SER B 53 39.65 -37.79 3.34
N VAL B 54 38.68 -37.12 3.97
CA VAL B 54 37.34 -37.03 3.43
C VAL B 54 37.22 -35.95 2.38
N VAL B 55 37.85 -34.79 2.64
CA VAL B 55 37.91 -33.72 1.62
C VAL B 55 38.56 -34.31 0.39
N ALA B 56 39.65 -35.03 0.58
CA ALA B 56 40.35 -35.61 -0.58
C ALA B 56 39.44 -36.56 -1.34
N GLU B 57 38.59 -37.29 -0.61
CA GLU B 57 37.55 -38.15 -1.21
C GLU B 57 36.49 -37.38 -1.98
N LEU B 58 36.05 -36.26 -1.42
CA LEU B 58 35.04 -35.41 -2.08
C LEU B 58 35.54 -34.84 -3.38
N ARG B 59 36.82 -34.44 -3.40
CA ARG B 59 37.46 -33.92 -4.61
C ARG B 59 37.40 -34.85 -5.83
N ASN B 60 37.25 -36.15 -5.57
CA ASN B 60 37.04 -37.14 -6.63
C ASN B 60 35.60 -37.35 -7.09
N HIS B 61 34.74 -36.40 -6.81
CA HIS B 61 33.39 -36.43 -7.36
C HIS B 61 33.27 -35.22 -8.19
N ASP B 62 32.22 -35.10 -8.98
CA ASP B 62 32.05 -33.96 -9.89
C ASP B 62 31.19 -32.86 -9.28
N ALA B 63 30.31 -33.23 -8.35
CA ALA B 63 29.59 -32.23 -7.56
C ALA B 63 29.29 -32.77 -6.19
N ILE B 64 28.84 -31.86 -5.34
CA ILE B 64 28.36 -32.25 -4.03
C ILE B 64 26.93 -31.77 -3.88
N LEU B 65 26.03 -32.64 -3.48
CA LEU B 65 24.70 -32.15 -3.12
C LEU B 65 24.50 -32.26 -1.61
N LEU B 66 24.11 -31.16 -0.98
CA LEU B 66 23.99 -31.12 0.47
C LEU B 66 22.57 -30.68 0.91
N GLY B 67 22.11 -31.30 1.99
CA GLY B 67 20.79 -30.99 2.54
C GLY B 67 20.90 -30.00 3.69
N ALA B 68 21.41 -30.45 4.83
CA ALA B 68 21.68 -29.53 5.94
C ALA B 68 22.47 -30.14 7.06
N ILE B 69 23.13 -29.23 7.76
CA ILE B 69 24.00 -29.56 8.84
C ILE B 69 23.62 -28.67 10.03
N GLY B 70 23.65 -29.29 11.20
CA GLY B 70 23.57 -28.59 12.45
C GLY B 70 22.57 -29.30 13.35
N ASP B 71 22.94 -29.44 14.61
CA ASP B 71 21.98 -29.77 15.62
C ASP B 71 22.36 -29.15 16.96
N PRO B 72 21.37 -28.63 17.72
CA PRO B 72 21.63 -28.24 19.14
C PRO B 72 22.45 -29.31 19.88
N SER B 73 22.10 -30.57 19.68
CA SER B 73 22.98 -31.68 20.02
C SER B 73 24.50 -31.38 19.96
N VAL B 74 24.93 -30.61 18.94
CA VAL B 74 26.36 -30.30 18.73
C VAL B 74 26.71 -28.86 19.20
N PRO B 75 27.87 -28.71 19.90
CA PRO B 75 28.18 -27.41 20.52
C PRO B 75 28.26 -26.29 19.50
N SER B 76 27.70 -25.13 19.86
CA SER B 76 27.71 -23.96 18.96
C SER B 76 29.01 -23.91 18.15
N GLY B 77 28.86 -23.76 16.83
CA GLY B 77 29.98 -23.52 15.92
C GLY B 77 30.79 -24.69 15.41
N VAL B 78 30.71 -25.84 16.10
CA VAL B 78 31.58 -26.99 15.76
C VAL B 78 31.49 -27.44 14.30
N LEU B 79 30.28 -27.42 13.74
CA LEU B 79 30.00 -27.91 12.39
C LEU B 79 29.97 -26.80 11.34
N GLU B 80 29.45 -25.65 11.74
CA GLU B 80 29.37 -24.49 10.91
C GLU B 80 30.79 -24.05 10.49
N ARG B 81 31.71 -23.98 11.48
CA ARG B 81 33.09 -23.60 11.23
C ARG B 81 33.87 -24.76 10.64
N GLY B 82 33.86 -25.87 11.34
CA GLY B 82 34.78 -26.97 11.11
C GLY B 82 34.37 -27.92 9.99
N LEU B 83 33.12 -27.81 9.57
CA LEU B 83 32.59 -28.61 8.44
C LEU B 83 32.18 -27.71 7.30
N LEU B 84 31.27 -26.81 7.60
CA LEU B 84 30.67 -26.02 6.56
C LEU B 84 31.66 -24.98 5.97
N LEU B 85 32.29 -24.19 6.83
CA LEU B 85 33.24 -23.18 6.33
C LEU B 85 34.47 -23.83 5.81
N ARG B 86 34.99 -24.78 6.56
CA ARG B 86 36.17 -25.50 6.15
C ARG B 86 35.97 -26.08 4.71
N LEU B 87 34.81 -26.65 4.42
CA LEU B 87 34.56 -27.16 3.06
C LEU B 87 34.62 -26.07 1.98
N ARG B 88 34.01 -24.93 2.28
CA ARG B 88 34.00 -23.78 1.37
C ARG B 88 35.42 -23.31 0.99
N PHE B 89 36.27 -23.21 2.01
CA PHE B 89 37.62 -22.68 1.89
C PHE B 89 38.53 -23.74 1.25
N GLU B 90 38.43 -24.97 1.71
CA GLU B 90 39.18 -26.07 1.19
C GLU B 90 38.84 -26.39 -0.26
N LEU B 91 37.59 -26.27 -0.64
CA LEU B 91 37.19 -26.60 -2.01
C LEU B 91 37.18 -25.36 -2.89
N ASP B 92 37.69 -24.24 -2.34
CA ASP B 92 37.75 -22.97 -3.11
C ASP B 92 36.41 -22.54 -3.69
N HIS B 93 35.38 -22.55 -2.84
CA HIS B 93 34.07 -22.06 -3.30
C HIS B 93 34.01 -20.51 -3.23
N HIS B 94 34.70 -19.85 -4.16
CA HIS B 94 34.85 -18.39 -4.13
C HIS B 94 33.63 -17.62 -4.66
N ILE B 95 32.72 -18.36 -5.32
CA ILE B 95 31.51 -17.78 -5.83
C ILE B 95 30.33 -18.32 -5.04
N ASN B 96 29.57 -17.44 -4.37
CA ASN B 96 28.30 -17.89 -3.74
C ASN B 96 27.18 -17.40 -4.62
N LEU B 97 26.46 -18.34 -5.25
CA LEU B 97 25.34 -17.98 -6.17
C LEU B 97 23.99 -18.07 -5.46
N ARG B 98 23.27 -16.98 -5.49
CA ARG B 98 22.01 -16.86 -4.79
C ARG B 98 21.06 -16.17 -5.76
N PRO B 99 20.29 -16.99 -6.54
CA PRO B 99 19.27 -16.47 -7.47
C PRO B 99 18.02 -15.96 -6.74
N ALA B 100 17.45 -14.87 -7.22
CA ALA B 100 16.31 -14.26 -6.53
C ALA B 100 15.17 -14.04 -7.51
N ARG B 101 14.21 -14.98 -7.51
CA ARG B 101 13.03 -14.89 -8.37
C ARG B 101 11.72 -15.13 -7.59
N LEU B 102 10.79 -14.20 -7.78
CA LEU B 102 9.45 -14.34 -7.26
C LEU B 102 8.66 -15.07 -8.36
N TYR B 103 8.17 -16.27 -8.02
CA TYR B 103 7.53 -17.21 -8.93
C TYR B 103 6.01 -17.18 -8.82
N PRO B 104 5.31 -17.67 -9.88
CA PRO B 104 3.87 -17.66 -9.80
C PRO B 104 3.43 -18.63 -8.71
N GLY B 105 2.53 -18.15 -7.86
CA GLY B 105 2.03 -18.91 -6.75
C GLY B 105 2.77 -18.63 -5.46
N VAL B 106 3.79 -17.78 -5.53
CA VAL B 106 4.55 -17.34 -4.36
C VAL B 106 4.19 -15.87 -4.03
N ALA B 107 3.72 -15.68 -2.79
CA ALA B 107 3.40 -14.34 -2.29
C ALA B 107 4.66 -13.67 -1.71
N SER B 108 4.92 -12.47 -2.20
CA SER B 108 5.93 -11.59 -1.65
C SER B 108 5.38 -10.69 -0.52
N PRO B 109 6.20 -10.47 0.54
CA PRO B 109 5.81 -9.63 1.66
C PRO B 109 5.82 -8.14 1.26
N LEU B 110 6.23 -7.88 0.02
CA LEU B 110 6.22 -6.56 -0.54
C LEU B 110 4.91 -6.29 -1.20
N SER B 111 4.61 -5.00 -1.32
CA SER B 111 3.40 -4.50 -1.99
C SER B 111 3.32 -4.84 -3.50
N GLY B 112 2.17 -5.41 -3.90
CA GLY B 112 1.78 -5.56 -5.31
C GLY B 112 2.52 -6.60 -6.15
N ASN B 113 2.86 -7.74 -5.56
CA ASN B 113 3.54 -8.84 -6.34
C ASN B 113 4.34 -8.34 -7.59
N PRO B 114 5.43 -7.55 -7.36
CA PRO B 114 6.18 -6.88 -8.43
C PRO B 114 7.04 -7.84 -9.24
N GLY B 115 7.63 -7.38 -10.33
CA GLY B 115 8.52 -8.24 -11.11
C GLY B 115 9.86 -8.33 -10.38
N ILE B 116 10.26 -9.54 -9.97
CA ILE B 116 11.57 -9.76 -9.33
C ILE B 116 12.20 -11.03 -9.87
N ASP B 117 13.33 -10.84 -10.56
CA ASP B 117 14.14 -11.93 -11.07
C ASP B 117 15.56 -11.34 -11.18
N PHE B 118 16.44 -11.73 -10.24
CA PHE B 118 17.85 -11.31 -10.27
C PHE B 118 18.69 -12.36 -9.64
N VAL B 119 19.99 -12.25 -9.89
CA VAL B 119 20.97 -13.10 -9.27
C VAL B 119 22.00 -12.29 -8.43
N VAL B 120 22.34 -12.85 -7.28
CA VAL B 120 23.40 -12.33 -6.43
C VAL B 120 24.62 -13.24 -6.52
N VAL B 121 25.74 -12.67 -7.00
CA VAL B 121 27.08 -13.29 -6.96
C VAL B 121 27.90 -12.69 -5.75
N ARG B 122 28.16 -13.52 -4.72
CA ARG B 122 28.75 -13.08 -3.45
C ARG B 122 30.13 -13.70 -3.34
N GLU B 123 31.14 -12.89 -3.08
CA GLU B 123 32.49 -13.41 -2.81
C GLU B 123 32.42 -14.38 -1.64
N GLY B 124 33.10 -15.50 -1.75
CA GLY B 124 32.93 -16.54 -0.82
C GLY B 124 34.04 -16.87 0.11
N THR B 125 35.28 -16.52 -0.27
CA THR B 125 36.46 -17.05 0.45
C THR B 125 37.40 -16.02 1.15
N GLU B 126 37.07 -14.73 1.12
CA GLU B 126 37.85 -13.75 1.85
C GLU B 126 36.93 -12.81 2.68
N GLY B 127 37.36 -11.59 2.98
CA GLY B 127 36.60 -10.78 3.95
C GLY B 127 36.65 -11.32 5.38
N PRO B 128 35.85 -10.75 6.30
CA PRO B 128 35.94 -10.85 7.79
C PRO B 128 35.17 -12.01 8.42
N TYR B 129 34.29 -12.52 7.60
CA TYR B 129 33.71 -13.77 7.87
C TYR B 129 34.80 -14.78 7.62
N THR B 130 36.05 -14.38 7.76
CA THR B 130 37.09 -15.41 7.95
C THR B 130 37.62 -15.75 9.39
N GLY B 131 37.34 -14.96 10.44
CA GLY B 131 37.83 -15.23 11.85
C GLY B 131 39.09 -14.45 12.28
N ASN B 132 39.35 -13.38 11.59
CA ASN B 132 40.58 -12.60 11.65
C ASN B 132 40.37 -11.40 12.54
N GLY B 133 41.02 -11.40 13.68
CA GLY B 133 40.77 -10.42 14.68
C GLY B 133 41.28 -10.92 16.01
N GLY B 134 40.86 -10.26 17.05
CA GLY B 134 41.29 -10.63 18.39
C GLY B 134 40.68 -9.63 19.37
N ALA B 135 41.03 -9.80 20.64
CA ALA B 135 40.63 -8.88 21.71
C ALA B 135 41.68 -8.77 22.80
N ILE B 136 41.75 -7.61 23.46
CA ILE B 136 42.58 -7.44 24.65
C ILE B 136 41.70 -6.98 25.77
N ARG B 137 42.11 -7.34 27.01
CA ARG B 137 41.44 -6.92 28.24
C ARG B 137 39.97 -7.26 28.32
N VAL B 138 39.66 -8.49 27.93
CA VAL B 138 38.31 -8.93 27.78
C VAL B 138 37.68 -8.88 29.16
N GLY B 139 36.43 -8.40 29.19
CA GLY B 139 35.59 -8.44 30.38
C GLY B 139 35.84 -7.32 31.33
N THR B 140 36.46 -6.25 30.85
CA THR B 140 36.77 -5.05 31.61
C THR B 140 36.28 -3.83 30.81
N PRO B 141 36.16 -2.69 31.44
CA PRO B 141 35.91 -1.43 30.73
C PRO B 141 36.98 -1.04 29.69
N ASN B 142 38.16 -1.63 29.78
CA ASN B 142 39.26 -1.42 28.81
C ASN B 142 39.34 -2.45 27.67
N GLU B 143 38.35 -3.34 27.59
CA GLU B 143 38.29 -4.29 26.44
C GLU B 143 38.30 -3.58 25.05
N VAL B 144 39.16 -4.07 24.15
CA VAL B 144 39.21 -3.59 22.80
C VAL B 144 39.17 -4.87 21.90
N ALA B 145 38.30 -4.88 20.91
CA ALA B 145 38.14 -6.04 20.02
C ALA B 145 38.21 -5.54 18.55
N THR B 146 38.95 -6.29 17.72
CA THR B 146 39.22 -5.88 16.36
C THR B 146 38.71 -7.00 15.49
N GLU B 147 38.13 -6.63 14.36
CA GLU B 147 37.85 -7.52 13.24
C GLU B 147 38.57 -7.01 12.00
N VAL B 148 39.14 -7.94 11.22
CA VAL B 148 39.97 -7.55 10.07
C VAL B 148 39.38 -8.22 8.84
N SER B 149 38.98 -7.39 7.87
CA SER B 149 38.60 -7.84 6.53
C SER B 149 39.72 -7.79 5.49
N VAL B 150 40.20 -8.95 5.07
CA VAL B 150 41.28 -9.06 4.04
C VAL B 150 40.62 -9.24 2.68
N ASN B 151 40.93 -8.35 1.74
CA ASN B 151 40.40 -8.36 0.40
C ASN B 151 41.57 -8.38 -0.59
N THR B 152 41.47 -9.18 -1.66
CA THR B 152 42.57 -9.34 -2.61
C THR B 152 42.08 -9.13 -4.09
N ALA B 153 42.93 -8.59 -4.95
CA ALA B 153 42.75 -8.61 -6.42
C ALA B 153 42.50 -10.00 -6.91
N PHE B 154 43.25 -10.96 -6.41
CA PHE B 154 43.05 -12.39 -6.72
C PHE B 154 41.59 -12.85 -6.50
N GLY B 155 41.11 -12.68 -5.27
CA GLY B 155 39.78 -13.10 -4.90
C GLY B 155 38.70 -12.31 -5.58
N VAL B 156 38.88 -11.00 -5.68
CA VAL B 156 37.86 -10.09 -6.20
C VAL B 156 37.65 -10.24 -7.74
N ARG B 157 38.73 -10.29 -8.52
CA ARG B 157 38.58 -10.39 -9.99
C ARG B 157 37.84 -11.64 -10.42
N ARG B 158 38.18 -12.76 -9.79
CA ARG B 158 37.49 -14.02 -10.04
C ARG B 158 35.97 -13.95 -9.88
N VAL B 159 35.55 -13.31 -8.79
CA VAL B 159 34.13 -13.22 -8.48
C VAL B 159 33.44 -12.27 -9.43
N VAL B 160 34.09 -11.13 -9.63
CA VAL B 160 33.64 -10.11 -10.57
C VAL B 160 33.55 -10.63 -12.06
N ALA B 161 34.64 -11.22 -12.54
CA ALA B 161 34.59 -11.92 -13.86
C ALA B 161 33.41 -12.92 -13.97
N ASP B 162 33.18 -13.76 -12.97
CA ASP B 162 32.00 -14.63 -12.98
C ASP B 162 30.66 -13.89 -13.01
N ALA B 163 30.60 -12.70 -12.44
CA ALA B 163 29.40 -11.89 -12.47
C ALA B 163 29.11 -11.30 -13.81
N PHE B 164 30.14 -10.81 -14.48
CA PHE B 164 29.98 -10.19 -15.78
C PHE B 164 29.47 -11.17 -16.83
N GLU B 165 29.95 -12.40 -16.76
CA GLU B 165 29.44 -13.51 -17.57
C GLU B 165 27.98 -13.81 -17.29
N ARG B 166 27.62 -13.90 -16.01
CA ARG B 166 26.22 -14.08 -15.67
C ARG B 166 25.37 -12.93 -16.23
N ALA B 167 25.89 -11.72 -16.22
CA ALA B 167 25.14 -10.58 -16.72
C ALA B 167 24.90 -10.65 -18.27
N ARG B 168 25.97 -10.72 -19.03
CA ARG B 168 25.92 -11.04 -20.46
C ARG B 168 24.85 -12.06 -20.81
N ARG B 169 24.86 -13.23 -20.17
CA ARG B 169 23.88 -14.26 -20.46
C ARG B 169 22.44 -13.98 -19.91
N ARG B 170 22.22 -12.80 -19.33
CA ARG B 170 20.92 -12.43 -18.79
C ARG B 170 20.64 -11.03 -19.37
N ARG B 171 20.17 -10.07 -18.55
CA ARG B 171 19.73 -8.80 -19.11
C ARG B 171 20.84 -7.78 -19.28
N LYS B 172 22.08 -8.25 -19.17
CA LYS B 172 23.28 -7.43 -19.40
C LYS B 172 23.29 -6.20 -18.49
N HIS B 173 22.88 -6.40 -17.25
CA HIS B 173 23.02 -5.37 -16.23
C HIS B 173 23.67 -5.99 -14.96
N LEU B 174 24.72 -5.33 -14.52
CA LEU B 174 25.46 -5.73 -13.31
C LEU B 174 25.48 -4.60 -12.25
N THR B 175 24.98 -4.85 -11.05
CA THR B 175 25.16 -3.87 -9.96
C THR B 175 26.23 -4.35 -8.96
N LEU B 176 27.24 -3.51 -8.78
CA LEU B 176 28.27 -3.63 -7.72
C LEU B 176 27.73 -2.98 -6.45
N VAL B 177 27.67 -3.73 -5.38
CA VAL B 177 27.17 -3.19 -4.09
C VAL B 177 28.32 -3.26 -3.08
N HIS B 178 28.70 -2.09 -2.57
CA HIS B 178 29.73 -1.97 -1.54
C HIS B 178 29.49 -0.73 -0.66
N LYS B 179 30.54 -0.10 -0.17
CA LYS B 179 30.44 1.11 0.68
C LYS B 179 31.74 1.81 0.54
N THR B 180 31.97 2.26 -0.68
CA THR B 180 33.27 2.68 -1.12
C THR B 180 33.72 4.01 -0.51
N ASN B 181 32.78 4.77 0.04
CA ASN B 181 33.03 6.13 0.54
C ASN B 181 33.64 6.05 1.92
N VAL B 182 33.40 4.95 2.59
CA VAL B 182 33.98 4.74 3.90
C VAL B 182 34.84 3.43 4.10
N LEU B 183 34.56 2.34 3.40
CA LEU B 183 35.54 1.24 3.26
C LEU B 183 36.42 1.52 2.01
N THR B 184 37.32 2.48 2.18
CA THR B 184 38.01 3.11 1.08
C THR B 184 39.05 2.17 0.39
N PHE B 185 39.63 1.26 1.16
CA PHE B 185 40.65 0.34 0.63
C PHE B 185 40.02 -0.84 -0.11
N ALA B 186 39.11 -1.55 0.58
CA ALA B 186 38.34 -2.62 -0.01
C ALA B 186 37.50 -2.03 -1.18
N GLY B 187 36.93 -0.87 -0.93
CA GLY B 187 36.01 -0.23 -1.87
C GLY B 187 36.68 0.08 -3.19
N GLY B 188 37.83 0.72 -3.10
CA GLY B 188 38.69 1.10 -4.21
C GLY B 188 39.03 -0.12 -5.05
N LEU B 189 39.44 -1.20 -4.38
CA LEU B 189 39.75 -2.44 -5.03
C LEU B 189 38.57 -2.97 -5.84
N TRP B 190 37.38 -3.04 -5.26
CA TRP B 190 36.20 -3.56 -5.91
C TRP B 190 35.76 -2.71 -7.12
N LEU B 191 35.71 -1.40 -6.90
CA LEU B 191 35.43 -0.46 -7.94
C LEU B 191 36.38 -0.65 -9.13
N ARG B 192 37.69 -0.59 -8.89
CA ARG B 192 38.68 -0.65 -9.96
C ARG B 192 38.63 -1.98 -10.67
N THR B 193 38.45 -3.06 -9.93
CA THR B 193 38.29 -4.35 -10.56
C THR B 193 37.05 -4.45 -11.47
N VAL B 194 35.94 -3.87 -11.06
CA VAL B 194 34.72 -3.93 -11.85
C VAL B 194 34.92 -3.11 -13.15
N ASP B 195 35.51 -1.93 -13.03
CA ASP B 195 35.88 -1.16 -14.20
C ASP B 195 36.78 -1.91 -15.17
N GLU B 196 37.81 -2.59 -14.67
CA GLU B 196 38.84 -3.22 -15.49
C GLU B 196 38.26 -4.49 -16.12
N VAL B 197 37.62 -5.34 -15.32
CA VAL B 197 36.98 -6.51 -15.90
C VAL B 197 35.92 -6.13 -16.95
N GLY B 198 35.17 -5.06 -16.68
CA GLY B 198 34.05 -4.65 -17.52
C GLY B 198 34.36 -4.22 -18.96
N GLU B 199 35.66 -4.08 -19.24
CA GLU B 199 36.17 -3.72 -20.54
C GLU B 199 36.29 -4.91 -21.51
N CYS B 200 35.82 -6.07 -21.10
CA CYS B 200 35.56 -7.17 -21.99
C CYS B 200 34.08 -7.43 -22.03
N TYR B 201 33.28 -6.50 -21.49
CA TYR B 201 31.84 -6.66 -21.45
C TYR B 201 31.12 -5.34 -21.69
N PRO B 202 31.41 -4.69 -22.86
CA PRO B 202 30.61 -3.49 -23.29
C PRO B 202 29.13 -3.76 -23.53
N ASP B 203 28.74 -5.02 -23.65
CA ASP B 203 27.33 -5.38 -23.63
C ASP B 203 26.62 -5.19 -22.30
N VAL B 204 27.39 -5.17 -21.20
CA VAL B 204 26.83 -5.11 -19.82
C VAL B 204 26.81 -3.67 -19.35
N GLU B 205 25.63 -3.14 -19.00
CA GLU B 205 25.60 -1.86 -18.29
C GLU B 205 25.98 -2.10 -16.81
N VAL B 206 26.90 -1.28 -16.33
CA VAL B 206 27.42 -1.38 -14.97
C VAL B 206 26.94 -0.23 -14.05
N ALA B 207 26.33 -0.63 -12.94
CA ALA B 207 25.83 0.33 -11.95
C ALA B 207 26.51 0.09 -10.58
N TYR B 208 26.75 1.18 -9.82
CA TYR B 208 27.24 1.08 -8.43
C TYR B 208 26.15 1.52 -7.44
N GLN B 209 25.89 0.72 -6.41
CA GLN B 209 25.15 1.20 -5.24
C GLN B 209 25.83 0.88 -3.89
N HIS B 210 25.87 1.86 -2.99
CA HIS B 210 26.23 1.57 -1.58
C HIS B 210 25.22 0.55 -1.06
N VAL B 211 25.63 -0.25 -0.12
CA VAL B 211 24.79 -1.32 0.39
C VAL B 211 23.50 -0.84 1.09
N ASP B 212 23.54 0.32 1.72
CA ASP B 212 22.36 0.86 2.36
C ASP B 212 21.26 1.20 1.32
N ALA B 213 21.65 1.89 0.27
CA ALA B 213 20.83 2.13 -0.96
C ALA B 213 20.28 0.89 -1.62
N ALA B 214 21.14 -0.09 -1.88
CA ALA B 214 20.68 -1.37 -2.44
C ALA B 214 19.58 -2.00 -1.61
N THR B 215 19.72 -1.94 -0.28
CA THR B 215 18.72 -2.57 0.59
C THR B 215 17.36 -1.86 0.45
N ILE B 216 17.38 -0.54 0.39
CA ILE B 216 16.17 0.25 0.13
C ILE B 216 15.51 -0.17 -1.23
N HIS B 217 16.31 -0.14 -2.29
CA HIS B 217 15.85 -0.54 -3.59
C HIS B 217 15.44 -2.01 -3.73
N MET B 218 15.98 -2.89 -2.90
CA MET B 218 15.55 -4.28 -2.96
C MET B 218 14.09 -4.39 -2.48
N ILE B 219 13.66 -3.39 -1.70
CA ILE B 219 12.30 -3.40 -1.25
C ILE B 219 11.37 -2.41 -1.96
N THR B 220 11.91 -1.29 -2.47
CA THR B 220 11.08 -0.35 -3.17
C THR B 220 11.13 -0.53 -4.70
N ASP B 221 12.18 -1.11 -5.23
CA ASP B 221 12.37 -1.14 -6.69
C ASP B 221 13.19 -2.34 -7.17
N PRO B 222 12.85 -3.55 -6.67
CA PRO B 222 13.73 -4.70 -6.90
C PRO B 222 13.85 -5.08 -8.35
N GLY B 223 12.98 -4.49 -9.17
CA GLY B 223 12.92 -4.77 -10.60
C GLY B 223 14.10 -4.23 -11.36
N ARG B 224 14.79 -3.25 -10.78
CA ARG B 224 16.01 -2.65 -11.35
C ARG B 224 17.26 -3.56 -11.28
N PHE B 225 17.13 -4.73 -10.67
CA PHE B 225 18.27 -5.62 -10.48
C PHE B 225 18.22 -6.81 -11.42
N ASP B 226 19.35 -7.08 -12.08
CA ASP B 226 19.59 -8.34 -12.83
C ASP B 226 20.65 -9.22 -12.17
N VAL B 227 21.91 -8.81 -12.28
CA VAL B 227 23.02 -9.44 -11.51
C VAL B 227 23.55 -8.44 -10.46
N ILE B 228 23.74 -8.95 -9.26
CA ILE B 228 24.45 -8.18 -8.20
C ILE B 228 25.72 -8.90 -7.85
N VAL B 229 26.81 -8.16 -7.89
CA VAL B 229 28.08 -8.65 -7.40
C VAL B 229 28.46 -7.85 -6.12
N THR B 230 28.94 -8.53 -5.09
CA THR B 230 29.31 -7.82 -3.84
C THR B 230 30.26 -8.72 -3.09
N ASP B 231 30.66 -8.30 -1.88
CA ASP B 231 31.62 -9.04 -1.10
C ASP B 231 30.91 -10.04 -0.19
N ASN B 232 31.69 -10.73 0.64
CA ASN B 232 31.19 -11.76 1.51
C ASN B 232 30.19 -11.24 2.57
N LEU B 233 30.65 -10.24 3.32
CA LEU B 233 29.84 -9.59 4.36
C LEU B 233 28.58 -8.94 3.81
N PHE B 234 28.66 -7.97 2.91
CA PHE B 234 27.45 -7.42 2.32
C PHE B 234 26.55 -8.47 1.59
N GLY B 235 27.13 -9.46 0.93
CA GLY B 235 26.36 -10.52 0.24
C GLY B 235 25.55 -11.39 1.21
N ASP B 236 26.09 -11.60 2.38
CA ASP B 236 25.43 -12.40 3.38
C ASP B 236 24.15 -11.72 3.77
N ILE B 237 24.16 -10.39 3.79
CA ILE B 237 22.97 -9.65 4.16
C ILE B 237 22.00 -9.49 2.98
N ILE B 238 22.53 -9.17 1.82
CA ILE B 238 21.61 -8.92 0.78
C ILE B 238 21.00 -10.26 0.26
N THR B 239 21.68 -11.40 0.46
CA THR B 239 21.14 -12.67 -0.08
C THR B 239 19.90 -13.08 0.71
N ASP B 240 19.94 -12.84 2.01
CA ASP B 240 18.85 -13.20 2.83
C ASP B 240 17.65 -12.29 2.59
N LEU B 241 17.91 -11.01 2.32
CA LEU B 241 16.85 -10.06 2.05
C LEU B 241 16.17 -10.37 0.73
N ALA B 242 16.94 -10.74 -0.28
CA ALA B 242 16.37 -11.10 -1.58
C ALA B 242 15.45 -12.31 -1.44
N ALA B 243 15.89 -13.29 -0.69
CA ALA B 243 15.08 -14.47 -0.44
C ALA B 243 13.74 -14.04 0.15
N ALA B 244 13.78 -13.14 1.16
CA ALA B 244 12.59 -12.74 1.91
C ALA B 244 11.56 -12.14 0.98
N VAL B 245 12.02 -11.23 0.11
CA VAL B 245 11.13 -10.51 -0.79
C VAL B 245 10.61 -11.41 -1.93
N CYS B 246 11.31 -12.51 -2.20
CA CYS B 246 10.88 -13.50 -3.22
C CYS B 246 10.08 -14.63 -2.64
N GLY B 247 9.79 -14.52 -1.35
CA GLY B 247 8.85 -15.38 -0.70
C GLY B 247 9.44 -16.26 0.36
N GLY B 248 10.76 -16.15 0.62
CA GLY B 248 11.34 -16.81 1.79
C GLY B 248 12.56 -17.68 1.54
N ILE B 249 13.39 -17.79 2.59
CA ILE B 249 14.59 -18.63 2.53
C ILE B 249 14.19 -20.11 2.26
N GLY B 250 13.02 -20.51 2.79
CA GLY B 250 12.44 -21.82 2.52
C GLY B 250 12.29 -22.22 1.06
N LEU B 251 12.30 -21.22 0.16
CA LEU B 251 12.24 -21.39 -1.29
C LEU B 251 13.50 -20.91 -2.04
N ALA B 252 14.63 -20.89 -1.36
CA ALA B 252 15.84 -20.37 -1.93
C ALA B 252 16.87 -21.48 -2.06
N ALA B 253 17.63 -21.41 -3.14
CA ALA B 253 18.70 -22.33 -3.47
C ALA B 253 20.02 -21.56 -3.52
N SER B 254 21.10 -22.27 -3.23
CA SER B 254 22.45 -21.69 -3.20
C SER B 254 23.50 -22.56 -3.93
N GLY B 255 24.25 -21.95 -4.85
CA GLY B 255 25.48 -22.55 -5.39
C GLY B 255 26.76 -22.01 -4.73
N ASN B 256 27.64 -22.93 -4.35
CA ASN B 256 28.97 -22.67 -3.77
C ASN B 256 29.95 -23.23 -4.77
N ILE B 257 30.54 -22.34 -5.55
CA ILE B 257 31.19 -22.66 -6.83
C ILE B 257 32.69 -22.27 -6.94
N ASP B 258 33.52 -23.29 -7.22
CA ASP B 258 34.88 -23.06 -7.67
C ASP B 258 34.75 -22.94 -9.18
N ALA B 259 34.81 -21.73 -9.70
CA ALA B 259 34.58 -21.54 -11.12
C ALA B 259 35.77 -22.04 -11.96
N THR B 260 36.85 -22.52 -11.34
CA THR B 260 37.91 -23.22 -12.10
C THR B 260 37.66 -24.72 -12.27
N ARG B 261 36.61 -25.22 -11.66
CA ARG B 261 36.32 -26.65 -11.76
C ARG B 261 37.45 -27.57 -11.28
N ALA B 262 38.47 -27.03 -10.61
CA ALA B 262 39.51 -27.90 -10.05
C ALA B 262 38.94 -28.67 -8.88
N ASN B 263 37.98 -28.04 -8.18
CA ASN B 263 37.29 -28.70 -7.11
C ASN B 263 35.83 -28.83 -7.47
N PRO B 264 35.18 -29.83 -6.86
CA PRO B 264 33.76 -29.95 -7.12
C PRO B 264 33.05 -28.80 -6.40
N SER B 265 32.05 -28.23 -7.04
CA SER B 265 31.14 -27.31 -6.41
C SER B 265 30.02 -27.99 -5.59
N MET B 266 29.44 -27.20 -4.68
CA MET B 266 28.45 -27.70 -3.76
CA MET B 266 28.43 -27.71 -3.76
C MET B 266 27.14 -26.93 -3.96
N PHE B 267 26.01 -27.64 -3.81
CA PHE B 267 24.68 -27.05 -4.05
C PHE B 267 23.80 -27.55 -2.95
N GLU B 268 22.86 -26.72 -2.52
CA GLU B 268 22.10 -27.00 -1.31
C GLU B 268 20.93 -26.03 -1.30
N PRO B 269 19.87 -26.39 -0.57
CA PRO B 269 18.86 -25.41 -0.29
C PRO B 269 19.41 -24.49 0.82
N VAL B 270 18.98 -23.24 0.81
CA VAL B 270 19.43 -22.29 1.84
C VAL B 270 19.04 -22.71 3.26
N HIS B 271 17.86 -23.31 3.45
CA HIS B 271 17.33 -23.52 4.81
C HIS B 271 18.19 -24.48 5.64
N GLY B 272 18.04 -24.40 6.95
CA GLY B 272 18.77 -25.26 7.88
C GLY B 272 18.12 -26.61 8.13
N SER B 273 18.52 -27.24 9.24
CA SER B 273 18.16 -28.64 9.50
C SER B 273 16.81 -28.83 10.26
N ALA B 274 16.26 -27.71 10.78
CA ALA B 274 14.98 -27.68 11.50
C ALA B 274 14.74 -28.92 12.36
N PRO B 275 15.56 -29.12 13.40
CA PRO B 275 15.46 -30.32 14.25
C PRO B 275 14.01 -30.65 14.68
N ASP B 276 13.22 -29.60 14.88
CA ASP B 276 11.82 -29.69 15.36
C ASP B 276 10.85 -30.47 14.47
N ILE B 277 11.16 -30.58 13.16
CA ILE B 277 10.34 -31.40 12.23
C ILE B 277 11.13 -32.52 11.54
N ALA B 278 12.32 -32.82 12.05
CA ALA B 278 13.07 -33.98 11.58
C ALA B 278 12.23 -35.28 11.67
N GLY B 279 11.96 -35.86 10.50
CA GLY B 279 11.39 -37.22 10.41
C GLY B 279 9.89 -37.34 10.40
N GLN B 280 9.19 -36.21 10.23
CA GLN B 280 7.72 -36.17 10.15
C GLN B 280 7.24 -36.02 8.72
N GLY B 281 8.16 -36.13 7.77
CA GLY B 281 7.82 -35.99 6.37
C GLY B 281 7.02 -34.74 6.07
N ILE B 282 7.19 -33.71 6.91
CA ILE B 282 6.51 -32.41 6.74
C ILE B 282 7.34 -31.42 5.89
N ALA B 283 8.63 -31.36 6.18
CA ALA B 283 9.58 -30.48 5.47
C ALA B 283 9.29 -30.38 3.97
N ASP B 284 9.30 -29.17 3.44
CA ASP B 284 9.08 -28.97 2.03
C ASP B 284 10.42 -29.14 1.26
N PRO B 285 10.49 -30.15 0.36
CA PRO B 285 11.74 -30.44 -0.40
C PRO B 285 11.99 -29.60 -1.68
N THR B 286 11.17 -28.59 -1.94
CA THR B 286 11.26 -27.83 -3.21
C THR B 286 12.64 -27.19 -3.47
N ALA B 287 13.14 -26.42 -2.49
CA ALA B 287 14.42 -25.70 -2.67
C ALA B 287 15.56 -26.70 -2.82
N ALA B 288 15.55 -27.76 -2.02
CA ALA B 288 16.54 -28.85 -2.21
C ALA B 288 16.58 -29.31 -3.67
N ILE B 289 15.39 -29.44 -4.24
CA ILE B 289 15.20 -29.83 -5.64
C ILE B 289 15.58 -28.66 -6.58
N MET B 290 15.33 -27.43 -6.15
CA MET B 290 15.92 -26.25 -6.91
C MET B 290 17.47 -26.23 -6.92
N SER B 291 18.04 -26.73 -5.81
CA SER B 291 19.50 -26.81 -5.68
C SER B 291 20.06 -27.84 -6.66
N VAL B 292 19.30 -28.92 -6.91
CA VAL B 292 19.64 -29.86 -8.01
C VAL B 292 19.73 -29.16 -9.37
N ALA B 293 18.83 -28.23 -9.65
CA ALA B 293 18.84 -27.56 -10.97
C ALA B 293 20.06 -26.68 -11.18
N LEU B 294 20.53 -26.07 -10.08
CA LEU B 294 21.78 -25.33 -10.14
C LEU B 294 22.90 -26.35 -10.25
N LEU B 295 22.83 -27.44 -9.51
CA LEU B 295 23.89 -28.43 -9.64
C LEU B 295 24.02 -28.86 -11.09
N LEU B 296 22.87 -29.06 -11.75
CA LEU B 296 22.79 -29.51 -13.15
C LEU B 296 23.28 -28.46 -14.10
N SER B 297 22.87 -27.22 -13.90
CA SER B 297 23.18 -26.14 -14.86
C SER B 297 24.67 -25.76 -14.84
N HIS B 298 25.29 -25.96 -13.65
CA HIS B 298 26.72 -25.85 -13.47
C HIS B 298 27.47 -27.02 -14.14
N LEU B 299 27.04 -28.26 -13.92
CA LEU B 299 27.68 -29.42 -14.60
C LEU B 299 27.54 -29.47 -16.15
N GLY B 300 27.04 -28.39 -16.77
CA GLY B 300 26.86 -28.32 -18.23
C GLY B 300 25.54 -28.88 -18.76
N GLU B 301 24.76 -29.48 -17.86
CA GLU B 301 23.58 -30.25 -18.22
C GLU B 301 22.35 -29.40 -18.21
N HIS B 302 22.27 -28.51 -19.19
CA HIS B 302 21.28 -27.46 -19.31
C HIS B 302 19.85 -28.01 -19.35
N ASP B 303 19.64 -29.04 -20.18
CA ASP B 303 18.29 -29.46 -20.48
C ASP B 303 17.64 -30.15 -19.31
N ALA B 304 18.39 -30.96 -18.60
CA ALA B 304 17.87 -31.59 -17.37
C ALA B 304 17.49 -30.51 -16.34
N ALA B 305 18.30 -29.46 -16.25
CA ALA B 305 18.02 -28.29 -15.41
C ALA B 305 16.87 -27.43 -15.96
N ALA B 306 16.97 -27.08 -17.25
CA ALA B 306 15.89 -26.40 -17.99
C ALA B 306 14.55 -27.05 -17.74
N ARG B 307 14.54 -28.39 -17.72
CA ARG B 307 13.36 -29.15 -17.32
C ARG B 307 13.32 -28.82 -15.86
N VAL B 308 13.69 -29.76 -14.97
CA VAL B 308 13.58 -29.59 -13.48
C VAL B 308 13.07 -28.23 -12.98
N ASP B 309 13.60 -27.15 -13.56
CA ASP B 309 13.05 -25.82 -13.32
C ASP B 309 11.52 -25.84 -13.44
N ARG B 310 11.06 -26.21 -14.63
CA ARG B 310 9.63 -26.13 -15.00
C ARG B 310 8.77 -26.99 -14.08
N ALA B 311 9.29 -28.16 -13.69
CA ALA B 311 8.57 -29.01 -12.75
C ALA B 311 8.39 -28.35 -11.38
N VAL B 312 9.39 -27.55 -10.97
CA VAL B 312 9.31 -26.81 -9.71
C VAL B 312 8.32 -25.66 -9.84
N GLU B 313 8.44 -24.84 -10.89
CA GLU B 313 7.48 -23.79 -11.18
C GLU B 313 6.03 -24.31 -11.17
N ALA B 314 5.79 -25.41 -11.90
CA ALA B 314 4.48 -26.06 -11.87
C ALA B 314 4.08 -26.33 -10.42
N HIS B 315 4.97 -26.96 -9.66
CA HIS B 315 4.66 -27.30 -8.31
C HIS B 315 4.14 -26.07 -7.57
N LEU B 316 4.86 -24.95 -7.67
CA LEU B 316 4.52 -23.70 -6.92
C LEU B 316 3.27 -22.96 -7.43
N ALA B 317 3.18 -22.82 -8.76
CA ALA B 317 2.04 -22.20 -9.41
C ALA B 317 0.69 -22.98 -9.26
N THR B 318 0.74 -24.24 -8.83
CA THR B 318 -0.47 -25.06 -8.68
C THR B 318 -0.72 -25.64 -7.29
N ARG B 319 0.17 -25.43 -6.32
CA ARG B 319 0.02 -26.11 -5.02
C ARG B 319 -1.16 -25.60 -4.20
N GLY B 320 -1.59 -24.36 -4.47
CA GLY B 320 -2.72 -23.76 -3.75
C GLY B 320 -2.42 -23.51 -2.29
N SER B 321 -2.83 -24.42 -1.40
CA SER B 321 -2.57 -24.27 0.04
C SER B 321 -2.57 -25.56 0.87
N GLU B 322 -2.80 -26.72 0.24
CA GLU B 322 -3.03 -27.96 1.03
C GLU B 322 -1.74 -28.55 1.64
N ARG B 323 -1.83 -28.93 2.92
CA ARG B 323 -0.70 -29.55 3.59
C ARG B 323 -0.27 -30.81 2.82
N LEU B 324 1.00 -30.79 2.39
CA LEU B 324 1.60 -31.86 1.60
C LEU B 324 2.76 -32.42 2.39
N ALA B 325 2.91 -33.74 2.36
CA ALA B 325 4.09 -34.33 2.98
C ALA B 325 5.30 -34.20 2.02
N THR B 326 6.48 -34.38 2.62
CA THR B 326 7.75 -34.30 1.88
C THR B 326 7.61 -35.09 0.59
N SER B 327 7.27 -36.39 0.73
CA SER B 327 7.33 -37.35 -0.39
C SER B 327 6.29 -37.05 -1.47
N ASP B 328 5.10 -36.62 -1.05
CA ASP B 328 4.08 -35.98 -1.93
C ASP B 328 4.61 -34.84 -2.81
N VAL B 329 5.19 -33.81 -2.17
CA VAL B 329 5.76 -32.68 -2.93
C VAL B 329 6.83 -33.20 -3.88
N GLY B 330 7.71 -34.07 -3.34
CA GLY B 330 8.68 -34.83 -4.14
C GLY B 330 8.04 -35.50 -5.35
N GLU B 331 6.96 -36.26 -5.11
CA GLU B 331 6.27 -36.97 -6.20
C GLU B 331 5.60 -36.02 -7.22
N ARG B 332 5.02 -34.92 -6.73
CA ARG B 332 4.41 -33.94 -7.61
C ARG B 332 5.38 -33.39 -8.61
N ILE B 333 6.63 -33.14 -8.19
CA ILE B 333 7.59 -32.44 -9.06
C ILE B 333 7.96 -33.26 -10.31
N ALA B 334 8.08 -34.58 -10.19
CA ALA B 334 8.13 -35.52 -11.37
C ALA B 334 7.26 -35.11 -12.61
N ALA B 335 5.95 -35.12 -12.43
CA ALA B 335 4.96 -34.95 -13.52
C ALA B 335 5.45 -34.10 -14.70
N ALA B 336 5.75 -32.83 -14.43
CA ALA B 336 6.11 -31.87 -15.48
C ALA B 336 7.55 -32.01 -15.95
N LEU B 337 8.29 -32.96 -15.39
CA LEU B 337 9.65 -33.26 -15.84
C LEU B 337 9.61 -33.73 -17.30
N MET C 1 -25.57 3.92 30.87
CA MET C 1 -25.93 2.53 30.47
C MET C 1 -27.05 2.01 31.36
N SER C 2 -26.70 1.33 32.45
CA SER C 2 -27.67 0.57 33.23
C SER C 2 -28.32 -0.64 32.46
N LYS C 3 -29.28 -0.42 31.56
CA LYS C 3 -30.02 -1.56 30.93
C LYS C 3 -29.72 -1.77 29.43
N LEU C 4 -29.05 -2.89 29.13
CA LEU C 4 -28.69 -3.32 27.78
C LEU C 4 -29.44 -4.56 27.28
N ALA C 5 -29.94 -4.49 26.05
CA ALA C 5 -30.60 -5.61 25.36
C ALA C 5 -29.60 -6.13 24.38
N ILE C 6 -29.38 -7.45 24.39
CA ILE C 6 -28.43 -8.09 23.52
C ILE C 6 -29.16 -8.99 22.58
N ILE C 7 -28.99 -8.77 21.27
CA ILE C 7 -29.46 -9.69 20.23
C ILE C 7 -28.27 -10.25 19.45
N ALA C 8 -27.72 -11.36 19.94
CA ALA C 8 -26.47 -11.85 19.39
C ALA C 8 -26.75 -12.37 18.01
N GLY C 9 -27.95 -12.91 17.79
CA GLY C 9 -28.34 -13.33 16.44
C GLY C 9 -27.73 -14.65 16.02
N ASP C 10 -27.31 -14.73 14.76
CA ASP C 10 -27.04 -15.99 14.07
C ASP C 10 -25.63 -16.02 13.56
N GLY C 11 -25.15 -17.22 13.18
CA GLY C 11 -23.84 -17.34 12.52
C GLY C 11 -22.72 -16.94 13.43
N ILE C 12 -21.85 -15.98 13.00
CA ILE C 12 -20.81 -15.40 13.85
C ILE C 12 -21.28 -14.37 14.90
N GLY C 13 -22.55 -13.97 14.88
CA GLY C 13 -23.09 -13.02 15.82
C GLY C 13 -22.82 -13.34 17.26
N PRO C 14 -23.23 -14.57 17.73
CA PRO C 14 -22.86 -14.89 19.13
C PRO C 14 -21.37 -14.77 19.46
N GLU C 15 -20.46 -15.28 18.64
CA GLU C 15 -19.05 -15.21 18.95
C GLU C 15 -18.43 -13.83 19.00
N VAL C 16 -18.79 -12.94 18.06
CA VAL C 16 -18.32 -11.55 18.13
C VAL C 16 -19.02 -10.78 19.27
N THR C 17 -20.29 -11.11 19.54
CA THR C 17 -21.07 -10.43 20.52
C THR C 17 -20.57 -10.76 21.92
N ALA C 18 -20.15 -12.02 22.10
CA ALA C 18 -19.51 -12.47 23.33
C ALA C 18 -18.33 -11.59 23.63
N GLU C 19 -17.44 -11.38 22.69
CA GLU C 19 -16.29 -10.51 22.87
C GLU C 19 -16.66 -9.03 23.21
N ALA C 20 -17.66 -8.50 22.53
CA ALA C 20 -18.04 -7.12 22.69
C ALA C 20 -18.67 -6.87 24.06
N VAL C 21 -19.49 -7.82 24.51
CA VAL C 21 -20.17 -7.72 25.82
C VAL C 21 -19.14 -7.85 26.96
N LYS C 22 -18.15 -8.68 26.72
CA LYS C 22 -17.01 -8.80 27.60
C LYS C 22 -16.35 -7.43 27.75
N VAL C 23 -16.08 -6.78 26.61
CA VAL C 23 -15.44 -5.43 26.65
C VAL C 23 -16.38 -4.41 27.36
N LEU C 24 -17.67 -4.49 27.08
CA LEU C 24 -18.62 -3.61 27.77
C LEU C 24 -18.61 -3.75 29.31
N ASP C 25 -18.68 -4.99 29.77
CA ASP C 25 -18.63 -5.33 31.21
C ASP C 25 -17.33 -4.83 31.85
N ALA C 26 -16.20 -4.97 31.17
CA ALA C 26 -14.93 -4.49 31.67
C ALA C 26 -14.85 -2.95 31.89
N VAL C 27 -15.65 -2.17 31.14
CA VAL C 27 -15.54 -0.69 31.21
C VAL C 27 -16.71 -0.06 31.96
N VAL C 28 -17.83 -0.77 31.98
CA VAL C 28 -19.04 -0.37 32.67
C VAL C 28 -19.55 -1.59 33.47
N PRO C 29 -18.79 -1.96 34.52
CA PRO C 29 -19.29 -2.99 35.42
C PRO C 29 -20.70 -2.70 35.86
N GLY C 30 -21.51 -3.75 35.97
CA GLY C 30 -22.83 -3.61 36.60
C GLY C 30 -23.97 -3.27 35.68
N VAL C 31 -23.76 -3.43 34.36
CA VAL C 31 -24.84 -3.25 33.41
C VAL C 31 -25.76 -4.43 33.58
N GLN C 32 -27.06 -4.16 33.56
CA GLN C 32 -28.05 -5.21 33.56
C GLN C 32 -28.29 -5.62 32.10
N LYS C 33 -28.04 -6.89 31.80
CA LYS C 33 -28.06 -7.34 30.43
C LYS C 33 -29.19 -8.34 30.28
N THR C 34 -30.16 -8.05 29.42
CA THR C 34 -31.12 -9.05 28.94
C THR C 34 -30.72 -9.51 27.54
N SER C 35 -30.60 -10.82 27.35
CA SER C 35 -30.41 -11.37 26.01
C SER C 35 -31.74 -11.66 25.34
N TYR C 36 -31.74 -11.65 24.01
CA TYR C 36 -32.89 -12.06 23.22
C TYR C 36 -32.47 -13.02 22.15
N ASP C 37 -33.38 -13.91 21.77
CA ASP C 37 -33.07 -14.98 20.84
C ASP C 37 -33.66 -14.73 19.43
N LEU C 38 -33.96 -13.46 19.14
CA LEU C 38 -34.47 -13.04 17.82
C LEU C 38 -33.54 -13.49 16.70
N GLY C 39 -34.09 -13.70 15.51
CA GLY C 39 -33.29 -14.20 14.39
C GLY C 39 -33.73 -15.58 13.91
N ALA C 40 -32.89 -16.23 13.12
CA ALA C 40 -33.21 -17.56 12.58
C ALA C 40 -33.61 -18.60 13.66
N ARG C 41 -33.11 -18.44 14.90
CA ARG C 41 -33.55 -19.19 16.11
C ARG C 41 -35.06 -19.01 16.42
N ARG C 42 -35.42 -17.87 17.02
CA ARG C 42 -36.83 -17.51 17.32
C ARG C 42 -37.80 -18.02 16.23
N PHE C 43 -37.45 -17.75 14.98
CA PHE C 43 -38.18 -18.26 13.83
C PHE C 43 -38.25 -19.80 13.77
N HIS C 44 -37.14 -20.43 13.34
CA HIS C 44 -37.13 -21.86 12.96
C HIS C 44 -37.90 -22.78 13.90
N ALA C 45 -37.44 -22.85 15.15
CA ALA C 45 -38.04 -23.76 16.11
C ALA C 45 -39.32 -23.21 16.74
N THR C 46 -39.61 -21.90 16.58
CA THR C 46 -40.82 -21.30 17.20
C THR C 46 -41.74 -20.37 16.35
N GLY C 47 -41.45 -20.22 15.04
CA GLY C 47 -42.38 -19.51 14.13
C GLY C 47 -42.19 -18.02 13.87
N GLU C 48 -42.29 -17.18 14.90
CA GLU C 48 -42.27 -15.72 14.70
C GLU C 48 -40.85 -15.13 14.50
N VAL C 49 -40.86 -13.85 14.11
CA VAL C 49 -39.71 -13.12 13.65
C VAL C 49 -39.37 -12.03 14.69
N LEU C 50 -40.25 -11.03 14.79
CA LEU C 50 -40.19 -9.97 15.79
C LEU C 50 -41.60 -9.75 16.34
N PRO C 51 -41.95 -10.43 17.45
CA PRO C 51 -43.19 -10.23 18.20
C PRO C 51 -43.56 -8.80 18.62
N ASP C 52 -44.72 -8.67 19.24
CA ASP C 52 -45.22 -7.42 19.77
C ASP C 52 -44.61 -7.23 21.17
N SER C 53 -44.51 -8.34 21.91
CA SER C 53 -44.07 -8.36 23.32
C SER C 53 -42.57 -8.11 23.52
N VAL C 54 -41.77 -8.61 22.58
CA VAL C 54 -40.32 -8.39 22.60
C VAL C 54 -40.00 -6.89 22.49
N VAL C 55 -40.81 -6.15 21.74
CA VAL C 55 -40.54 -4.76 21.41
C VAL C 55 -40.80 -3.82 22.60
N ALA C 56 -41.86 -4.09 23.35
CA ALA C 56 -42.12 -3.35 24.57
C ALA C 56 -41.02 -3.66 25.55
N GLU C 57 -40.60 -4.91 25.59
CA GLU C 57 -39.46 -5.31 26.41
C GLU C 57 -38.26 -4.52 25.92
N LEU C 58 -38.04 -4.51 24.61
CA LEU C 58 -36.90 -3.76 24.04
C LEU C 58 -36.93 -2.29 24.41
N ARG C 59 -38.10 -1.69 24.26
CA ARG C 59 -38.31 -0.30 24.65
C ARG C 59 -37.96 -0.04 26.10
N ASN C 60 -37.94 -1.09 26.93
CA ASN C 60 -37.58 -0.89 28.34
C ASN C 60 -36.10 -0.67 28.57
N HIS C 61 -35.27 -0.92 27.56
CA HIS C 61 -33.80 -0.83 27.71
C HIS C 61 -33.24 0.47 27.19
N ASP C 62 -32.04 0.77 27.63
CA ASP C 62 -31.35 2.02 27.29
C ASP C 62 -30.73 2.00 25.88
N ALA C 63 -30.30 0.82 25.44
CA ALA C 63 -29.83 0.61 24.07
C ALA C 63 -29.79 -0.89 23.74
N ILE C 64 -29.58 -1.19 22.46
CA ILE C 64 -29.52 -2.60 21.94
C ILE C 64 -28.18 -2.83 21.26
N LEU C 65 -27.54 -3.91 21.64
CA LEU C 65 -26.38 -4.37 20.95
C LEU C 65 -26.77 -5.57 20.08
N LEU C 66 -26.41 -5.52 18.79
CA LEU C 66 -26.84 -6.59 17.89
C LEU C 66 -25.66 -7.18 17.26
N GLY C 67 -25.69 -8.51 17.06
CA GLY C 67 -24.62 -9.21 16.45
C GLY C 67 -24.79 -9.28 14.95
N ALA C 68 -25.51 -10.30 14.49
CA ALA C 68 -25.76 -10.44 13.05
C ALA C 68 -26.98 -11.32 12.88
N ILE C 69 -27.78 -11.00 11.87
CA ILE C 69 -29.05 -11.68 11.64
C ILE C 69 -29.07 -12.37 10.26
N GLY C 70 -29.68 -13.54 10.21
CA GLY C 70 -29.77 -14.24 8.94
C GLY C 70 -29.01 -15.52 8.78
N ASP C 71 -29.67 -16.44 8.10
CA ASP C 71 -29.07 -17.61 7.48
C ASP C 71 -29.58 -17.54 6.02
N PRO C 72 -28.72 -17.85 5.02
CA PRO C 72 -29.32 -18.19 3.71
C PRO C 72 -30.59 -19.06 3.79
N SER C 73 -30.56 -20.07 4.67
CA SER C 73 -31.58 -21.11 4.74
C SER C 73 -33.01 -20.63 5.04
N VAL C 74 -33.15 -19.72 6.01
CA VAL C 74 -34.45 -19.09 6.30
C VAL C 74 -34.91 -18.42 4.99
N PRO C 75 -36.21 -18.54 4.65
CA PRO C 75 -36.65 -18.03 3.32
C PRO C 75 -36.35 -16.52 3.10
N SER C 76 -35.98 -16.19 1.87
CA SER C 76 -35.41 -14.87 1.56
C SER C 76 -36.37 -13.74 1.98
N GLY C 77 -35.80 -12.73 2.64
CA GLY C 77 -36.52 -11.50 2.94
C GLY C 77 -37.22 -11.47 4.28
N VAL C 78 -37.62 -12.65 4.79
CA VAL C 78 -38.41 -12.81 6.02
C VAL C 78 -37.85 -12.08 7.25
N LEU C 79 -36.60 -12.35 7.64
CA LEU C 79 -35.94 -11.67 8.79
C LEU C 79 -35.50 -10.27 8.39
N GLU C 80 -35.10 -10.11 7.12
CA GLU C 80 -34.75 -8.76 6.60
C GLU C 80 -35.93 -7.77 6.83
N ARG C 81 -37.12 -8.23 6.49
CA ARG C 81 -38.35 -7.44 6.52
C ARG C 81 -39.08 -7.51 7.85
N GLY C 82 -39.27 -8.74 8.34
CA GLY C 82 -40.04 -8.96 9.55
C GLY C 82 -39.36 -8.63 10.88
N LEU C 83 -38.01 -8.49 10.83
CA LEU C 83 -37.19 -8.26 12.04
C LEU C 83 -36.33 -7.00 11.91
N LEU C 84 -35.48 -6.97 10.90
CA LEU C 84 -34.51 -5.89 10.74
C LEU C 84 -35.18 -4.55 10.38
N LEU C 85 -35.89 -4.52 9.27
CA LEU C 85 -36.74 -3.35 8.98
C LEU C 85 -37.73 -3.02 10.08
N ARG C 86 -38.40 -4.03 10.62
CA ARG C 86 -39.39 -3.78 11.64
C ARG C 86 -38.86 -3.11 12.94
N LEU C 87 -37.67 -3.50 13.41
CA LEU C 87 -36.99 -2.82 14.50
C LEU C 87 -36.70 -1.37 14.15
N ARG C 88 -36.20 -1.15 12.93
CA ARG C 88 -35.87 0.20 12.50
C ARG C 88 -37.10 1.10 12.61
N PHE C 89 -38.24 0.58 12.18
CA PHE C 89 -39.46 1.34 12.20
C PHE C 89 -40.13 1.33 13.56
N GLU C 90 -40.20 0.19 14.24
CA GLU C 90 -40.72 0.21 15.59
C GLU C 90 -39.93 1.16 16.54
N LEU C 91 -38.62 1.39 16.29
CA LEU C 91 -37.77 2.09 17.27
C LEU C 91 -37.26 3.48 16.75
N ASP C 92 -37.90 3.94 15.69
CA ASP C 92 -37.64 5.22 15.04
C ASP C 92 -36.15 5.44 14.83
N HIS C 93 -35.54 4.46 14.16
CA HIS C 93 -34.14 4.58 13.79
C HIS C 93 -33.96 5.37 12.47
N HIS C 94 -34.16 6.66 12.59
CA HIS C 94 -34.04 7.58 11.45
C HIS C 94 -32.63 7.95 11.11
N ILE C 95 -31.67 7.72 12.01
CA ILE C 95 -30.30 8.04 11.72
C ILE C 95 -29.51 6.75 11.58
N ASN C 96 -28.80 6.62 10.47
CA ASN C 96 -27.80 5.58 10.31
C ASN C 96 -26.40 6.22 10.37
N LEU C 97 -25.64 5.80 11.38
CA LEU C 97 -24.31 6.35 11.66
C LEU C 97 -23.25 5.33 11.26
N ARG C 98 -22.37 5.74 10.39
CA ARG C 98 -21.36 4.93 9.83
C ARG C 98 -20.02 5.65 9.82
N PRO C 99 -19.21 5.43 10.89
CA PRO C 99 -17.86 5.94 10.98
C PRO C 99 -16.95 5.27 10.03
N ALA C 100 -16.03 6.03 9.43
CA ALA C 100 -15.08 5.53 8.49
C ALA C 100 -13.68 6.13 8.79
N ARG C 101 -12.91 5.31 9.51
CA ARG C 101 -11.51 5.61 9.84
C ARG C 101 -10.57 4.50 9.48
N LEU C 102 -9.48 4.87 8.86
CA LEU C 102 -8.40 3.99 8.53
C LEU C 102 -7.35 4.06 9.67
N TYR C 103 -7.17 2.89 10.33
CA TYR C 103 -6.32 2.73 11.51
C TYR C 103 -4.96 2.20 11.15
N PRO C 104 -3.91 2.67 11.86
CA PRO C 104 -2.65 1.90 11.70
C PRO C 104 -2.88 0.38 11.92
N GLY C 105 -2.21 -0.44 11.15
CA GLY C 105 -2.42 -1.88 11.17
C GLY C 105 -3.39 -2.43 10.16
N VAL C 106 -4.22 -1.54 9.56
CA VAL C 106 -5.19 -2.00 8.57
C VAL C 106 -4.81 -1.64 7.14
N ALA C 107 -4.87 -2.63 6.25
CA ALA C 107 -4.55 -2.43 4.88
C ALA C 107 -5.74 -1.79 4.12
N SER C 108 -5.50 -0.66 3.48
CA SER C 108 -6.42 -0.04 2.51
C SER C 108 -6.21 -0.57 1.06
N PRO C 109 -7.30 -0.72 0.30
CA PRO C 109 -7.10 -1.00 -1.11
C PRO C 109 -6.55 0.20 -1.87
N LEU C 110 -6.43 1.33 -1.20
CA LEU C 110 -5.95 2.57 -1.80
C LEU C 110 -4.41 2.74 -1.61
N SER C 111 -3.70 3.00 -2.71
CA SER C 111 -2.28 3.40 -2.68
C SER C 111 -1.99 4.63 -1.81
N GLY C 112 -0.86 4.67 -1.14
CA GLY C 112 -0.51 5.94 -0.47
C GLY C 112 -1.03 6.06 0.95
N ASN C 113 -1.81 5.07 1.40
CA ASN C 113 -2.24 5.00 2.77
C ASN C 113 -2.65 6.37 3.27
N PRO C 114 -3.56 7.07 2.52
CA PRO C 114 -4.11 8.33 3.00
C PRO C 114 -4.74 8.24 4.36
N GLY C 115 -4.72 9.35 5.08
CA GLY C 115 -5.48 9.41 6.29
C GLY C 115 -6.96 9.48 5.93
N ILE C 116 -7.77 8.77 6.71
CA ILE C 116 -9.23 8.73 6.49
C ILE C 116 -9.77 8.71 7.88
N ASP C 117 -10.55 9.72 8.21
CA ASP C 117 -11.24 9.85 9.47
C ASP C 117 -12.50 10.74 9.28
N PHE C 118 -13.59 10.10 8.91
CA PHE C 118 -14.87 10.77 8.74
C PHE C 118 -16.01 9.87 9.24
N VAL C 119 -17.22 10.46 9.30
CA VAL C 119 -18.41 9.77 9.75
C VAL C 119 -19.54 10.17 8.75
N VAL C 120 -20.30 9.19 8.31
CA VAL C 120 -21.51 9.44 7.44
C VAL C 120 -22.73 9.31 8.27
N VAL C 121 -23.58 10.30 8.20
CA VAL C 121 -24.88 10.24 8.78
C VAL C 121 -25.85 10.11 7.63
N ARG C 122 -26.52 8.95 7.58
CA ARG C 122 -27.43 8.59 6.48
C ARG C 122 -28.84 8.64 6.98
N GLU C 123 -29.70 9.42 6.33
CA GLU C 123 -31.12 9.34 6.61
C GLU C 123 -31.60 7.87 6.39
N GLY C 124 -32.37 7.28 7.31
CA GLY C 124 -32.66 5.84 7.20
C GLY C 124 -34.12 5.54 7.02
N THR C 125 -35.03 6.54 6.98
CA THR C 125 -36.46 6.24 6.95
C THR C 125 -37.28 6.62 5.69
N GLU C 126 -36.76 7.48 4.82
CA GLU C 126 -37.58 7.93 3.74
C GLU C 126 -36.81 7.81 2.45
N GLY C 127 -37.11 8.67 1.52
CA GLY C 127 -36.24 8.81 0.35
C GLY C 127 -36.69 7.75 -0.60
N PRO C 128 -35.81 7.36 -1.53
CA PRO C 128 -36.08 6.34 -2.51
C PRO C 128 -36.41 4.97 -2.03
N TYR C 129 -36.21 4.72 -0.74
CA TYR C 129 -36.26 3.36 -0.19
C TYR C 129 -37.53 3.10 0.65
N THR C 130 -38.67 3.62 0.26
CA THR C 130 -39.92 3.37 1.03
C THR C 130 -40.87 2.30 0.47
N GLY C 131 -40.56 1.78 -0.72
CA GLY C 131 -41.51 0.89 -1.44
C GLY C 131 -42.59 1.64 -2.22
N ASN C 132 -42.56 2.97 -2.27
CA ASN C 132 -43.58 3.75 -2.95
C ASN C 132 -43.45 3.73 -4.50
N GLY C 133 -44.47 3.32 -5.20
CA GLY C 133 -44.43 3.22 -6.65
C GLY C 133 -45.35 2.10 -7.14
N GLY C 134 -44.97 1.47 -8.26
CA GLY C 134 -45.87 0.52 -8.91
C GLY C 134 -45.53 0.30 -10.35
N ALA C 135 -46.37 -0.46 -11.05
CA ALA C 135 -46.15 -0.81 -12.47
C ALA C 135 -47.46 -1.04 -13.11
N ILE C 136 -47.47 -0.85 -14.45
CA ILE C 136 -48.57 -1.22 -15.34
C ILE C 136 -48.02 -2.07 -16.50
N ARG C 137 -48.89 -2.85 -17.11
CA ARG C 137 -48.58 -3.75 -18.25
C ARG C 137 -47.34 -4.59 -18.06
N VAL C 138 -47.19 -5.13 -16.87
CA VAL C 138 -46.06 -5.91 -16.51
C VAL C 138 -45.99 -7.14 -17.42
N GLY C 139 -44.80 -7.43 -17.90
CA GLY C 139 -44.57 -8.67 -18.64
C GLY C 139 -44.69 -8.52 -20.12
N THR C 140 -44.87 -7.27 -20.56
CA THR C 140 -45.09 -6.91 -21.93
C THR C 140 -44.10 -5.80 -22.36
N PRO C 141 -43.98 -5.54 -23.67
CA PRO C 141 -43.21 -4.42 -24.19
C PRO C 141 -43.72 -3.09 -23.70
N ASN C 142 -44.91 -3.09 -23.08
CA ASN C 142 -45.55 -1.86 -22.69
C ASN C 142 -45.39 -1.58 -21.22
N GLU C 143 -44.62 -2.43 -20.50
CA GLU C 143 -44.46 -2.29 -19.04
C GLU C 143 -43.88 -0.93 -18.74
N VAL C 144 -44.49 -0.27 -17.77
CA VAL C 144 -43.92 0.96 -17.16
C VAL C 144 -43.90 0.84 -15.65
N ALA C 145 -42.73 1.02 -15.06
CA ALA C 145 -42.54 0.87 -13.60
C ALA C 145 -42.05 2.17 -12.97
N THR C 146 -42.70 2.60 -11.91
CA THR C 146 -42.32 3.89 -11.21
C THR C 146 -41.86 3.64 -9.78
N GLU C 147 -40.82 4.36 -9.37
CA GLU C 147 -40.33 4.34 -8.00
C GLU C 147 -40.36 5.78 -7.58
N VAL C 148 -41.04 6.03 -6.48
CA VAL C 148 -41.19 7.34 -5.94
C VAL C 148 -40.35 7.55 -4.67
N SER C 149 -39.46 8.55 -4.70
CA SER C 149 -38.72 8.98 -3.59
C SER C 149 -39.49 10.09 -2.84
N VAL C 150 -39.84 9.82 -1.56
CA VAL C 150 -40.58 10.73 -0.71
C VAL C 150 -39.61 11.34 0.27
N ASN C 151 -39.56 12.66 0.26
CA ASN C 151 -38.64 13.40 1.05
C ASN C 151 -39.40 14.48 1.86
N THR C 152 -39.12 14.59 3.15
CA THR C 152 -39.85 15.51 4.04
C THR C 152 -38.96 16.40 4.88
N ALA C 153 -39.42 17.61 5.16
CA ALA C 153 -38.67 18.52 6.02
C ALA C 153 -38.47 17.86 7.42
N PHE C 154 -39.54 17.28 7.92
CA PHE C 154 -39.59 16.47 9.13
C PHE C 154 -38.43 15.49 9.20
N GLY C 155 -38.36 14.61 8.19
CA GLY C 155 -37.30 13.59 8.18
C GLY C 155 -35.93 14.18 7.87
N VAL C 156 -35.86 15.15 6.97
CA VAL C 156 -34.56 15.69 6.63
C VAL C 156 -33.97 16.49 7.83
N ARG C 157 -34.77 17.33 8.48
CA ARG C 157 -34.21 18.24 9.50
C ARG C 157 -33.64 17.44 10.65
N ARG C 158 -34.30 16.37 11.04
CA ARG C 158 -33.82 15.61 12.19
C ARG C 158 -32.45 14.97 11.94
N VAL C 159 -32.16 14.62 10.68
CA VAL C 159 -30.91 14.02 10.33
C VAL C 159 -29.85 15.06 10.15
N VAL C 160 -30.21 16.14 9.49
CA VAL C 160 -29.28 17.23 9.35
C VAL C 160 -28.80 17.76 10.75
N ALA C 161 -29.72 17.90 11.69
CA ALA C 161 -29.37 18.57 12.95
C ALA C 161 -28.43 17.63 13.73
N ASP C 162 -28.80 16.36 13.72
CA ASP C 162 -27.86 15.36 14.27
C ASP C 162 -26.48 15.47 13.63
N ALA C 163 -26.41 15.60 12.31
CA ALA C 163 -25.12 15.68 11.66
C ALA C 163 -24.30 16.92 12.05
N PHE C 164 -24.99 18.05 12.19
CA PHE C 164 -24.33 19.27 12.66
C PHE C 164 -23.73 19.11 14.10
N GLU C 165 -24.49 18.46 14.96
CA GLU C 165 -24.04 18.08 16.32
C GLU C 165 -22.79 17.29 16.25
N ARG C 166 -22.73 16.31 15.33
CA ARG C 166 -21.56 15.49 15.23
C ARG C 166 -20.42 16.26 14.66
N ALA C 167 -20.64 17.09 13.65
CA ALA C 167 -19.57 17.97 13.13
C ALA C 167 -18.95 18.91 14.23
N ARG C 168 -19.80 19.49 15.05
CA ARG C 168 -19.37 20.39 16.13
C ARG C 168 -18.50 19.64 17.14
N ARG C 169 -18.82 18.38 17.37
N ARG C 169 -18.79 18.37 17.39
CA ARG C 169 -18.10 17.56 18.31
CA ARG C 169 -17.97 17.55 18.29
C ARG C 169 -16.86 16.90 17.69
C ARG C 169 -16.65 17.13 17.70
N ARG C 170 -16.59 17.12 16.38
CA ARG C 170 -15.43 16.58 15.70
C ARG C 170 -14.62 17.73 15.16
N ARG C 171 -14.49 17.84 13.84
CA ARG C 171 -13.63 18.88 13.28
C ARG C 171 -14.41 20.03 12.70
N LYS C 172 -15.67 20.16 13.11
CA LYS C 172 -16.48 21.27 12.69
C LYS C 172 -16.50 21.46 11.15
N HIS C 173 -16.66 20.35 10.42
CA HIS C 173 -16.89 20.42 8.96
C HIS C 173 -17.96 19.40 8.54
N LEU C 174 -18.94 19.90 7.79
CA LEU C 174 -20.10 19.12 7.33
C LEU C 174 -20.16 19.22 5.82
N THR C 175 -20.27 18.05 5.17
CA THR C 175 -20.49 17.99 3.72
C THR C 175 -21.78 17.32 3.46
N LEU C 176 -22.70 18.06 2.81
CA LEU C 176 -23.94 17.52 2.29
C LEU C 176 -23.56 16.89 0.97
N VAL C 177 -23.99 15.65 0.78
CA VAL C 177 -23.80 14.89 -0.47
C VAL C 177 -25.15 14.56 -1.05
N HIS C 178 -25.43 15.10 -2.25
CA HIS C 178 -26.73 14.81 -2.94
C HIS C 178 -26.52 14.94 -4.46
N LYS C 179 -27.57 15.29 -5.18
CA LYS C 179 -27.48 15.51 -6.60
C LYS C 179 -28.48 16.61 -6.94
N THR C 180 -28.20 17.81 -6.44
CA THR C 180 -29.16 18.89 -6.45
C THR C 180 -29.46 19.41 -7.88
N ASN C 181 -28.56 19.15 -8.85
CA ASN C 181 -28.73 19.60 -10.21
C ASN C 181 -29.78 18.84 -11.01
N VAL C 182 -30.09 17.62 -10.60
CA VAL C 182 -31.04 16.81 -11.32
C VAL C 182 -32.14 16.27 -10.46
N LEU C 183 -31.89 16.03 -9.19
CA LEU C 183 -33.02 15.93 -8.25
C LEU C 183 -33.35 17.27 -7.58
N THR C 184 -34.10 18.13 -8.27
CA THR C 184 -34.12 19.53 -7.87
C THR C 184 -35.09 19.77 -6.71
N PHE C 185 -36.11 18.90 -6.57
CA PHE C 185 -37.02 19.06 -5.48
C PHE C 185 -36.42 18.47 -4.17
N ALA C 186 -36.07 17.18 -4.15
CA ALA C 186 -35.39 16.60 -2.97
C ALA C 186 -34.07 17.24 -2.63
N GLY C 187 -33.28 17.47 -3.64
CA GLY C 187 -32.05 18.26 -3.55
C GLY C 187 -32.20 19.66 -2.96
N GLY C 188 -33.19 20.42 -3.42
CA GLY C 188 -33.47 21.75 -2.93
C GLY C 188 -33.86 21.69 -1.46
N LEU C 189 -34.67 20.72 -1.11
CA LEU C 189 -35.05 20.48 0.28
C LEU C 189 -33.83 20.24 1.19
N TRP C 190 -32.96 19.32 0.79
CA TRP C 190 -31.69 19.02 1.45
C TRP C 190 -30.76 20.23 1.65
N LEU C 191 -30.43 20.89 0.56
CA LEU C 191 -29.64 22.11 0.60
C LEU C 191 -30.20 23.18 1.51
N ARG C 192 -31.48 23.46 1.40
CA ARG C 192 -32.11 24.53 2.26
C ARG C 192 -32.19 24.17 3.74
N THR C 193 -32.43 22.89 4.00
CA THR C 193 -32.44 22.38 5.35
C THR C 193 -31.07 22.55 5.99
N VAL C 194 -30.02 22.16 5.27
CA VAL C 194 -28.68 22.26 5.74
C VAL C 194 -28.28 23.74 5.95
N ASP C 195 -28.57 24.57 4.97
CA ASP C 195 -28.40 26.05 5.18
C ASP C 195 -29.18 26.62 6.37
N GLU C 196 -30.45 26.28 6.53
CA GLU C 196 -31.26 26.75 7.64
C GLU C 196 -30.73 26.21 9.02
N VAL C 197 -30.51 24.90 9.15
CA VAL C 197 -30.02 24.37 10.41
C VAL C 197 -28.63 24.92 10.73
N GLY C 198 -27.82 25.12 9.70
CA GLY C 198 -26.50 25.66 9.84
C GLY C 198 -26.45 27.08 10.44
N GLU C 199 -27.59 27.74 10.52
CA GLU C 199 -27.62 29.06 11.09
C GLU C 199 -27.38 28.91 12.58
N CYS C 200 -27.71 27.76 13.17
CA CYS C 200 -27.37 27.50 14.58
C CYS C 200 -25.94 26.97 14.85
N TYR C 201 -25.11 26.85 13.82
CA TYR C 201 -23.78 26.28 13.88
C TYR C 201 -22.79 27.15 13.14
N PRO C 202 -22.61 28.41 13.59
CA PRO C 202 -21.61 29.26 12.95
C PRO C 202 -20.19 28.72 13.09
N ASP C 203 -19.99 27.84 14.03
CA ASP C 203 -18.73 27.15 14.26
C ASP C 203 -18.39 26.05 13.23
N VAL C 204 -19.40 25.63 12.46
CA VAL C 204 -19.21 24.51 11.49
C VAL C 204 -19.14 25.04 10.06
N GLU C 205 -18.05 24.72 9.38
CA GLU C 205 -17.91 24.88 7.97
C GLU C 205 -18.80 23.89 7.16
N VAL C 206 -19.63 24.45 6.27
CA VAL C 206 -20.49 23.65 5.36
C VAL C 206 -19.98 23.60 3.94
N ALA C 207 -19.81 22.37 3.43
CA ALA C 207 -19.57 22.15 2.02
C ALA C 207 -20.65 21.28 1.33
N TYR C 208 -20.67 21.36 -0.01
CA TYR C 208 -21.66 20.57 -0.83
C TYR C 208 -20.87 19.83 -1.91
N GLN C 209 -21.21 18.54 -2.12
CA GLN C 209 -20.70 17.77 -3.26
C GLN C 209 -21.79 16.91 -3.83
N HIS C 210 -21.83 16.81 -5.16
CA HIS C 210 -22.66 15.83 -5.83
C HIS C 210 -22.11 14.43 -5.55
N VAL C 211 -23.00 13.46 -5.47
CA VAL C 211 -22.61 12.09 -5.07
C VAL C 211 -21.52 11.50 -5.98
N ASP C 212 -21.59 11.77 -7.28
CA ASP C 212 -20.57 11.25 -8.20
C ASP C 212 -19.16 11.85 -7.94
N ALA C 213 -19.10 13.15 -7.67
CA ALA C 213 -17.87 13.77 -7.26
C ALA C 213 -17.36 13.27 -5.90
N ALA C 214 -18.26 13.15 -4.95
CA ALA C 214 -17.91 12.66 -3.61
C ALA C 214 -17.37 11.26 -3.71
N THR C 215 -18.00 10.46 -4.58
CA THR C 215 -17.54 9.08 -4.88
C THR C 215 -16.05 9.04 -5.29
N ILE C 216 -15.74 9.89 -6.27
CA ILE C 216 -14.38 9.99 -6.84
C ILE C 216 -13.42 10.37 -5.68
N HIS C 217 -13.83 11.35 -4.86
CA HIS C 217 -13.02 11.79 -3.76
C HIS C 217 -12.76 10.78 -2.65
N MET C 218 -13.71 9.91 -2.44
CA MET C 218 -13.48 8.82 -1.55
C MET C 218 -12.30 7.98 -1.97
N ILE C 219 -12.08 7.84 -3.27
CA ILE C 219 -10.93 7.18 -3.81
C ILE C 219 -9.72 8.09 -3.77
N THR C 220 -9.82 9.32 -4.29
CA THR C 220 -8.64 10.12 -4.59
C THR C 220 -8.34 11.13 -3.53
N ASP C 221 -9.28 11.45 -2.65
CA ASP C 221 -9.03 12.38 -1.55
C ASP C 221 -9.85 12.23 -0.30
N PRO C 222 -9.86 11.00 0.32
CA PRO C 222 -10.75 10.79 1.44
C PRO C 222 -10.49 11.63 2.70
N GLY C 223 -9.28 12.20 2.78
CA GLY C 223 -8.92 13.03 3.88
C GLY C 223 -9.72 14.30 4.01
N ARG C 224 -10.44 14.71 2.94
CA ARG C 224 -11.27 15.97 2.97
C ARG C 224 -12.54 15.97 3.76
N PHE C 225 -13.01 14.78 4.16
CA PHE C 225 -14.28 14.66 4.82
C PHE C 225 -14.08 14.59 6.32
N ASP C 226 -15.00 15.22 7.02
CA ASP C 226 -15.16 15.09 8.44
C ASP C 226 -16.51 14.44 8.75
N VAL C 227 -17.61 15.18 8.74
CA VAL C 227 -18.93 14.59 8.80
C VAL C 227 -19.56 14.76 7.40
N ILE C 228 -20.08 13.66 6.86
CA ILE C 228 -21.00 13.68 5.64
C ILE C 228 -22.43 13.41 6.03
N VAL C 229 -23.35 14.20 5.51
CA VAL C 229 -24.73 13.94 5.71
C VAL C 229 -25.37 13.69 4.35
N THR C 230 -26.21 12.67 4.24
CA THR C 230 -26.84 12.32 2.95
C THR C 230 -28.13 11.57 3.16
N ASP C 231 -28.83 11.31 2.05
CA ASP C 231 -30.10 10.70 2.06
C ASP C 231 -29.99 9.15 2.04
N ASN C 232 -31.10 8.47 2.07
CA ASN C 232 -31.15 7.02 2.33
C ASN C 232 -30.40 6.24 1.19
N LEU C 233 -30.65 6.59 -0.05
CA LEU C 233 -30.11 5.80 -1.19
C LEU C 233 -28.64 6.10 -1.41
N PHE C 234 -28.28 7.39 -1.53
CA PHE C 234 -26.89 7.71 -1.74
C PHE C 234 -26.05 7.26 -0.52
N GLY C 235 -26.61 7.33 0.68
CA GLY C 235 -25.89 6.94 1.86
C GLY C 235 -25.69 5.42 1.90
N ASP C 236 -26.60 4.69 1.28
CA ASP C 236 -26.48 3.19 1.15
C ASP C 236 -25.18 2.87 0.42
N ILE C 237 -24.96 3.66 -0.65
CA ILE C 237 -23.79 3.46 -1.48
C ILE C 237 -22.56 4.05 -0.80
N ILE C 238 -22.55 5.33 -0.39
CA ILE C 238 -21.29 5.88 0.07
C ILE C 238 -20.79 5.27 1.38
N THR C 239 -21.67 4.78 2.25
CA THR C 239 -21.19 4.09 3.47
C THR C 239 -20.45 2.80 3.18
N ASP C 240 -20.83 2.12 2.11
CA ASP C 240 -20.11 0.91 1.74
C ASP C 240 -18.81 1.24 1.08
N LEU C 241 -18.82 2.22 0.19
CA LEU C 241 -17.59 2.74 -0.36
C LEU C 241 -16.55 3.11 0.73
N ALA C 242 -17.05 3.83 1.72
CA ALA C 242 -16.29 4.28 2.83
C ALA C 242 -15.69 3.10 3.58
N ALA C 243 -16.51 2.07 3.81
CA ALA C 243 -16.00 0.90 4.50
C ALA C 243 -14.88 0.25 3.68
N ALA C 244 -15.11 0.14 2.37
CA ALA C 244 -14.12 -0.47 1.50
C ALA C 244 -12.70 0.18 1.58
N VAL C 245 -12.63 1.51 1.36
CA VAL C 245 -11.37 2.21 1.42
C VAL C 245 -10.71 2.22 2.85
N CYS C 246 -11.50 1.99 3.90
CA CYS C 246 -10.97 1.95 5.27
C CYS C 246 -10.58 0.50 5.72
N GLY C 247 -10.49 -0.43 4.77
CA GLY C 247 -10.06 -1.81 5.04
C GLY C 247 -11.15 -2.88 5.11
N GLY C 248 -12.41 -2.48 5.01
CA GLY C 248 -13.48 -3.40 4.65
C GLY C 248 -14.62 -3.32 5.62
N ILE C 249 -15.78 -3.73 5.11
CA ILE C 249 -17.02 -3.96 5.90
C ILE C 249 -16.75 -4.80 7.16
N GLY C 250 -15.78 -5.70 7.07
CA GLY C 250 -15.38 -6.54 8.24
C GLY C 250 -14.74 -5.81 9.40
N LEU C 251 -14.38 -4.55 9.24
CA LEU C 251 -13.91 -3.72 10.34
C LEU C 251 -14.79 -2.49 10.57
N ALA C 252 -16.02 -2.54 10.07
CA ALA C 252 -16.96 -1.43 10.15
C ALA C 252 -18.05 -1.64 11.20
N ALA C 253 -18.35 -0.59 11.94
CA ALA C 253 -19.40 -0.54 12.93
C ALA C 253 -20.52 0.41 12.49
N SER C 254 -21.70 0.21 13.07
CA SER C 254 -22.91 0.93 12.73
C SER C 254 -23.75 1.27 13.96
N GLY C 255 -24.41 2.41 13.87
CA GLY C 255 -25.47 2.79 14.81
C GLY C 255 -26.74 3.10 14.03
N ASN C 256 -27.86 2.66 14.55
CA ASN C 256 -29.15 3.00 14.08
C ASN C 256 -29.86 3.75 15.23
N ILE C 257 -30.12 5.04 15.04
CA ILE C 257 -30.36 5.91 16.21
C ILE C 257 -31.66 6.63 16.09
N ASP C 258 -32.41 6.67 17.18
CA ASP C 258 -33.52 7.57 17.39
C ASP C 258 -32.98 8.74 18.20
N ALA C 259 -32.81 9.89 17.59
CA ALA C 259 -32.08 10.92 18.25
C ALA C 259 -32.95 11.65 19.31
N THR C 260 -34.26 11.44 19.30
CA THR C 260 -35.14 11.93 20.38
C THR C 260 -34.95 11.13 21.67
N ARG C 261 -34.29 9.99 21.54
CA ARG C 261 -34.02 9.09 22.62
C ARG C 261 -35.23 8.44 23.27
N ALA C 262 -36.42 8.72 22.77
CA ALA C 262 -37.60 8.07 23.29
C ALA C 262 -37.53 6.55 23.12
N ASN C 263 -37.03 6.10 21.97
CA ASN C 263 -36.74 4.67 21.73
C ASN C 263 -35.24 4.38 21.81
N PRO C 264 -34.92 3.14 22.19
CA PRO C 264 -33.52 2.79 22.37
C PRO C 264 -32.85 2.72 21.00
N SER C 265 -31.60 3.16 20.89
CA SER C 265 -30.82 2.95 19.67
C SER C 265 -30.13 1.59 19.65
N MET C 266 -29.72 1.20 18.44
CA MET C 266 -29.14 -0.11 18.18
C MET C 266 -27.82 -0.03 17.49
N PHE C 267 -26.88 -0.79 17.98
CA PHE C 267 -25.52 -0.73 17.51
C PHE C 267 -25.06 -2.09 17.12
N GLU C 268 -24.30 -2.18 16.06
CA GLU C 268 -23.91 -3.48 15.50
C GLU C 268 -22.70 -3.37 14.61
N PRO C 269 -21.97 -4.47 14.44
CA PRO C 269 -20.98 -4.55 13.39
C PRO C 269 -21.73 -4.54 12.04
N VAL C 270 -21.13 -4.00 11.01
CA VAL C 270 -21.81 -3.97 9.70
C VAL C 270 -21.83 -5.35 9.02
N HIS C 271 -20.84 -6.19 9.28
CA HIS C 271 -20.74 -7.55 8.67
C HIS C 271 -21.97 -8.40 8.96
N GLY C 272 -22.24 -9.32 8.03
CA GLY C 272 -23.35 -10.24 8.22
C GLY C 272 -23.00 -11.41 9.14
N SER C 273 -23.92 -12.39 9.16
CA SER C 273 -23.84 -13.56 10.05
C SER C 273 -22.81 -14.62 9.61
N ALA C 274 -22.30 -14.52 8.38
CA ALA C 274 -21.18 -15.34 7.86
C ALA C 274 -21.21 -16.84 8.32
N PRO C 275 -22.30 -17.53 7.98
CA PRO C 275 -22.47 -18.96 8.31
C PRO C 275 -21.22 -19.82 8.07
N ASP C 276 -20.52 -19.63 6.94
CA ASP C 276 -19.31 -20.42 6.57
C ASP C 276 -18.19 -20.58 7.60
N ILE C 277 -18.05 -19.59 8.47
CA ILE C 277 -17.02 -19.62 9.49
C ILE C 277 -17.58 -19.64 10.92
N ALA C 278 -18.89 -19.77 11.08
CA ALA C 278 -19.46 -19.88 12.41
C ALA C 278 -18.86 -21.02 13.26
N GLY C 279 -18.31 -20.67 14.44
CA GLY C 279 -17.83 -21.64 15.42
C GLY C 279 -16.35 -21.96 15.32
N GLN C 280 -15.69 -21.37 14.34
CA GLN C 280 -14.35 -21.78 14.00
C GLN C 280 -13.22 -20.89 14.54
N GLY C 281 -13.58 -19.86 15.32
CA GLY C 281 -12.60 -18.82 15.78
C GLY C 281 -11.87 -18.05 14.68
N ILE C 282 -12.52 -17.87 13.56
CA ILE C 282 -11.96 -17.10 12.48
C ILE C 282 -12.46 -15.64 12.57
N ALA C 283 -13.68 -15.47 13.07
CA ALA C 283 -14.39 -14.21 12.97
C ALA C 283 -13.66 -13.18 13.80
N ASP C 284 -13.32 -12.06 13.18
CA ASP C 284 -12.75 -10.94 13.89
C ASP C 284 -13.83 -10.15 14.64
N PRO C 285 -13.73 -10.09 15.97
CA PRO C 285 -14.75 -9.37 16.73
C PRO C 285 -14.48 -7.84 16.84
N THR C 286 -13.46 -7.33 16.20
CA THR C 286 -13.08 -5.91 16.36
C THR C 286 -14.26 -4.95 16.04
N ALA C 287 -14.99 -5.25 14.96
CA ALA C 287 -16.12 -4.38 14.56
C ALA C 287 -17.23 -4.41 15.58
N ALA C 288 -17.53 -5.58 16.17
CA ALA C 288 -18.56 -5.59 17.20
C ALA C 288 -18.15 -4.76 18.43
N ILE C 289 -16.84 -4.77 18.70
CA ILE C 289 -16.32 -4.10 19.87
C ILE C 289 -16.39 -2.60 19.64
N MET C 290 -15.99 -2.20 18.44
CA MET C 290 -16.21 -0.82 17.91
C MET C 290 -17.64 -0.36 18.03
N SER C 291 -18.58 -1.26 17.72
CA SER C 291 -19.97 -0.92 17.88
C SER C 291 -20.34 -0.62 19.36
N VAL C 292 -19.66 -1.29 20.28
CA VAL C 292 -19.88 -1.00 21.72
C VAL C 292 -19.42 0.40 22.05
N ALA C 293 -18.29 0.80 21.51
CA ALA C 293 -17.81 2.17 21.69
C ALA C 293 -18.88 3.18 21.27
N LEU C 294 -19.53 2.91 20.11
CA LEU C 294 -20.55 3.80 19.56
C LEU C 294 -21.68 3.88 20.52
N LEU C 295 -22.11 2.72 21.04
CA LEU C 295 -23.20 2.62 22.00
C LEU C 295 -23.02 3.43 23.29
N LEU C 296 -21.81 3.33 23.82
CA LEU C 296 -21.45 3.93 25.10
C LEU C 296 -21.39 5.45 24.91
N SER C 297 -20.78 5.85 23.82
CA SER C 297 -20.84 7.23 23.45
C SER C 297 -22.29 7.72 23.41
N HIS C 298 -23.11 7.02 22.69
CA HIS C 298 -24.47 7.44 22.53
C HIS C 298 -25.07 7.65 23.92
N LEU C 299 -24.83 6.70 24.84
CA LEU C 299 -25.37 6.78 26.18
C LEU C 299 -24.63 7.75 27.12
N GLY C 300 -23.55 8.34 26.65
CA GLY C 300 -22.87 9.41 27.40
C GLY C 300 -21.77 8.88 28.28
N GLU C 301 -21.52 7.57 28.18
CA GLU C 301 -20.44 6.94 28.87
C GLU C 301 -19.16 7.20 28.13
N HIS C 302 -18.80 8.47 27.99
CA HIS C 302 -17.65 8.85 27.14
C HIS C 302 -16.30 8.39 27.62
N ASP C 303 -16.21 8.17 28.93
CA ASP C 303 -15.01 7.68 29.56
C ASP C 303 -14.82 6.22 29.09
N ALA C 304 -15.82 5.39 29.26
CA ALA C 304 -15.69 4.00 28.79
C ALA C 304 -15.45 3.94 27.29
N ALA C 305 -16.23 4.74 26.53
CA ALA C 305 -16.11 4.74 25.09
C ALA C 305 -14.71 5.05 24.60
N ALA C 306 -14.03 5.98 25.26
CA ALA C 306 -12.70 6.33 24.84
C ALA C 306 -11.73 5.24 25.21
N ARG C 307 -11.95 4.59 26.34
CA ARG C 307 -11.10 3.46 26.72
C ARG C 307 -11.24 2.34 25.67
N VAL C 308 -12.46 2.03 25.26
CA VAL C 308 -12.61 1.05 24.13
C VAL C 308 -11.89 1.48 22.84
N ASP C 309 -12.06 2.76 22.44
CA ASP C 309 -11.40 3.26 21.20
C ASP C 309 -9.90 3.04 21.26
N ARG C 310 -9.26 3.46 22.35
CA ARG C 310 -7.81 3.21 22.46
C ARG C 310 -7.41 1.74 22.41
N ALA C 311 -8.23 0.87 23.05
CA ALA C 311 -7.86 -0.58 23.05
C ALA C 311 -7.99 -1.20 21.66
N VAL C 312 -9.04 -0.82 20.93
CA VAL C 312 -9.16 -1.22 19.49
C VAL C 312 -7.95 -0.73 18.72
N GLU C 313 -7.60 0.56 18.88
CA GLU C 313 -6.50 1.16 18.17
C GLU C 313 -5.19 0.41 18.48
N ALA C 314 -4.95 0.15 19.76
CA ALA C 314 -3.75 -0.63 20.13
C ALA C 314 -3.70 -2.02 19.47
N HIS C 315 -4.80 -2.75 19.56
CA HIS C 315 -4.86 -4.09 19.01
C HIS C 315 -4.51 -4.09 17.54
N LEU C 316 -5.03 -3.11 16.79
CA LEU C 316 -4.84 -3.09 15.35
C LEU C 316 -3.40 -2.69 14.99
N ALA C 317 -2.86 -1.71 15.73
CA ALA C 317 -1.45 -1.32 15.58
C ALA C 317 -0.50 -2.48 15.86
N THR C 318 -0.87 -3.39 16.76
CA THR C 318 0.07 -4.45 17.21
C THR C 318 -0.25 -5.90 16.76
N ARG C 319 -1.39 -6.12 16.13
CA ARG C 319 -1.76 -7.48 15.75
C ARG C 319 -0.73 -8.08 14.82
N GLY C 320 -0.33 -7.35 13.79
CA GLY C 320 0.59 -7.88 12.78
C GLY C 320 0.14 -9.18 12.13
N SER C 321 0.90 -9.63 11.12
CA SER C 321 0.38 -10.57 10.11
C SER C 321 -0.14 -11.90 10.63
N GLU C 322 0.27 -12.30 11.82
CA GLU C 322 -0.30 -13.48 12.46
C GLU C 322 -1.82 -13.32 12.53
N ARG C 323 -2.54 -14.27 11.94
CA ARG C 323 -4.00 -14.27 12.09
C ARG C 323 -4.35 -14.89 13.45
N LEU C 324 -5.14 -14.14 14.22
CA LEU C 324 -5.52 -14.48 15.59
C LEU C 324 -6.89 -15.13 15.62
N ALA C 325 -7.16 -15.83 16.71
CA ALA C 325 -8.48 -16.35 16.96
C ALA C 325 -9.37 -15.27 17.51
N THR C 326 -10.67 -15.48 17.36
CA THR C 326 -11.69 -14.58 17.86
C THR C 326 -11.49 -14.22 19.31
N SER C 327 -11.29 -15.22 20.20
CA SER C 327 -11.17 -14.98 21.63
C SER C 327 -9.87 -14.27 22.03
N ASP C 328 -8.81 -14.57 21.29
CA ASP C 328 -7.51 -13.91 21.37
C ASP C 328 -7.59 -12.40 21.06
N VAL C 329 -8.24 -12.02 19.93
CA VAL C 329 -8.46 -10.61 19.60
C VAL C 329 -9.22 -9.98 20.74
N GLY C 330 -10.32 -10.57 21.16
CA GLY C 330 -11.06 -10.01 22.28
C GLY C 330 -10.27 -9.84 23.56
N GLU C 331 -9.43 -10.81 23.89
CA GLU C 331 -8.63 -10.71 25.14
C GLU C 331 -7.55 -9.62 25.00
N ARG C 332 -6.85 -9.62 23.89
CA ARG C 332 -5.93 -8.52 23.60
C ARG C 332 -6.57 -7.15 23.81
N ILE C 333 -7.82 -7.03 23.36
CA ILE C 333 -8.45 -5.75 23.40
C ILE C 333 -8.78 -5.47 24.87
N ALA C 334 -9.41 -6.43 25.51
CA ALA C 334 -9.71 -6.30 26.96
C ALA C 334 -8.48 -5.93 27.82
N ALA C 335 -7.31 -6.45 27.42
CA ALA C 335 -6.05 -6.22 28.13
C ALA C 335 -5.64 -4.74 28.12
N ALA C 336 -5.93 -4.05 27.00
CA ALA C 336 -5.49 -2.67 26.81
C ALA C 336 -6.54 -1.62 27.18
N LEU C 337 -7.50 -2.01 28.01
CA LEU C 337 -8.51 -1.09 28.51
C LEU C 337 -8.00 -0.24 29.68
N MET D 1 -18.30 7.72 -41.86
CA MET D 1 -17.97 9.18 -41.77
C MET D 1 -18.21 9.90 -43.10
N SER D 2 -18.17 11.23 -42.99
CA SER D 2 -18.35 12.19 -44.10
C SER D 2 -18.59 13.52 -43.42
N LYS D 3 -19.49 13.55 -42.44
CA LYS D 3 -19.94 14.78 -41.76
C LYS D 3 -19.94 14.70 -40.20
N LEU D 4 -19.27 15.65 -39.57
CA LEU D 4 -19.07 15.66 -38.13
C LEU D 4 -19.49 17.00 -37.60
N ALA D 5 -20.34 17.01 -36.57
CA ALA D 5 -20.66 18.24 -35.87
C ALA D 5 -19.76 18.25 -34.68
N ILE D 6 -19.32 19.45 -34.34
CA ILE D 6 -18.37 19.62 -33.31
C ILE D 6 -18.91 20.62 -32.35
N ILE D 7 -18.90 20.28 -31.06
CA ILE D 7 -19.34 21.21 -30.02
C ILE D 7 -18.21 21.30 -29.07
N ALA D 8 -17.27 22.19 -29.38
CA ALA D 8 -16.07 22.28 -28.58
C ALA D 8 -16.40 22.73 -27.18
N GLY D 9 -17.38 23.61 -27.09
CA GLY D 9 -17.86 24.08 -25.81
C GLY D 9 -17.02 25.12 -25.10
N ASP D 10 -16.93 24.97 -23.78
CA ASP D 10 -16.35 25.92 -22.84
C ASP D 10 -15.06 25.44 -22.24
N GLY D 11 -14.28 26.41 -21.71
CA GLY D 11 -13.10 26.17 -20.89
C GLY D 11 -11.98 25.52 -21.70
N ILE D 12 -11.43 24.43 -21.17
CA ILE D 12 -10.50 23.60 -21.93
C ILE D 12 -11.10 22.76 -23.09
N GLY D 13 -12.42 22.75 -23.23
CA GLY D 13 -13.07 21.96 -24.31
C GLY D 13 -12.45 22.17 -25.69
N PRO D 14 -12.35 23.45 -26.13
CA PRO D 14 -11.82 23.71 -27.46
C PRO D 14 -10.37 23.23 -27.67
N GLU D 15 -9.54 23.41 -26.67
CA GLU D 15 -8.15 22.99 -26.68
C GLU D 15 -8.06 21.47 -26.96
N VAL D 16 -8.83 20.70 -26.20
CA VAL D 16 -8.70 19.23 -26.29
C VAL D 16 -9.40 18.78 -27.53
N THR D 17 -10.41 19.52 -27.95
CA THR D 17 -11.18 19.16 -29.13
C THR D 17 -10.31 19.38 -30.38
N ALA D 18 -9.46 20.40 -30.29
CA ALA D 18 -8.54 20.73 -31.44
C ALA D 18 -7.64 19.53 -31.73
N GLU D 19 -7.01 19.07 -30.67
CA GLU D 19 -6.17 17.88 -30.71
C GLU D 19 -6.89 16.58 -31.16
N ALA D 20 -8.13 16.35 -30.67
CA ALA D 20 -8.97 15.24 -31.18
C ALA D 20 -9.26 15.38 -32.66
N VAL D 21 -9.64 16.57 -33.08
CA VAL D 21 -9.98 16.75 -34.49
C VAL D 21 -8.74 16.50 -35.40
N LYS D 22 -7.55 16.92 -34.93
CA LYS D 22 -6.26 16.69 -35.65
C LYS D 22 -5.93 15.19 -35.79
N VAL D 23 -6.07 14.43 -34.70
CA VAL D 23 -5.97 12.96 -34.81
C VAL D 23 -6.97 12.42 -35.81
N LEU D 24 -8.21 12.92 -35.72
CA LEU D 24 -9.29 12.50 -36.60
C LEU D 24 -8.97 12.68 -38.12
N ASP D 25 -8.55 13.89 -38.46
CA ASP D 25 -8.13 14.28 -39.79
C ASP D 25 -6.98 13.42 -40.32
N ALA D 26 -6.08 13.02 -39.44
CA ALA D 26 -4.98 12.11 -39.80
C ALA D 26 -5.39 10.68 -40.12
N VAL D 27 -6.51 10.22 -39.56
CA VAL D 27 -6.88 8.82 -39.77
C VAL D 27 -8.06 8.63 -40.70
N VAL D 28 -8.80 9.68 -40.96
CA VAL D 28 -9.88 9.67 -41.96
C VAL D 28 -9.86 11.03 -42.68
N PRO D 29 -9.39 11.05 -43.96
CA PRO D 29 -9.34 12.32 -44.64
C PRO D 29 -10.67 12.57 -45.34
N GLY D 30 -10.98 13.84 -45.57
CA GLY D 30 -12.17 14.22 -46.30
C GLY D 30 -13.43 14.14 -45.44
N VAL D 31 -13.27 14.41 -44.16
CA VAL D 31 -14.43 14.56 -43.28
C VAL D 31 -14.81 16.03 -43.25
N GLN D 32 -16.06 16.30 -43.63
CA GLN D 32 -16.65 17.64 -43.55
C GLN D 32 -17.10 17.95 -42.13
N LYS D 33 -16.60 19.06 -41.59
CA LYS D 33 -16.80 19.40 -40.20
C LYS D 33 -17.57 20.71 -40.00
N THR D 34 -18.56 20.72 -39.09
CA THR D 34 -19.31 21.94 -38.73
C THR D 34 -19.21 22.29 -37.24
N SER D 35 -18.68 23.46 -36.90
CA SER D 35 -18.65 23.90 -35.50
C SER D 35 -20.00 24.40 -35.12
N TYR D 36 -20.45 24.03 -33.93
CA TYR D 36 -21.57 24.70 -33.27
C TYR D 36 -21.05 25.30 -31.98
N ASP D 37 -21.55 26.49 -31.66
CA ASP D 37 -21.15 27.17 -30.46
C ASP D 37 -22.36 27.06 -29.52
N LEU D 38 -22.18 26.27 -28.46
CA LEU D 38 -23.20 26.08 -27.42
C LEU D 38 -22.41 26.05 -26.13
N GLY D 39 -23.07 26.24 -25.02
CA GLY D 39 -22.42 26.38 -23.73
C GLY D 39 -22.57 27.80 -23.24
N ALA D 40 -21.91 28.10 -22.13
CA ALA D 40 -21.78 29.47 -21.55
C ALA D 40 -21.68 30.67 -22.54
N ARG D 41 -20.73 30.64 -23.48
CA ARG D 41 -20.54 31.77 -24.41
C ARG D 41 -21.83 31.99 -25.24
N ARG D 42 -22.42 30.91 -25.72
CA ARG D 42 -23.68 31.05 -26.44
C ARG D 42 -24.80 31.60 -25.54
N PHE D 43 -24.85 31.11 -24.31
CA PHE D 43 -25.92 31.44 -23.33
C PHE D 43 -25.85 32.93 -22.94
N HIS D 44 -24.63 33.42 -22.80
CA HIS D 44 -24.37 34.80 -22.44
C HIS D 44 -24.65 35.76 -23.60
N ALA D 45 -24.17 35.43 -24.80
CA ALA D 45 -24.44 36.26 -26.00
C ALA D 45 -25.90 36.36 -26.28
N THR D 46 -26.57 35.22 -26.16
CA THR D 46 -27.95 35.05 -26.60
C THR D 46 -28.81 34.58 -25.43
N GLY D 47 -30.07 34.27 -25.68
CA GLY D 47 -30.86 33.56 -24.67
C GLY D 47 -30.46 32.07 -24.55
N GLU D 48 -29.79 31.58 -25.58
CA GLU D 48 -29.95 30.19 -26.02
C GLU D 48 -29.11 29.15 -25.26
N VAL D 49 -29.80 28.16 -24.65
CA VAL D 49 -29.14 27.00 -24.06
C VAL D 49 -29.11 25.87 -25.09
N LEU D 50 -30.27 25.42 -25.57
CA LEU D 50 -30.31 24.45 -26.68
C LEU D 50 -31.56 24.57 -27.55
N PRO D 51 -31.59 25.61 -28.42
CA PRO D 51 -32.61 25.82 -29.43
C PRO D 51 -32.99 24.55 -30.18
N ASP D 52 -34.28 24.30 -30.44
CA ASP D 52 -34.65 23.08 -31.18
C ASP D 52 -34.09 23.06 -32.60
N SER D 53 -33.82 24.26 -33.14
CA SER D 53 -33.28 24.46 -34.50
C SER D 53 -31.93 23.76 -34.58
N VAL D 54 -31.15 24.00 -33.54
CA VAL D 54 -29.86 23.37 -33.41
C VAL D 54 -29.94 21.87 -33.37
N VAL D 55 -30.94 21.32 -32.70
CA VAL D 55 -30.96 19.87 -32.60
C VAL D 55 -31.21 19.28 -34.00
N ALA D 56 -32.08 19.95 -34.77
CA ALA D 56 -32.43 19.50 -36.10
C ALA D 56 -31.22 19.72 -36.99
N GLU D 57 -30.47 20.81 -36.72
CA GLU D 57 -29.21 21.06 -37.41
C GLU D 57 -28.31 19.84 -37.17
N LEU D 58 -28.20 19.42 -35.90
CA LEU D 58 -27.18 18.48 -35.44
C LEU D 58 -27.44 17.10 -35.99
N ARG D 59 -28.70 16.83 -36.33
CA ARG D 59 -29.14 15.57 -36.90
C ARG D 59 -28.61 15.36 -38.29
N ASN D 60 -28.21 16.43 -38.96
CA ASN D 60 -27.71 16.37 -40.38
C ASN D 60 -26.23 15.99 -40.49
N HIS D 61 -25.70 15.30 -39.47
CA HIS D 61 -24.27 14.94 -39.40
C HIS D 61 -24.14 13.50 -39.06
N ASP D 62 -22.94 12.92 -39.22
CA ASP D 62 -22.77 11.48 -38.95
C ASP D 62 -22.61 11.15 -37.45
N ALA D 63 -22.10 12.12 -36.71
CA ALA D 63 -21.78 11.98 -35.31
C ALA D 63 -21.44 13.36 -34.75
N ILE D 64 -21.34 13.44 -33.45
CA ILE D 64 -21.06 14.70 -32.76
C ILE D 64 -19.88 14.42 -31.89
N LEU D 65 -18.93 15.36 -31.90
CA LEU D 65 -17.84 15.39 -30.98
C LEU D 65 -18.04 16.55 -30.04
N LEU D 66 -17.94 16.32 -28.76
CA LEU D 66 -18.15 17.39 -27.81
C LEU D 66 -16.95 17.49 -26.95
N GLY D 67 -16.56 18.72 -26.62
CA GLY D 67 -15.48 18.90 -25.74
C GLY D 67 -15.89 18.93 -24.27
N ALA D 68 -16.32 20.10 -23.83
CA ALA D 68 -16.85 20.25 -22.47
C ALA D 68 -17.74 21.47 -22.38
N ILE D 69 -18.60 21.41 -21.37
CA ILE D 69 -19.61 22.42 -21.11
C ILE D 69 -19.51 22.86 -19.64
N GLY D 70 -19.67 24.17 -19.42
CA GLY D 70 -19.86 24.68 -18.07
C GLY D 70 -18.86 25.75 -17.72
N ASP D 71 -19.34 26.75 -16.98
CA ASP D 71 -18.50 27.87 -16.56
C ASP D 71 -19.06 28.45 -15.25
N PRO D 72 -18.18 28.93 -14.36
CA PRO D 72 -18.71 29.59 -13.15
C PRO D 72 -19.81 30.64 -13.44
N SER D 73 -19.66 31.39 -14.54
CA SER D 73 -20.54 32.54 -14.84
C SER D 73 -21.97 32.18 -15.20
N VAL D 74 -22.30 30.88 -15.20
CA VAL D 74 -23.67 30.44 -15.48
C VAL D 74 -24.29 29.80 -14.26
N PRO D 75 -25.58 30.13 -13.97
CA PRO D 75 -26.20 29.56 -12.75
C PRO D 75 -26.25 28.02 -12.73
N SER D 76 -26.24 27.50 -11.50
CA SER D 76 -26.01 26.08 -11.25
C SER D 76 -27.05 25.31 -12.00
N GLY D 77 -26.62 24.27 -12.70
CA GLY D 77 -27.56 23.24 -13.19
C GLY D 77 -28.23 23.63 -14.47
N VAL D 78 -28.14 24.92 -14.80
CA VAL D 78 -28.74 25.42 -16.04
C VAL D 78 -28.26 24.69 -17.30
N LEU D 79 -26.94 24.57 -17.46
CA LEU D 79 -26.39 23.90 -18.68
C LEU D 79 -26.49 22.36 -18.55
N GLU D 80 -26.31 21.82 -17.35
CA GLU D 80 -26.48 20.37 -17.14
C GLU D 80 -27.88 19.96 -17.64
N ARG D 81 -28.93 20.60 -17.10
CA ARG D 81 -30.27 20.31 -17.58
C ARG D 81 -30.61 20.74 -19.01
N GLY D 82 -30.32 21.98 -19.42
CA GLY D 82 -30.86 22.55 -20.66
C GLY D 82 -30.09 22.19 -21.91
N LEU D 83 -28.81 21.86 -21.71
CA LEU D 83 -27.92 21.48 -22.78
C LEU D 83 -27.58 19.97 -22.83
N LEU D 84 -26.89 19.48 -21.82
CA LEU D 84 -26.31 18.17 -21.81
C LEU D 84 -27.41 17.06 -21.72
N LEU D 85 -28.31 17.16 -20.75
CA LEU D 85 -29.41 16.17 -20.65
C LEU D 85 -30.46 16.33 -21.77
N ARG D 86 -30.80 17.56 -22.17
CA ARG D 86 -31.67 17.78 -23.35
C ARG D 86 -31.19 17.20 -24.68
N LEU D 87 -29.90 17.36 -24.97
CA LEU D 87 -29.31 16.70 -26.14
C LEU D 87 -29.54 15.22 -26.05
N ARG D 88 -29.19 14.66 -24.91
CA ARG D 88 -29.34 13.20 -24.70
C ARG D 88 -30.76 12.74 -24.92
N PHE D 89 -31.73 13.49 -24.36
CA PHE D 89 -33.13 13.12 -24.53
C PHE D 89 -33.63 13.31 -25.98
N GLU D 90 -33.34 14.46 -26.57
CA GLU D 90 -33.78 14.74 -27.98
C GLU D 90 -33.17 13.83 -29.02
N LEU D 91 -31.93 13.43 -28.82
CA LEU D 91 -31.23 12.59 -29.76
C LEU D 91 -31.31 11.09 -29.41
N ASP D 92 -32.16 10.72 -28.45
CA ASP D 92 -32.38 9.36 -28.10
C ASP D 92 -31.09 8.67 -27.78
N HIS D 93 -30.32 9.31 -26.93
CA HIS D 93 -29.00 8.77 -26.57
C HIS D 93 -29.18 7.85 -25.34
N HIS D 94 -29.82 6.70 -25.58
CA HIS D 94 -30.27 5.76 -24.51
C HIS D 94 -29.13 4.87 -24.01
N ILE D 95 -28.03 4.79 -24.79
CA ILE D 95 -26.81 4.17 -24.31
C ILE D 95 -25.75 5.17 -23.94
N ASN D 96 -25.38 5.19 -22.68
CA ASN D 96 -24.17 5.87 -22.24
C ASN D 96 -23.09 4.82 -21.99
N LEU D 97 -22.09 4.82 -22.87
CA LEU D 97 -20.99 3.89 -22.85
C LEU D 97 -19.76 4.48 -22.15
N ARG D 98 -19.27 3.77 -21.16
CA ARG D 98 -18.17 4.26 -20.33
C ARG D 98 -17.16 3.13 -20.14
N PRO D 99 -16.18 3.04 -21.07
CA PRO D 99 -15.09 2.07 -20.91
C PRO D 99 -14.17 2.40 -19.73
N ALA D 100 -13.76 1.38 -18.98
CA ALA D 100 -12.88 1.59 -17.86
C ALA D 100 -11.72 0.59 -18.01
N ARG D 101 -10.67 1.07 -18.65
CA ARG D 101 -9.47 0.29 -18.74
C ARG D 101 -8.31 1.01 -18.07
N LEU D 102 -7.53 0.26 -17.30
CA LEU D 102 -6.31 0.75 -16.71
C LEU D 102 -5.13 0.33 -17.63
N TYR D 103 -4.52 1.32 -18.29
CA TYR D 103 -3.56 1.07 -19.34
C TYR D 103 -2.18 1.04 -18.71
N PRO D 104 -1.24 0.33 -19.33
CA PRO D 104 0.18 0.44 -19.05
C PRO D 104 0.71 1.88 -19.01
N GLY D 105 1.32 2.23 -17.89
CA GLY D 105 1.89 3.56 -17.68
C GLY D 105 0.98 4.56 -17.01
N VAL D 106 -0.24 4.10 -16.69
CA VAL D 106 -1.20 4.87 -15.88
C VAL D 106 -1.23 4.32 -14.46
N ALA D 107 -1.12 5.23 -13.50
CA ALA D 107 -1.13 4.89 -12.07
C ALA D 107 -2.56 4.90 -11.49
N SER D 108 -2.97 3.75 -10.98
CA SER D 108 -4.26 3.61 -10.37
C SER D 108 -4.14 4.12 -8.97
N PRO D 109 -5.22 4.74 -8.46
CA PRO D 109 -5.21 5.02 -7.05
C PRO D 109 -5.38 3.74 -6.24
N LEU D 110 -5.64 2.60 -6.86
CA LEU D 110 -5.71 1.37 -6.10
C LEU D 110 -4.30 0.86 -5.97
N SER D 111 -3.98 0.28 -4.82
CA SER D 111 -2.67 -0.27 -4.59
C SER D 111 -2.57 -1.49 -5.46
N GLY D 112 -1.36 -1.72 -5.98
CA GLY D 112 -1.04 -3.02 -6.60
C GLY D 112 -1.25 -3.16 -8.09
N ASN D 113 -1.32 -2.05 -8.83
CA ASN D 113 -1.57 -2.04 -10.31
C ASN D 113 -2.46 -3.23 -10.76
N PRO D 114 -3.70 -3.30 -10.22
CA PRO D 114 -4.59 -4.42 -10.57
C PRO D 114 -5.00 -4.39 -12.07
N GLY D 115 -5.28 -5.56 -12.62
CA GLY D 115 -5.91 -5.72 -13.89
C GLY D 115 -7.33 -5.13 -13.86
N ILE D 116 -7.55 -4.14 -14.71
CA ILE D 116 -8.87 -3.55 -14.90
C ILE D 116 -9.20 -3.32 -16.37
N ASP D 117 -10.26 -3.97 -16.85
CA ASP D 117 -10.73 -3.84 -18.24
C ASP D 117 -12.24 -4.24 -18.32
N PHE D 118 -13.08 -3.22 -18.11
CA PHE D 118 -14.51 -3.38 -18.19
C PHE D 118 -15.17 -2.22 -18.87
N VAL D 119 -16.47 -2.39 -19.18
CA VAL D 119 -17.27 -1.41 -19.87
C VAL D 119 -18.61 -1.31 -19.12
N VAL D 120 -19.00 -0.09 -18.80
CA VAL D 120 -20.32 0.22 -18.26
C VAL D 120 -21.20 0.78 -19.35
N VAL D 121 -22.36 0.16 -19.46
CA VAL D 121 -23.45 0.59 -20.30
C VAL D 121 -24.58 1.07 -19.34
N ARG D 122 -24.77 2.36 -19.35
CA ARG D 122 -25.71 3.07 -18.49
C ARG D 122 -26.90 3.54 -19.31
N GLU D 123 -28.11 3.22 -18.87
CA GLU D 123 -29.31 3.73 -19.48
C GLU D 123 -29.30 5.26 -19.41
N GLY D 124 -29.59 5.93 -20.54
CA GLY D 124 -29.31 7.34 -20.62
C GLY D 124 -30.54 8.24 -20.66
N THR D 125 -31.74 7.70 -20.89
CA THR D 125 -32.92 8.62 -21.15
C THR D 125 -34.14 8.48 -20.17
N GLU D 126 -34.10 7.61 -19.15
CA GLU D 126 -35.24 7.48 -18.27
C GLU D 126 -34.70 7.42 -16.84
N GLY D 127 -35.44 6.80 -15.92
CA GLY D 127 -34.92 6.67 -14.55
C GLY D 127 -35.11 7.95 -13.83
N PRO D 128 -34.38 8.12 -12.72
CA PRO D 128 -34.55 9.22 -11.81
C PRO D 128 -34.23 10.60 -12.30
N TYR D 129 -33.45 10.73 -13.35
CA TYR D 129 -32.83 12.02 -13.67
C TYR D 129 -33.50 12.78 -14.80
N THR D 130 -34.81 12.62 -14.95
CA THR D 130 -35.51 13.24 -16.06
C THR D 130 -36.39 14.41 -15.64
N GLY D 131 -36.33 14.79 -14.37
CA GLY D 131 -37.02 15.97 -13.92
C GLY D 131 -38.43 15.76 -13.40
N ASN D 132 -38.75 14.55 -13.03
CA ASN D 132 -40.12 14.15 -12.70
C ASN D 132 -40.34 14.20 -11.17
N GLY D 133 -41.16 15.10 -10.78
CA GLY D 133 -41.43 15.35 -9.39
C GLY D 133 -41.97 16.72 -9.08
N GLY D 134 -41.78 17.15 -7.83
CA GLY D 134 -42.44 18.30 -7.34
C GLY D 134 -42.40 18.36 -5.84
N ALA D 135 -43.09 19.34 -5.31
CA ALA D 135 -43.05 19.68 -3.85
C ALA D 135 -44.28 20.48 -3.41
N ILE D 136 -44.68 20.27 -2.16
CA ILE D 136 -45.71 21.04 -1.47
C ILE D 136 -45.14 21.71 -0.24
N ARG D 137 -45.75 22.85 0.10
CA ARG D 137 -45.42 23.62 1.32
C ARG D 137 -43.93 23.92 1.42
N VAL D 138 -43.34 24.27 0.30
CA VAL D 138 -41.89 24.54 0.25
C VAL D 138 -41.52 25.65 1.28
N GLY D 139 -40.40 25.47 1.96
CA GLY D 139 -39.89 26.45 2.85
C GLY D 139 -40.48 26.46 4.24
N THR D 140 -41.28 25.44 4.54
CA THR D 140 -41.92 25.24 5.83
C THR D 140 -41.47 23.89 6.44
N PRO D 141 -41.81 23.64 7.73
CA PRO D 141 -41.60 22.32 8.40
C PRO D 141 -42.46 21.22 7.79
N ASN D 142 -43.39 21.68 6.97
CA ASN D 142 -44.31 20.82 6.36
C ASN D 142 -43.95 20.45 4.91
N GLU D 143 -42.78 20.82 4.47
CA GLU D 143 -42.43 20.62 3.10
C GLU D 143 -42.37 19.10 2.81
N VAL D 144 -42.89 18.70 1.67
CA VAL D 144 -42.76 17.29 1.15
C VAL D 144 -42.33 17.40 -0.32
N ALA D 145 -41.21 16.78 -0.71
CA ALA D 145 -40.69 16.80 -2.09
C ALA D 145 -40.60 15.37 -2.59
N THR D 146 -41.12 15.17 -3.77
CA THR D 146 -41.07 13.85 -4.46
C THR D 146 -40.22 13.88 -5.75
N GLU D 147 -39.51 12.81 -5.99
CA GLU D 147 -38.76 12.57 -7.22
C GLU D 147 -39.23 11.18 -7.69
N VAL D 148 -39.65 11.10 -8.95
CA VAL D 148 -40.16 9.86 -9.51
C VAL D 148 -39.22 9.32 -10.51
N SER D 149 -38.86 8.06 -10.33
CA SER D 149 -38.10 7.36 -11.37
C SER D 149 -39.02 6.60 -12.30
N VAL D 150 -39.03 6.97 -13.59
CA VAL D 150 -39.86 6.30 -14.58
C VAL D 150 -39.00 5.35 -15.39
N ASN D 151 -39.42 4.08 -15.41
CA ASN D 151 -38.67 3.02 -15.98
C ASN D 151 -39.58 2.24 -16.91
N THR D 152 -39.06 1.89 -18.08
CA THR D 152 -39.89 1.22 -19.11
C THR D 152 -39.23 -0.01 -19.78
N ALA D 153 -40.02 -1.02 -20.09
CA ALA D 153 -39.61 -2.14 -20.95
C ALA D 153 -38.91 -1.66 -22.21
N PHE D 154 -39.50 -0.68 -22.88
CA PHE D 154 -38.96 -0.06 -24.09
C PHE D 154 -37.49 0.32 -23.85
N GLY D 155 -37.27 1.20 -22.90
CA GLY D 155 -35.94 1.73 -22.64
C GLY D 155 -35.01 0.74 -22.06
N VAL D 156 -35.50 -0.11 -21.16
CA VAL D 156 -34.61 -1.04 -20.46
C VAL D 156 -34.14 -2.18 -21.46
N ARG D 157 -35.08 -2.72 -22.23
CA ARG D 157 -34.71 -3.72 -23.23
C ARG D 157 -33.65 -3.23 -24.24
N ARG D 158 -33.78 -2.01 -24.70
CA ARG D 158 -32.78 -1.45 -25.60
C ARG D 158 -31.39 -1.50 -25.03
N VAL D 159 -31.25 -0.93 -23.82
CA VAL D 159 -29.95 -0.83 -23.16
C VAL D 159 -29.40 -2.19 -22.80
N VAL D 160 -30.27 -3.07 -22.28
CA VAL D 160 -29.86 -4.45 -22.00
C VAL D 160 -29.36 -5.25 -23.26
N ALA D 161 -30.06 -5.21 -24.38
CA ALA D 161 -29.59 -5.85 -25.64
C ALA D 161 -28.22 -5.36 -26.08
N ASP D 162 -28.00 -4.04 -26.01
CA ASP D 162 -26.70 -3.47 -26.34
C ASP D 162 -25.57 -3.95 -25.44
N ALA D 163 -25.87 -4.12 -24.16
CA ALA D 163 -24.84 -4.60 -23.25
C ALA D 163 -24.51 -6.07 -23.55
N PHE D 164 -25.53 -6.85 -23.87
CA PHE D 164 -25.31 -8.25 -24.23
C PHE D 164 -24.44 -8.28 -25.47
N GLU D 165 -24.73 -7.42 -26.42
CA GLU D 165 -24.01 -7.38 -27.67
C GLU D 165 -22.54 -7.00 -27.40
N ARG D 166 -22.32 -6.05 -26.48
CA ARG D 166 -20.96 -5.68 -26.07
C ARG D 166 -20.27 -6.82 -25.34
N ALA D 167 -20.94 -7.50 -24.43
CA ALA D 167 -20.31 -8.60 -23.70
C ALA D 167 -19.88 -9.72 -24.65
N ARG D 168 -20.70 -9.95 -25.67
CA ARG D 168 -20.47 -10.99 -26.64
C ARG D 168 -19.07 -10.77 -27.25
N ARG D 169 -18.82 -9.55 -27.75
CA ARG D 169 -17.59 -9.13 -28.38
C ARG D 169 -16.40 -8.97 -27.47
N ARG D 170 -16.61 -9.10 -26.16
CA ARG D 170 -15.54 -8.96 -25.20
C ARG D 170 -15.34 -10.33 -24.46
N ARG D 171 -15.57 -10.40 -23.17
CA ARG D 171 -15.27 -11.65 -22.50
C ARG D 171 -16.53 -12.40 -22.12
N LYS D 172 -17.66 -11.99 -22.67
CA LYS D 172 -18.89 -12.75 -22.61
C LYS D 172 -19.39 -12.88 -21.20
N HIS D 173 -19.23 -11.81 -20.41
CA HIS D 173 -19.79 -11.73 -19.07
C HIS D 173 -20.46 -10.36 -18.92
N LEU D 174 -21.74 -10.39 -18.52
CA LEU D 174 -22.49 -9.20 -18.12
C LEU D 174 -22.92 -9.24 -16.68
N THR D 175 -22.73 -8.13 -15.97
CA THR D 175 -23.23 -7.99 -14.64
C THR D 175 -24.32 -6.89 -14.66
N LEU D 176 -25.55 -7.23 -14.22
CA LEU D 176 -26.56 -6.19 -13.91
C LEU D 176 -26.29 -5.68 -12.52
N VAL D 177 -26.28 -4.37 -12.37
CA VAL D 177 -26.16 -3.72 -11.06
C VAL D 177 -27.45 -2.89 -10.80
N HIS D 178 -28.13 -3.17 -9.69
CA HIS D 178 -29.31 -2.40 -9.38
C HIS D 178 -29.50 -2.48 -7.87
N LYS D 179 -30.74 -2.40 -7.36
CA LYS D 179 -31.04 -2.51 -5.94
C LYS D 179 -32.44 -3.16 -5.86
N THR D 180 -32.54 -4.36 -6.38
CA THR D 180 -33.81 -5.01 -6.63
C THR D 180 -34.57 -5.36 -5.37
N ASN D 181 -33.89 -5.47 -4.25
CA ASN D 181 -34.55 -5.76 -2.99
C ASN D 181 -35.32 -4.56 -2.40
N VAL D 182 -34.91 -3.34 -2.77
CA VAL D 182 -35.53 -2.15 -2.26
C VAL D 182 -36.34 -1.43 -3.37
N LEU D 183 -35.82 -1.41 -4.59
CA LEU D 183 -36.58 -0.87 -5.73
C LEU D 183 -37.26 -2.01 -6.42
N THR D 184 -38.42 -2.43 -5.95
CA THR D 184 -38.97 -3.73 -6.41
C THR D 184 -39.67 -3.70 -7.75
N PHE D 185 -40.12 -2.51 -8.18
CA PHE D 185 -40.84 -2.33 -9.43
C PHE D 185 -39.82 -2.13 -10.54
N ALA D 186 -38.91 -1.15 -10.40
CA ALA D 186 -37.85 -0.93 -11.39
C ALA D 186 -36.87 -2.10 -11.44
N GLY D 187 -36.57 -2.59 -10.24
CA GLY D 187 -35.69 -3.76 -10.04
C GLY D 187 -36.20 -5.00 -10.75
N GLY D 188 -37.47 -5.33 -10.56
CA GLY D 188 -38.12 -6.45 -11.25
C GLY D 188 -38.16 -6.34 -12.76
N LEU D 189 -38.44 -5.15 -13.26
CA LEU D 189 -38.34 -4.87 -14.65
C LEU D 189 -36.94 -5.12 -15.21
N TRP D 190 -35.94 -4.59 -14.53
CA TRP D 190 -34.54 -4.80 -14.93
C TRP D 190 -34.17 -6.31 -14.89
N LEU D 191 -34.47 -6.97 -13.79
CA LEU D 191 -34.16 -8.44 -13.70
C LEU D 191 -34.78 -9.32 -14.78
N ARG D 192 -36.08 -9.19 -14.96
CA ARG D 192 -36.83 -9.95 -15.95
C ARG D 192 -36.38 -9.60 -17.35
N THR D 193 -36.05 -8.33 -17.57
CA THR D 193 -35.55 -7.95 -18.87
C THR D 193 -34.18 -8.58 -19.24
N VAL D 194 -33.25 -8.64 -18.30
CA VAL D 194 -31.98 -9.24 -18.48
C VAL D 194 -32.09 -10.78 -18.64
N ASP D 195 -33.01 -11.40 -17.91
CA ASP D 195 -33.34 -12.81 -18.09
C ASP D 195 -33.89 -13.07 -19.46
N GLU D 196 -34.90 -12.31 -19.88
CA GLU D 196 -35.51 -12.58 -21.15
C GLU D 196 -34.58 -12.27 -22.30
N VAL D 197 -33.88 -11.13 -22.24
CA VAL D 197 -32.97 -10.82 -23.33
C VAL D 197 -31.85 -11.83 -23.35
N GLY D 198 -31.40 -12.27 -22.19
CA GLY D 198 -30.27 -13.13 -22.14
C GLY D 198 -30.55 -14.47 -22.83
N GLU D 199 -31.84 -14.84 -22.98
CA GLU D 199 -32.21 -16.06 -23.67
C GLU D 199 -31.59 -16.10 -25.05
N CYS D 200 -31.56 -14.97 -25.75
CA CYS D 200 -30.94 -14.87 -27.09
C CYS D 200 -29.40 -14.71 -27.11
N TYR D 201 -28.78 -14.82 -25.94
CA TYR D 201 -27.32 -14.73 -25.82
C TYR D 201 -26.91 -15.85 -24.92
N PRO D 202 -27.14 -17.11 -25.36
CA PRO D 202 -26.67 -18.21 -24.53
C PRO D 202 -25.14 -18.17 -24.38
N ASP D 203 -24.43 -17.40 -25.24
CA ASP D 203 -22.98 -17.32 -25.15
C ASP D 203 -22.50 -16.46 -23.98
N VAL D 204 -23.41 -15.73 -23.33
CA VAL D 204 -22.99 -14.78 -22.23
C VAL D 204 -23.39 -15.25 -20.85
N GLU D 205 -22.43 -15.32 -19.93
CA GLU D 205 -22.73 -15.54 -18.53
C GLU D 205 -23.24 -14.20 -17.87
N VAL D 206 -24.25 -14.32 -17.02
CA VAL D 206 -24.92 -13.16 -16.41
C VAL D 206 -24.86 -13.24 -14.91
N ALA D 207 -24.44 -12.15 -14.28
CA ALA D 207 -24.39 -12.04 -12.82
C ALA D 207 -25.21 -10.82 -12.39
N TYR D 208 -25.56 -10.77 -11.12
CA TYR D 208 -26.36 -9.65 -10.56
C TYR D 208 -25.57 -9.21 -9.36
N GLN D 209 -25.37 -7.91 -9.18
CA GLN D 209 -24.93 -7.38 -7.92
C GLN D 209 -25.73 -6.14 -7.52
N HIS D 210 -26.04 -6.02 -6.23
CA HIS D 210 -26.52 -4.77 -5.69
C HIS D 210 -25.48 -3.68 -5.85
N VAL D 211 -25.97 -2.48 -6.07
CA VAL D 211 -25.10 -1.30 -6.28
C VAL D 211 -24.07 -1.03 -5.19
N ASP D 212 -24.44 -1.17 -3.95
CA ASP D 212 -23.47 -1.00 -2.90
C ASP D 212 -22.36 -2.04 -2.96
N ALA D 213 -22.74 -3.28 -3.26
CA ALA D 213 -21.81 -4.38 -3.37
C ALA D 213 -20.87 -4.23 -4.55
N ALA D 214 -21.41 -3.79 -5.66
CA ALA D 214 -20.60 -3.61 -6.86
C ALA D 214 -19.58 -2.49 -6.68
N THR D 215 -19.98 -1.48 -5.93
CA THR D 215 -19.19 -0.34 -5.56
C THR D 215 -17.98 -0.87 -4.75
N ILE D 216 -18.23 -1.74 -3.78
CA ILE D 216 -17.08 -2.34 -2.99
C ILE D 216 -16.17 -3.07 -3.91
N HIS D 217 -16.73 -3.89 -4.78
CA HIS D 217 -15.90 -4.63 -5.72
C HIS D 217 -15.13 -3.83 -6.76
N MET D 218 -15.59 -2.65 -7.12
CA MET D 218 -14.82 -1.83 -8.07
C MET D 218 -13.49 -1.44 -7.43
N ILE D 219 -13.51 -1.31 -6.10
CA ILE D 219 -12.35 -0.98 -5.29
C ILE D 219 -11.53 -2.18 -4.92
N THR D 220 -12.18 -3.30 -4.59
CA THR D 220 -11.51 -4.42 -4.06
C THR D 220 -11.24 -5.50 -5.08
N ASP D 221 -12.02 -5.57 -6.15
CA ASP D 221 -11.88 -6.70 -7.11
C ASP D 221 -12.28 -6.29 -8.51
N PRO D 222 -11.73 -5.14 -8.99
CA PRO D 222 -12.26 -4.58 -10.22
C PRO D 222 -12.09 -5.46 -11.42
N GLY D 223 -11.17 -6.44 -11.31
CA GLY D 223 -10.95 -7.41 -12.37
C GLY D 223 -12.13 -8.37 -12.61
N ARG D 224 -13.11 -8.43 -11.71
CA ARG D 224 -14.27 -9.32 -11.86
C ARG D 224 -15.29 -8.87 -12.94
N PHE D 225 -15.21 -7.60 -13.36
CA PHE D 225 -16.17 -7.09 -14.31
C PHE D 225 -15.66 -7.20 -15.72
N ASP D 226 -16.58 -7.52 -16.61
CA ASP D 226 -16.41 -7.40 -18.09
C ASP D 226 -17.34 -6.28 -18.60
N VAL D 227 -18.64 -6.57 -18.68
CA VAL D 227 -19.60 -5.58 -19.02
C VAL D 227 -20.55 -5.40 -17.83
N ILE D 228 -20.82 -4.17 -17.48
CA ILE D 228 -21.81 -3.83 -16.47
C ILE D 228 -22.96 -3.11 -17.16
N VAL D 229 -24.19 -3.52 -16.87
CA VAL D 229 -25.33 -2.81 -17.29
C VAL D 229 -26.07 -2.34 -16.05
N THR D 230 -26.49 -1.08 -16.10
CA THR D 230 -27.28 -0.45 -15.04
C THR D 230 -28.11 0.74 -15.53
N ASP D 231 -28.82 1.36 -14.58
CA ASP D 231 -29.73 2.38 -14.85
C ASP D 231 -29.05 3.76 -14.85
N ASN D 232 -29.82 4.76 -15.07
CA ASN D 232 -29.22 6.11 -15.21
C ASN D 232 -28.59 6.63 -13.92
N LEU D 233 -29.27 6.50 -12.81
CA LEU D 233 -28.76 7.03 -11.52
C LEU D 233 -27.61 6.22 -11.00
N PHE D 234 -27.76 4.89 -10.85
CA PHE D 234 -26.61 4.12 -10.39
C PHE D 234 -25.47 4.25 -11.35
N GLY D 235 -25.80 4.30 -12.64
CA GLY D 235 -24.78 4.44 -13.69
C GLY D 235 -23.99 5.73 -13.50
N ASP D 236 -24.68 6.81 -13.16
CA ASP D 236 -23.96 8.14 -12.93
C ASP D 236 -22.82 8.01 -11.90
N ILE D 237 -23.01 7.18 -10.87
CA ILE D 237 -22.04 7.01 -9.77
C ILE D 237 -21.00 5.99 -10.16
N ILE D 238 -21.45 4.86 -10.70
CA ILE D 238 -20.44 3.89 -10.92
C ILE D 238 -19.52 4.15 -12.09
N THR D 239 -19.96 4.88 -13.10
CA THR D 239 -19.07 5.19 -14.24
C THR D 239 -18.01 6.21 -13.76
N ASP D 240 -18.35 7.07 -12.79
CA ASP D 240 -17.27 7.96 -12.28
C ASP D 240 -16.29 7.22 -11.27
N LEU D 241 -16.81 6.35 -10.44
CA LEU D 241 -15.99 5.42 -9.65
C LEU D 241 -15.03 4.65 -10.55
N ALA D 242 -15.54 4.17 -11.68
CA ALA D 242 -14.72 3.42 -12.63
C ALA D 242 -13.57 4.24 -13.20
N ALA D 243 -13.87 5.49 -13.59
CA ALA D 243 -12.81 6.37 -14.13
C ALA D 243 -11.78 6.56 -13.02
N ALA D 244 -12.25 6.78 -11.81
CA ALA D 244 -11.35 7.08 -10.70
C ALA D 244 -10.36 5.96 -10.50
N VAL D 245 -10.81 4.70 -10.52
CA VAL D 245 -9.89 3.61 -10.26
C VAL D 245 -9.02 3.30 -11.48
N CYS D 246 -9.41 3.74 -12.67
CA CYS D 246 -8.59 3.50 -13.87
C CYS D 246 -7.63 4.68 -14.22
N GLY D 247 -7.45 5.60 -13.29
CA GLY D 247 -6.46 6.63 -13.52
C GLY D 247 -7.05 8.01 -13.56
N GLY D 248 -8.37 8.14 -13.53
CA GLY D 248 -8.98 9.47 -13.41
C GLY D 248 -9.98 9.78 -14.48
N ILE D 249 -10.88 10.71 -14.18
CA ILE D 249 -11.80 11.16 -15.23
C ILE D 249 -11.04 11.82 -16.34
N GLY D 250 -9.84 12.31 -16.00
CA GLY D 250 -8.95 12.93 -16.97
C GLY D 250 -8.55 11.96 -18.05
N LEU D 251 -8.70 10.67 -17.82
CA LEU D 251 -8.33 9.68 -18.83
C LEU D 251 -9.51 8.82 -19.35
N ALA D 252 -10.74 9.34 -19.19
CA ALA D 252 -11.97 8.59 -19.42
C ALA D 252 -12.67 9.24 -20.58
N ALA D 253 -13.18 8.41 -21.51
CA ALA D 253 -14.02 8.80 -22.63
C ALA D 253 -15.47 8.33 -22.45
N SER D 254 -16.36 8.99 -23.16
CA SER D 254 -17.80 8.72 -23.08
C SER D 254 -18.50 8.66 -24.43
N GLY D 255 -19.35 7.66 -24.65
CA GLY D 255 -20.27 7.74 -25.77
C GLY D 255 -21.70 7.86 -25.29
N ASN D 256 -22.48 8.65 -26.04
CA ASN D 256 -23.93 8.84 -25.89
C ASN D 256 -24.57 8.35 -27.20
N ILE D 257 -25.05 7.12 -27.17
CA ILE D 257 -25.41 6.37 -28.42
C ILE D 257 -26.89 6.11 -28.56
N ASP D 258 -27.41 6.51 -29.71
CA ASP D 258 -28.63 5.98 -30.24
C ASP D 258 -28.28 4.79 -31.10
N ALA D 259 -28.46 3.59 -30.56
CA ALA D 259 -28.08 2.38 -31.27
C ALA D 259 -28.96 2.00 -32.49
N THR D 260 -30.15 2.58 -32.63
CA THR D 260 -30.96 2.43 -33.84
C THR D 260 -30.36 3.21 -35.05
N ARG D 261 -29.39 4.09 -34.75
CA ARG D 261 -28.68 4.93 -35.73
C ARG D 261 -29.54 6.00 -36.30
N ALA D 262 -30.81 6.06 -35.88
CA ALA D 262 -31.70 7.06 -36.39
C ALA D 262 -31.23 8.50 -36.12
N ASN D 263 -30.59 8.71 -34.98
CA ASN D 263 -30.01 10.02 -34.66
C ASN D 263 -28.49 9.83 -34.56
N PRO D 264 -27.75 10.93 -34.68
CA PRO D 264 -26.31 10.87 -34.52
C PRO D 264 -25.93 10.73 -33.05
N SER D 265 -24.96 9.85 -32.79
CA SER D 265 -24.34 9.72 -31.45
C SER D 265 -23.28 10.73 -31.16
N MET D 266 -23.01 10.91 -29.86
CA MET D 266 -22.12 11.96 -29.40
C MET D 266 -21.05 11.36 -28.59
N PHE D 267 -19.81 11.79 -28.84
CA PHE D 267 -18.66 11.35 -28.10
C PHE D 267 -17.94 12.49 -27.42
N GLU D 268 -17.41 12.26 -26.23
CA GLU D 268 -16.66 13.29 -25.48
C GLU D 268 -15.72 12.69 -24.42
N PRO D 269 -14.77 13.53 -23.98
CA PRO D 269 -14.02 13.21 -22.83
C PRO D 269 -14.94 13.32 -21.63
N VAL D 270 -14.74 12.51 -20.61
CA VAL D 270 -15.51 12.60 -19.40
C VAL D 270 -15.29 13.91 -18.56
N HIS D 271 -14.07 14.44 -18.58
CA HIS D 271 -13.68 15.58 -17.75
C HIS D 271 -14.49 16.82 -18.09
N GLY D 272 -14.58 17.75 -17.14
CA GLY D 272 -15.25 19.01 -17.36
C GLY D 272 -14.41 20.07 -18.08
N SER D 273 -14.88 21.32 -17.97
CA SER D 273 -14.38 22.42 -18.79
C SER D 273 -13.15 23.05 -18.20
N ALA D 274 -12.79 22.65 -16.98
CA ALA D 274 -11.64 23.18 -16.23
C ALA D 274 -11.28 24.63 -16.55
N PRO D 275 -12.22 25.58 -16.32
CA PRO D 275 -11.97 26.98 -16.81
C PRO D 275 -10.68 27.70 -16.28
N ASP D 276 -10.20 27.25 -15.11
CA ASP D 276 -8.99 27.78 -14.47
C ASP D 276 -7.78 27.80 -15.39
N ILE D 277 -7.75 26.82 -16.30
CA ILE D 277 -6.59 26.51 -17.10
C ILE D 277 -6.90 26.66 -18.58
N ALA D 278 -8.07 27.21 -18.86
CA ALA D 278 -8.50 27.44 -20.23
C ALA D 278 -7.44 28.27 -20.96
N GLY D 279 -7.06 27.80 -22.15
CA GLY D 279 -6.13 28.52 -23.04
C GLY D 279 -4.66 28.47 -22.69
N GLN D 280 -4.31 27.76 -21.63
CA GLN D 280 -2.91 27.65 -21.22
C GLN D 280 -2.12 26.54 -21.93
N GLY D 281 -2.78 25.68 -22.73
CA GLY D 281 -2.11 24.49 -23.25
C GLY D 281 -1.55 23.56 -22.17
N ILE D 282 -2.22 23.51 -21.03
CA ILE D 282 -1.91 22.67 -19.90
C ILE D 282 -2.78 21.35 -19.96
N ALA D 283 -3.99 21.46 -20.49
CA ALA D 283 -4.96 20.34 -20.47
C ALA D 283 -4.53 19.09 -21.27
N ASP D 284 -4.60 17.90 -20.64
CA ASP D 284 -4.37 16.64 -21.37
C ASP D 284 -5.52 16.31 -22.35
N PRO D 285 -5.20 16.25 -23.65
CA PRO D 285 -6.16 15.90 -24.69
C PRO D 285 -6.34 14.38 -24.95
N THR D 286 -5.65 13.56 -24.17
CA THR D 286 -5.76 12.11 -24.35
C THR D 286 -7.21 11.63 -24.28
N ALA D 287 -7.95 12.03 -23.24
CA ALA D 287 -9.39 11.61 -23.16
C ALA D 287 -10.19 12.01 -24.39
N ALA D 288 -10.06 13.27 -24.85
CA ALA D 288 -10.82 13.65 -26.03
C ALA D 288 -10.45 12.79 -27.22
N ILE D 289 -9.19 12.38 -27.28
CA ILE D 289 -8.70 11.61 -28.47
C ILE D 289 -9.28 10.19 -28.38
N MET D 290 -9.28 9.68 -27.15
CA MET D 290 -9.95 8.40 -26.80
C MET D 290 -11.38 8.39 -27.26
N SER D 291 -12.04 9.53 -27.10
CA SER D 291 -13.43 9.71 -27.50
C SER D 291 -13.59 9.65 -29.00
N VAL D 292 -12.58 10.11 -29.76
CA VAL D 292 -12.63 9.99 -31.23
C VAL D 292 -12.52 8.53 -31.65
N ALA D 293 -11.70 7.76 -30.97
CA ALA D 293 -11.66 6.30 -31.23
C ALA D 293 -13.05 5.66 -31.10
N LEU D 294 -13.76 6.05 -30.05
CA LEU D 294 -15.09 5.50 -29.77
C LEU D 294 -16.04 5.89 -30.84
N LEU D 295 -15.93 7.14 -31.26
CA LEU D 295 -16.75 7.68 -32.31
C LEU D 295 -16.53 6.91 -33.60
N LEU D 296 -15.26 6.61 -33.88
CA LEU D 296 -14.88 6.01 -35.15
C LEU D 296 -15.35 4.58 -35.14
N SER D 297 -15.12 3.93 -34.00
CA SER D 297 -15.63 2.62 -33.77
C SER D 297 -17.18 2.52 -34.01
N HIS D 298 -17.95 3.52 -33.59
CA HIS D 298 -19.39 3.47 -33.61
C HIS D 298 -19.83 3.61 -35.06
N LEU D 299 -19.13 4.44 -35.82
CA LEU D 299 -19.33 4.56 -37.26
C LEU D 299 -18.66 3.47 -38.15
N GLY D 300 -18.24 2.35 -37.53
CA GLY D 300 -17.61 1.23 -38.25
C GLY D 300 -16.33 1.52 -39.03
N GLU D 301 -15.64 2.60 -38.66
CA GLU D 301 -14.31 2.93 -39.17
C GLU D 301 -13.30 2.31 -38.26
N HIS D 302 -13.34 0.99 -38.21
CA HIS D 302 -12.61 0.20 -37.24
C HIS D 302 -11.09 0.25 -37.43
N ASP D 303 -10.68 0.33 -38.71
CA ASP D 303 -9.28 0.51 -39.06
C ASP D 303 -8.75 1.79 -38.43
N ALA D 304 -9.43 2.91 -38.71
CA ALA D 304 -9.04 4.19 -38.10
C ALA D 304 -9.12 4.16 -36.58
N ALA D 305 -10.14 3.51 -36.01
CA ALA D 305 -10.25 3.45 -34.54
C ALA D 305 -9.09 2.73 -33.90
N ALA D 306 -8.68 1.58 -34.46
CA ALA D 306 -7.53 0.83 -33.90
C ALA D 306 -6.21 1.60 -33.96
N ARG D 307 -6.04 2.37 -35.01
CA ARG D 307 -4.86 3.28 -35.11
C ARG D 307 -4.74 4.28 -33.95
N VAL D 308 -5.86 4.93 -33.62
CA VAL D 308 -5.94 5.88 -32.46
C VAL D 308 -5.74 5.14 -31.18
N ASP D 309 -6.45 4.03 -31.00
CA ASP D 309 -6.23 3.20 -29.79
C ASP D 309 -4.73 2.89 -29.54
N ARG D 310 -4.06 2.32 -30.53
CA ARG D 310 -2.62 1.97 -30.40
C ARG D 310 -1.72 3.15 -30.04
N ALA D 311 -1.92 4.25 -30.76
CA ALA D 311 -1.22 5.50 -30.51
C ALA D 311 -1.46 5.97 -29.13
N VAL D 312 -2.73 5.95 -28.68
CA VAL D 312 -3.00 6.40 -27.34
C VAL D 312 -2.25 5.58 -26.35
N GLU D 313 -2.35 4.24 -26.47
CA GLU D 313 -1.65 3.34 -25.59
C GLU D 313 -0.11 3.57 -25.59
N ALA D 314 0.43 3.81 -26.77
CA ALA D 314 1.87 3.99 -26.93
C ALA D 314 2.27 5.24 -26.17
N HIS D 315 1.57 6.34 -26.40
CA HIS D 315 1.79 7.54 -25.57
C HIS D 315 1.68 7.23 -24.05
N LEU D 316 0.64 6.50 -23.63
CA LEU D 316 0.44 6.36 -22.18
C LEU D 316 1.53 5.52 -21.59
N ALA D 317 2.03 4.58 -22.40
CA ALA D 317 3.11 3.68 -21.97
C ALA D 317 4.44 4.37 -21.81
N THR D 318 4.71 5.39 -22.62
CA THR D 318 6.06 6.00 -22.67
C THR D 318 6.15 7.45 -22.17
N ARG D 319 5.19 7.87 -21.37
CA ARG D 319 5.11 9.29 -21.01
C ARG D 319 5.93 9.56 -19.79
N GLY D 320 5.68 8.84 -18.71
CA GLY D 320 6.26 9.20 -17.42
C GLY D 320 5.92 10.59 -16.90
N SER D 321 6.33 10.82 -15.65
CA SER D 321 5.82 11.89 -14.75
C SER D 321 5.90 13.30 -15.35
N GLU D 322 7.07 13.62 -15.88
CA GLU D 322 7.28 14.55 -16.98
C GLU D 322 6.00 15.30 -17.49
N ARG D 323 5.83 16.54 -17.05
CA ARG D 323 4.73 17.41 -17.51
C ARG D 323 4.86 17.64 -19.02
N LEU D 324 3.74 17.77 -19.71
CA LEU D 324 3.72 18.07 -21.15
C LEU D 324 2.61 19.08 -21.49
N ALA D 325 2.85 19.90 -22.52
CA ALA D 325 1.78 20.72 -23.05
C ALA D 325 0.79 19.91 -23.92
N THR D 326 -0.43 20.44 -23.98
CA THR D 326 -1.52 19.95 -24.77
C THR D 326 -1.15 19.60 -26.21
N SER D 327 -0.39 20.47 -26.87
CA SER D 327 0.02 20.21 -28.24
C SER D 327 1.09 19.13 -28.32
N ASP D 328 1.96 19.10 -27.31
CA ASP D 328 3.02 18.07 -27.15
C ASP D 328 2.41 16.65 -26.97
N VAL D 329 1.39 16.53 -26.11
CA VAL D 329 0.74 15.22 -25.96
C VAL D 329 0.15 14.85 -27.30
N GLY D 330 -0.56 15.77 -27.93
CA GLY D 330 -1.17 15.55 -29.23
C GLY D 330 -0.18 15.18 -30.32
N GLU D 331 1.04 15.69 -30.21
CA GLU D 331 2.06 15.29 -31.18
C GLU D 331 2.58 13.93 -30.82
N ARG D 332 2.84 13.66 -29.55
CA ARG D 332 3.15 12.28 -29.16
C ARG D 332 2.16 11.26 -29.72
N ILE D 333 0.87 11.50 -29.53
CA ILE D 333 -0.12 10.56 -30.07
C ILE D 333 -0.09 10.54 -31.58
N ALA D 334 -0.05 11.73 -32.19
CA ALA D 334 -0.08 11.79 -33.66
C ALA D 334 1.08 11.00 -34.32
N ALA D 335 2.24 11.06 -33.70
CA ALA D 335 3.46 10.44 -34.22
C ALA D 335 3.35 8.93 -34.28
N ALA D 336 2.48 8.37 -33.42
CA ALA D 336 2.28 6.93 -33.37
C ALA D 336 1.07 6.40 -34.14
N LEU D 337 0.45 7.19 -35.00
CA LEU D 337 -0.62 6.66 -35.84
C LEU D 337 -0.08 5.86 -37.01
#